data_3Q4R
# 
_entry.id   3Q4R 
# 
_audit_conform.dict_name       mmcif_pdbx.dic 
_audit_conform.dict_version    5.380 
_audit_conform.dict_location   http://mmcif.pdb.org/dictionaries/ascii/mmcif_pdbx.dic 
# 
loop_
_database_2.database_id 
_database_2.database_code 
_database_2.pdbx_database_accession 
_database_2.pdbx_DOI 
PDB   3Q4R         pdb_00003q4r 10.2210/pdb3q4r/pdb 
RCSB  RCSB063192   ?            ?                   
WWPDB D_1000063192 ?            ?                   
# 
loop_
_pdbx_database_related.db_name 
_pdbx_database_related.db_id 
_pdbx_database_related.details 
_pdbx_database_related.content_type 
PDB 3Q4N 'Full length(1-185)MJ0754' unspecified 
PDB 3Q4O 'MJ0754(11-185) with Mg2+' unspecified 
PDB 3Q4Q 'MJ0754(11-185) with Mn2+' unspecified 
# 
_pdbx_database_status.entry_id                        3Q4R 
_pdbx_database_status.deposit_site                    RCSB 
_pdbx_database_status.process_site                    PDBJ 
_pdbx_database_status.recvd_initial_deposition_date   2010-12-24 
_pdbx_database_status.status_code                     REL 
_pdbx_database_status.status_code_sf                  REL 
_pdbx_database_status.status_code_mr                  ? 
_pdbx_database_status.SG_entry                        ? 
_pdbx_database_status.status_code_cs                  ? 
_pdbx_database_status.pdb_format_compatible           Y 
_pdbx_database_status.methods_development_category    ? 
_pdbx_database_status.status_code_nmr_data            ? 
# 
loop_
_audit_author.name 
_audit_author.pdbx_ordinal 
'Hwang, K.Y.' 1 
'Lee, E.H.'   2 
# 
_citation.id                        primary 
_citation.title                     
'Structural insights into the metal binding properties of hypothetical protein MJ0754 from Methanococcus jannaschii.' 
_citation.journal_abbrev            Proteins 
_citation.journal_volume            79 
_citation.page_first                2358 
_citation.page_last                 2363 
_citation.year                      2011 
_citation.journal_id_ASTM           PSFGEY 
_citation.country                   US 
_citation.journal_id_ISSN           1097-0134 
_citation.journal_id_CSD            0867 
_citation.book_publisher            ? 
_citation.pdbx_database_id_PubMed   21604308 
_citation.pdbx_database_id_DOI      10.1002/prot.23066 
# 
loop_
_citation_author.citation_id 
_citation_author.name 
_citation_author.ordinal 
_citation_author.identifier_ORCID 
primary 'Lee, E.H.'   1 ? 
primary 'Kim, H.S.'   2 ? 
primary 'Kim, H.Y.'   3 ? 
primary 'Jeon, Y.H.'  4 ? 
primary 'Hwang, K.Y.' 5 ? 
# 
_cell.length_a           52.943 
_cell.length_b           80.129 
_cell.length_c           93.659 
_cell.angle_alpha        90.000 
_cell.angle_beta         90.000 
_cell.angle_gamma        90.000 
_cell.entry_id           3Q4R 
_cell.pdbx_unique_axis   ? 
_cell.Z_PDB              8 
_cell.length_a_esd       ? 
_cell.length_b_esd       ? 
_cell.length_c_esd       ? 
_cell.angle_alpha_esd    ? 
_cell.angle_beta_esd     ? 
_cell.angle_gamma_esd    ? 
# 
_symmetry.space_group_name_H-M             'C 2 2 21' 
_symmetry.entry_id                         3Q4R 
_symmetry.pdbx_full_space_group_name_H-M   ? 
_symmetry.Int_Tables_number                20 
_symmetry.cell_setting                     ? 
_symmetry.space_group_name_Hall            ? 
# 
loop_
_entity.id 
_entity.type 
_entity.src_method 
_entity.pdbx_description 
_entity.formula_weight 
_entity.pdbx_number_of_molecules 
_entity.pdbx_ec 
_entity.pdbx_mutation 
_entity.pdbx_fragment 
_entity.details 
1 polymer     man 'Uncharacterized protein MJ0754'                                                                22933.805 1   ? 
'deletion 1-10' 'residues 11-185(deletion 1-10)' ? 
2 non-polymer syn 'ZINC ION'                                                                                      65.409    2   ? 
?               ?                                ? 
3 non-polymer syn '2-[3-(2-HYDROXY-1,1-DIHYDROXYMETHYL-ETHYLAMINO)-PROPYLAMINO]-2-HYDROXYMETHYL-PROPANE-1,3-DIOL' 282.334   1   ? 
?               ?                                ? 
4 water       nat water                                                                                           18.015    170 ? 
?               ?                                ? 
# 
_entity_poly.entity_id                      1 
_entity_poly.type                           'polypeptide(L)' 
_entity_poly.nstd_linkage                   no 
_entity_poly.nstd_monomer                   no 
_entity_poly.pdbx_seq_one_letter_code       
;MGSSHHHHHHSSGLVPRGSHMQPISEEEKEGLIEMREEEKLARDVYLTLYNKWKLQIFKNIAESEQTHMDAVKYLLEKYN
IPDPVKNDSIGVFSNPKFEELYKKLVEKGDKSEVDALKVGATIEDLDIADLEKWINKTDNEDIKFVYENLMKGSRNHMRA
FVRMLNNYGSNYTPQYISKEEYEEIISSSTERGMNR
;
_entity_poly.pdbx_seq_one_letter_code_can   
;MGSSHHHHHHSSGLVPRGSHMQPISEEEKEGLIEMREEEKLARDVYLTLYNKWKLQIFKNIAESEQTHMDAVKYLLEKYN
IPDPVKNDSIGVFSNPKFEELYKKLVEKGDKSEVDALKVGATIEDLDIADLEKWINKTDNEDIKFVYENLMKGSRNHMRA
FVRMLNNYGSNYTPQYISKEEYEEIISSSTERGMNR
;
_entity_poly.pdbx_strand_id                 A 
_entity_poly.pdbx_target_identifier         ? 
# 
loop_
_entity_poly_seq.entity_id 
_entity_poly_seq.num 
_entity_poly_seq.mon_id 
_entity_poly_seq.hetero 
1 1   MET n 
1 2   GLY n 
1 3   SER n 
1 4   SER n 
1 5   HIS n 
1 6   HIS n 
1 7   HIS n 
1 8   HIS n 
1 9   HIS n 
1 10  HIS n 
1 11  SER n 
1 12  SER n 
1 13  GLY n 
1 14  LEU n 
1 15  VAL n 
1 16  PRO n 
1 17  ARG n 
1 18  GLY n 
1 19  SER n 
1 20  HIS n 
1 21  MET n 
1 22  GLN n 
1 23  PRO n 
1 24  ILE n 
1 25  SER n 
1 26  GLU n 
1 27  GLU n 
1 28  GLU n 
1 29  LYS n 
1 30  GLU n 
1 31  GLY n 
1 32  LEU n 
1 33  ILE n 
1 34  GLU n 
1 35  MET n 
1 36  ARG n 
1 37  GLU n 
1 38  GLU n 
1 39  GLU n 
1 40  LYS n 
1 41  LEU n 
1 42  ALA n 
1 43  ARG n 
1 44  ASP n 
1 45  VAL n 
1 46  TYR n 
1 47  LEU n 
1 48  THR n 
1 49  LEU n 
1 50  TYR n 
1 51  ASN n 
1 52  LYS n 
1 53  TRP n 
1 54  LYS n 
1 55  LEU n 
1 56  GLN n 
1 57  ILE n 
1 58  PHE n 
1 59  LYS n 
1 60  ASN n 
1 61  ILE n 
1 62  ALA n 
1 63  GLU n 
1 64  SER n 
1 65  GLU n 
1 66  GLN n 
1 67  THR n 
1 68  HIS n 
1 69  MET n 
1 70  ASP n 
1 71  ALA n 
1 72  VAL n 
1 73  LYS n 
1 74  TYR n 
1 75  LEU n 
1 76  LEU n 
1 77  GLU n 
1 78  LYS n 
1 79  TYR n 
1 80  ASN n 
1 81  ILE n 
1 82  PRO n 
1 83  ASP n 
1 84  PRO n 
1 85  VAL n 
1 86  LYS n 
1 87  ASN n 
1 88  ASP n 
1 89  SER n 
1 90  ILE n 
1 91  GLY n 
1 92  VAL n 
1 93  PHE n 
1 94  SER n 
1 95  ASN n 
1 96  PRO n 
1 97  LYS n 
1 98  PHE n 
1 99  GLU n 
1 100 GLU n 
1 101 LEU n 
1 102 TYR n 
1 103 LYS n 
1 104 LYS n 
1 105 LEU n 
1 106 VAL n 
1 107 GLU n 
1 108 LYS n 
1 109 GLY n 
1 110 ASP n 
1 111 LYS n 
1 112 SER n 
1 113 GLU n 
1 114 VAL n 
1 115 ASP n 
1 116 ALA n 
1 117 LEU n 
1 118 LYS n 
1 119 VAL n 
1 120 GLY n 
1 121 ALA n 
1 122 THR n 
1 123 ILE n 
1 124 GLU n 
1 125 ASP n 
1 126 LEU n 
1 127 ASP n 
1 128 ILE n 
1 129 ALA n 
1 130 ASP n 
1 131 LEU n 
1 132 GLU n 
1 133 LYS n 
1 134 TRP n 
1 135 ILE n 
1 136 ASN n 
1 137 LYS n 
1 138 THR n 
1 139 ASP n 
1 140 ASN n 
1 141 GLU n 
1 142 ASP n 
1 143 ILE n 
1 144 LYS n 
1 145 PHE n 
1 146 VAL n 
1 147 TYR n 
1 148 GLU n 
1 149 ASN n 
1 150 LEU n 
1 151 MET n 
1 152 LYS n 
1 153 GLY n 
1 154 SER n 
1 155 ARG n 
1 156 ASN n 
1 157 HIS n 
1 158 MET n 
1 159 ARG n 
1 160 ALA n 
1 161 PHE n 
1 162 VAL n 
1 163 ARG n 
1 164 MET n 
1 165 LEU n 
1 166 ASN n 
1 167 ASN n 
1 168 TYR n 
1 169 GLY n 
1 170 SER n 
1 171 ASN n 
1 172 TYR n 
1 173 THR n 
1 174 PRO n 
1 175 GLN n 
1 176 TYR n 
1 177 ILE n 
1 178 SER n 
1 179 LYS n 
1 180 GLU n 
1 181 GLU n 
1 182 TYR n 
1 183 GLU n 
1 184 GLU n 
1 185 ILE n 
1 186 ILE n 
1 187 SER n 
1 188 SER n 
1 189 SER n 
1 190 THR n 
1 191 GLU n 
1 192 ARG n 
1 193 GLY n 
1 194 MET n 
1 195 ASN n 
1 196 ARG n 
# 
_entity_src_gen.entity_id                          1 
_entity_src_gen.pdbx_src_id                        1 
_entity_src_gen.pdbx_alt_source_flag               sample 
_entity_src_gen.pdbx_seq_type                      ? 
_entity_src_gen.pdbx_beg_seq_num                   ? 
_entity_src_gen.pdbx_end_seq_num                   ? 
_entity_src_gen.gene_src_common_name               ? 
_entity_src_gen.gene_src_genus                     ? 
_entity_src_gen.pdbx_gene_src_gene                 MJ0754 
_entity_src_gen.gene_src_species                   ? 
_entity_src_gen.gene_src_strain                    'DSM 2661' 
_entity_src_gen.gene_src_tissue                    ? 
_entity_src_gen.gene_src_tissue_fraction           ? 
_entity_src_gen.gene_src_details                   ? 
_entity_src_gen.pdbx_gene_src_fragment             ? 
_entity_src_gen.pdbx_gene_src_scientific_name      'Methanocaldococcus jannaschii' 
_entity_src_gen.pdbx_gene_src_ncbi_taxonomy_id     243232 
_entity_src_gen.pdbx_gene_src_variant              ? 
_entity_src_gen.pdbx_gene_src_cell_line            ? 
_entity_src_gen.pdbx_gene_src_atcc                 ? 
_entity_src_gen.pdbx_gene_src_organ                ? 
_entity_src_gen.pdbx_gene_src_organelle            ? 
_entity_src_gen.pdbx_gene_src_cell                 ? 
_entity_src_gen.pdbx_gene_src_cellular_location    ? 
_entity_src_gen.host_org_common_name               ? 
_entity_src_gen.pdbx_host_org_scientific_name      'Escherichia coli' 
_entity_src_gen.pdbx_host_org_ncbi_taxonomy_id     562 
_entity_src_gen.host_org_genus                     ? 
_entity_src_gen.pdbx_host_org_gene                 ? 
_entity_src_gen.pdbx_host_org_organ                ? 
_entity_src_gen.host_org_species                   ? 
_entity_src_gen.pdbx_host_org_tissue               ? 
_entity_src_gen.pdbx_host_org_tissue_fraction      ? 
_entity_src_gen.pdbx_host_org_strain               'BL21(DE3)' 
_entity_src_gen.pdbx_host_org_variant              ? 
_entity_src_gen.pdbx_host_org_cell_line            ? 
_entity_src_gen.pdbx_host_org_atcc                 ? 
_entity_src_gen.pdbx_host_org_culture_collection   ? 
_entity_src_gen.pdbx_host_org_cell                 ? 
_entity_src_gen.pdbx_host_org_organelle            ? 
_entity_src_gen.pdbx_host_org_cellular_location    ? 
_entity_src_gen.pdbx_host_org_vector_type          PLASMID 
_entity_src_gen.pdbx_host_org_vector               ? 
_entity_src_gen.host_org_details                   ? 
_entity_src_gen.expression_system_id               ? 
_entity_src_gen.plasmid_name                       pET22b 
_entity_src_gen.plasmid_details                    ? 
_entity_src_gen.pdbx_description                   ? 
# 
_struct_ref.id                         1 
_struct_ref.db_name                    UNP 
_struct_ref.db_code                    Y754_METJA 
_struct_ref.pdbx_db_accession          Q58164 
_struct_ref.entity_id                  1 
_struct_ref.pdbx_seq_one_letter_code   
;QPISEEEKEGLIEMREEEKLARDVYLTLYNKWKLQIFKNIAESEQTHMDAVKYLLEKYNIPDPVKNDSIGVFSNPKFEEL
YKKLVEKGDKSEVDALKVGATIEDLDIADLEKWINKTDNEDIKFVYENLMKGSRNHMRAFVRMLNNYGSNYTPQYISKEE
YEEIISSSTERGMNR
;
_struct_ref.pdbx_align_begin           11 
_struct_ref.pdbx_db_isoform            ? 
# 
_struct_ref_seq.align_id                      1 
_struct_ref_seq.ref_id                        1 
_struct_ref_seq.pdbx_PDB_id_code              3Q4R 
_struct_ref_seq.pdbx_strand_id                A 
_struct_ref_seq.seq_align_beg                 22 
_struct_ref_seq.pdbx_seq_align_beg_ins_code   ? 
_struct_ref_seq.seq_align_end                 196 
_struct_ref_seq.pdbx_seq_align_end_ins_code   ? 
_struct_ref_seq.pdbx_db_accession             Q58164 
_struct_ref_seq.db_align_beg                  11 
_struct_ref_seq.pdbx_db_align_beg_ins_code    ? 
_struct_ref_seq.db_align_end                  185 
_struct_ref_seq.pdbx_db_align_end_ins_code    ? 
_struct_ref_seq.pdbx_auth_seq_align_beg       11 
_struct_ref_seq.pdbx_auth_seq_align_end       185 
# 
loop_
_struct_ref_seq_dif.align_id 
_struct_ref_seq_dif.pdbx_pdb_id_code 
_struct_ref_seq_dif.mon_id 
_struct_ref_seq_dif.pdbx_pdb_strand_id 
_struct_ref_seq_dif.seq_num 
_struct_ref_seq_dif.pdbx_pdb_ins_code 
_struct_ref_seq_dif.pdbx_seq_db_name 
_struct_ref_seq_dif.pdbx_seq_db_accession_code 
_struct_ref_seq_dif.db_mon_id 
_struct_ref_seq_dif.pdbx_seq_db_seq_num 
_struct_ref_seq_dif.details 
_struct_ref_seq_dif.pdbx_auth_seq_num 
_struct_ref_seq_dif.pdbx_ordinal 
1 3Q4R MET A 1  ? UNP Q58164 ? ? 'expression tag' -10 1  
1 3Q4R GLY A 2  ? UNP Q58164 ? ? 'expression tag' -9  2  
1 3Q4R SER A 3  ? UNP Q58164 ? ? 'expression tag' -8  3  
1 3Q4R SER A 4  ? UNP Q58164 ? ? 'expression tag' -7  4  
1 3Q4R HIS A 5  ? UNP Q58164 ? ? 'expression tag' -6  5  
1 3Q4R HIS A 6  ? UNP Q58164 ? ? 'expression tag' -5  6  
1 3Q4R HIS A 7  ? UNP Q58164 ? ? 'expression tag' -4  7  
1 3Q4R HIS A 8  ? UNP Q58164 ? ? 'expression tag' -3  8  
1 3Q4R HIS A 9  ? UNP Q58164 ? ? 'expression tag' -2  9  
1 3Q4R HIS A 10 ? UNP Q58164 ? ? 'expression tag' -1  10 
1 3Q4R SER A 11 ? UNP Q58164 ? ? 'expression tag' 0   11 
1 3Q4R SER A 12 ? UNP Q58164 ? ? 'expression tag' 1   12 
1 3Q4R GLY A 13 ? UNP Q58164 ? ? 'expression tag' 2   13 
1 3Q4R LEU A 14 ? UNP Q58164 ? ? 'expression tag' 3   14 
1 3Q4R VAL A 15 ? UNP Q58164 ? ? 'expression tag' 4   15 
1 3Q4R PRO A 16 ? UNP Q58164 ? ? 'expression tag' 5   16 
1 3Q4R ARG A 17 ? UNP Q58164 ? ? 'expression tag' 6   17 
1 3Q4R GLY A 18 ? UNP Q58164 ? ? 'expression tag' 7   18 
1 3Q4R SER A 19 ? UNP Q58164 ? ? 'expression tag' 8   19 
1 3Q4R HIS A 20 ? UNP Q58164 ? ? 'expression tag' 9   20 
1 3Q4R MET A 21 ? UNP Q58164 ? ? 'expression tag' 10  21 
# 
loop_
_chem_comp.id 
_chem_comp.type 
_chem_comp.mon_nstd_flag 
_chem_comp.name 
_chem_comp.pdbx_synonyms 
_chem_comp.formula 
_chem_comp.formula_weight 
ALA 'L-peptide linking' y ALANINE                                                                                         ? 
'C3 H7 N O2'     89.093  
ARG 'L-peptide linking' y ARGININE                                                                                        ? 
'C6 H15 N4 O2 1' 175.209 
ASN 'L-peptide linking' y ASPARAGINE                                                                                      ? 
'C4 H8 N2 O3'    132.118 
ASP 'L-peptide linking' y 'ASPARTIC ACID'                                                                                 ? 
'C4 H7 N O4'     133.103 
B3P non-polymer         . '2-[3-(2-HYDROXY-1,1-DIHYDROXYMETHYL-ETHYLAMINO)-PROPYLAMINO]-2-HYDROXYMETHYL-PROPANE-1,3-DIOL' ? 
'C11 H26 N2 O6'  282.334 
GLN 'L-peptide linking' y GLUTAMINE                                                                                       ? 
'C5 H10 N2 O3'   146.144 
GLU 'L-peptide linking' y 'GLUTAMIC ACID'                                                                                 ? 
'C5 H9 N O4'     147.129 
GLY 'peptide linking'   y GLYCINE                                                                                         ? 
'C2 H5 N O2'     75.067  
HIS 'L-peptide linking' y HISTIDINE                                                                                       ? 
'C6 H10 N3 O2 1' 156.162 
HOH non-polymer         . WATER                                                                                           ? 'H2 O' 
18.015  
ILE 'L-peptide linking' y ISOLEUCINE                                                                                      ? 
'C6 H13 N O2'    131.173 
LEU 'L-peptide linking' y LEUCINE                                                                                         ? 
'C6 H13 N O2'    131.173 
LYS 'L-peptide linking' y LYSINE                                                                                          ? 
'C6 H15 N2 O2 1' 147.195 
MET 'L-peptide linking' y METHIONINE                                                                                      ? 
'C5 H11 N O2 S'  149.211 
PHE 'L-peptide linking' y PHENYLALANINE                                                                                   ? 
'C9 H11 N O2'    165.189 
PRO 'L-peptide linking' y PROLINE                                                                                         ? 
'C5 H9 N O2'     115.130 
SER 'L-peptide linking' y SERINE                                                                                          ? 
'C3 H7 N O3'     105.093 
THR 'L-peptide linking' y THREONINE                                                                                       ? 
'C4 H9 N O3'     119.119 
TRP 'L-peptide linking' y TRYPTOPHAN                                                                                      ? 
'C11 H12 N2 O2'  204.225 
TYR 'L-peptide linking' y TYROSINE                                                                                        ? 
'C9 H11 N O3'    181.189 
VAL 'L-peptide linking' y VALINE                                                                                          ? 
'C5 H11 N O2'    117.146 
ZN  non-polymer         . 'ZINC ION'                                                                                      ? 'Zn 2' 
65.409  
# 
_exptl.crystals_number   1 
_exptl.entry_id          3Q4R 
_exptl.method            'X-RAY DIFFRACTION' 
# 
_exptl_crystal.id                    1 
_exptl_crystal.pdbx_mosaicity        ? 
_exptl_crystal.pdbx_mosaicity_esd    ? 
_exptl_crystal.density_Matthews      2.17 
_exptl_crystal.density_diffrn        ? 
_exptl_crystal.density_meas          ? 
_exptl_crystal.density_meas_temp     ? 
_exptl_crystal.density_percent_sol   43.20 
_exptl_crystal.size_max              ? 
_exptl_crystal.size_mid              ? 
_exptl_crystal.size_min              ? 
_exptl_crystal.size_rad              ? 
_exptl_crystal.description           ? 
_exptl_crystal.F_000                 ? 
_exptl_crystal.preparation           ? 
# 
_exptl_crystal_grow.crystal_id      1 
_exptl_crystal_grow.method          'VAPOR DIFFUSION, HANGING DROP' 
_exptl_crystal_grow.pH              6.5 
_exptl_crystal_grow.temp            295 
_exptl_crystal_grow.temp_details    ? 
_exptl_crystal_grow.pdbx_details    '0.1M Bis-tris propane, 22% PEG3350, pH 6.5, VAPOR DIFFUSION, HANGING DROP, temperature 295K' 
_exptl_crystal_grow.pdbx_pH_range   . 
# 
_diffrn.id                     1 
_diffrn.ambient_temp           100.0 
_diffrn.ambient_temp_details   ? 
_diffrn.crystal_id             1 
# 
_diffrn_detector.diffrn_id              1 
_diffrn_detector.detector               CCD 
_diffrn_detector.type                   'ADSC QUANTUM 315' 
_diffrn_detector.pdbx_collection_date   2009-06-20 
_diffrn_detector.details                ? 
# 
_diffrn_radiation.diffrn_id                        1 
_diffrn_radiation.wavelength_id                    1 
_diffrn_radiation.pdbx_diffrn_protocol             'SINGLE WAVELENGTH' 
_diffrn_radiation.monochromator                    DCM 
_diffrn_radiation.pdbx_monochromatic_or_laue_m_l   M 
_diffrn_radiation.pdbx_scattering_type             x-ray 
# 
_diffrn_radiation_wavelength.id           1 
_diffrn_radiation_wavelength.wavelength   1.0000 
_diffrn_radiation_wavelength.wt           1.0 
# 
_diffrn_source.diffrn_id                   1 
_diffrn_source.source                      SYNCHROTRON 
_diffrn_source.type                        'PAL/PLS BEAMLINE 4A' 
_diffrn_source.pdbx_wavelength             ? 
_diffrn_source.pdbx_wavelength_list        1.0000 
_diffrn_source.pdbx_synchrotron_site       PAL/PLS 
_diffrn_source.pdbx_synchrotron_beamline   4A 
# 
_reflns.entry_id                     3Q4R 
_reflns.observed_criterion_sigma_F   ? 
_reflns.observed_criterion_sigma_I   ? 
_reflns.d_resolution_high            1.60 
_reflns.d_resolution_low             50.00 
_reflns.number_all                   ? 
_reflns.number_obs                   24608 
_reflns.percent_possible_obs         90.4 
_reflns.pdbx_Rmerge_I_obs            ? 
_reflns.pdbx_Rsym_value              ? 
_reflns.pdbx_netI_over_sigmaI        ? 
_reflns.B_iso_Wilson_estimate        ? 
_reflns.pdbx_redundancy              ? 
_reflns.R_free_details               ? 
_reflns.limit_h_max                  ? 
_reflns.limit_h_min                  ? 
_reflns.limit_k_max                  ? 
_reflns.limit_k_min                  ? 
_reflns.limit_l_max                  ? 
_reflns.limit_l_min                  ? 
_reflns.observed_criterion_F_max     ? 
_reflns.observed_criterion_F_min     ? 
_reflns.pdbx_chi_squared             ? 
_reflns.pdbx_scaling_rejects         ? 
_reflns.pdbx_ordinal                 1 
_reflns.pdbx_diffrn_id               1 
# 
loop_
_reflns_shell.d_res_high 
_reflns_shell.d_res_low 
_reflns_shell.percent_possible_obs 
_reflns_shell.percent_possible_all 
_reflns_shell.Rmerge_I_obs 
_reflns_shell.meanI_over_sigI_obs 
_reflns_shell.pdbx_Rsym_value 
_reflns_shell.pdbx_redundancy 
_reflns_shell.number_unique_all 
_reflns_shell.number_measured_all 
_reflns_shell.number_measured_obs 
_reflns_shell.number_unique_obs 
_reflns_shell.pdbx_chi_squared 
_reflns_shell.pdbx_rejects 
_reflns_shell.pdbx_netI_over_sigmaI_obs 
_reflns_shell.number_possible 
_reflns_shell.Rmerge_F_all 
_reflns_shell.Rmerge_F_obs 
_reflns_shell.Rmerge_I_all 
_reflns_shell.meanI_over_sigI_all 
_reflns_shell.pdbx_Rrim_I_all 
_reflns_shell.pdbx_Rpim_I_all 
_reflns_shell.pdbx_ordinal 
_reflns_shell.pdbx_diffrn_id 
1.60 1.66  ? 46.0 ? ? ? ? ? ? ? ? ? ? ? ? ? ? ? ? ? ? 1  1 
1.66 1.72  ? 72.9 ? ? ? ? ? ? ? ? ? ? ? ? ? ? ? ? ? ? 2  1 
1.72 1.80  ? 93.7 ? ? ? ? ? ? ? ? ? ? ? ? ? ? ? ? ? ? 3  1 
1.80 1.90  ? 97.6 ? ? ? ? ? ? ? ? ? ? ? ? ? ? ? ? ? ? 4  1 
1.90 2.02  ? 98.2 ? ? ? ? ? ? ? ? ? ? ? ? ? ? ? ? ? ? 5  1 
2.02 2.17  ? 98.5 ? ? ? ? ? ? ? ? ? ? ? ? ? ? ? ? ? ? 6  1 
2.17 2.39  ? 99.1 ? ? ? ? ? ? ? ? ? ? ? ? ? ? ? ? ? ? 7  1 
2.39 2.74  ? 98.6 ? ? ? ? ? ? ? ? ? ? ? ? ? ? ? ? ? ? 8  1 
2.74 3.45  ? 98.9 ? ? ? ? ? ? ? ? ? ? ? ? ? ? ? ? ? ? 9  1 
3.45 50.00 ? 98.9 ? ? ? ? ? ? ? ? ? ? ? ? ? ? ? ? ? ? 10 1 
# 
_refine.entry_id                                 3Q4R 
_refine.ls_d_res_high                            1.6000 
_refine.ls_d_res_low                             32.1300 
_refine.pdbx_ls_sigma_F                          0.000 
_refine.pdbx_data_cutoff_high_absF               ? 
_refine.pdbx_data_cutoff_low_absF                ? 
_refine.ls_percent_reflns_obs                    90.5000 
_refine.ls_number_reflns_obs                     24061 
_refine.ls_number_reflns_all                     ? 
_refine.pdbx_ls_cross_valid_method               THROUGHOUT 
_refine.pdbx_R_Free_selection_details            RANDOM 
_refine.details                                  'HYDROGENS HAVE BEEN ADDED IN THE RIDING POSITIONS U VALUES: REFINED INDIVIDUALLY' 
_refine.ls_R_factor_all                          ? 
_refine.ls_R_factor_obs                          0.1855 
_refine.ls_R_factor_R_work                       0.1835 
_refine.ls_wR_factor_R_work                      ? 
_refine.ls_R_factor_R_free                       0.2235 
_refine.ls_wR_factor_R_free                      ? 
_refine.ls_percent_reflns_R_free                 5.1000 
_refine.ls_number_reflns_R_free                  1230 
_refine.ls_R_factor_R_free_error                 ? 
_refine.B_iso_mean                               25.2956 
_refine.solvent_model_param_bsol                 ? 
_refine.solvent_model_param_ksol                 ? 
_refine.pdbx_isotropic_thermal_model             ? 
_refine.aniso_B[1][1]                            -0.1500 
_refine.aniso_B[2][2]                            0.0700 
_refine.aniso_B[3][3]                            0.0800 
_refine.aniso_B[1][2]                            0.0000 
_refine.aniso_B[1][3]                            0.0000 
_refine.aniso_B[2][3]                            0.0000 
_refine.correlation_coeff_Fo_to_Fc               0.9620 
_refine.correlation_coeff_Fo_to_Fc_free          0.9430 
_refine.overall_SU_R_Cruickshank_DPI             ? 
_refine.overall_SU_R_free                        ? 
_refine.pdbx_overall_ESU_R_Free                  0.1000 
_refine.overall_SU_ML                            0.0660 
_refine.overall_SU_B                             1.9230 
_refine.solvent_model_details                    MASK 
_refine.pdbx_solvent_vdw_probe_radii             1.4000 
_refine.pdbx_solvent_ion_probe_radii             0.8000 
_refine.pdbx_solvent_shrinkage_radii             0.8000 
_refine.ls_number_parameters                     ? 
_refine.ls_number_restraints                     ? 
_refine.pdbx_starting_model                      3Q4N 
_refine.pdbx_method_to_determine_struct          'MOLECULAR REPLACEMENT' 
_refine.pdbx_stereochemistry_target_values       'MAXIMUM LIKELIHOOD' 
_refine.pdbx_stereochem_target_val_spec_case     ? 
_refine.overall_FOM_work_R_set                   ? 
_refine.B_iso_max                                394.280 
_refine.B_iso_min                                9.690 
_refine.occupancy_max                            1.000 
_refine.occupancy_min                            0.500 
_refine.pdbx_ls_sigma_I                          ? 
_refine.ls_redundancy_reflns_obs                 ? 
_refine.ls_R_factor_R_free_error_details         ? 
_refine.pdbx_data_cutoff_high_rms_absF           ? 
_refine.overall_FOM_free_R_set                   ? 
_refine.pdbx_refine_id                           'X-RAY DIFFRACTION' 
_refine.pdbx_overall_phase_error                 ? 
_refine.pdbx_diffrn_id                           1 
_refine.pdbx_overall_ESU_R                       ? 
_refine.pdbx_TLS_residual_ADP_flag               ? 
_refine.pdbx_overall_SU_R_free_Cruickshank_DPI   ? 
_refine.pdbx_overall_SU_R_Blow_DPI               ? 
_refine.pdbx_overall_SU_R_free_Blow_DPI          ? 
# 
_refine_hist.pdbx_refine_id                   'X-RAY DIFFRACTION' 
_refine_hist.cycle_id                         LAST 
_refine_hist.pdbx_number_atoms_protein        1406 
_refine_hist.pdbx_number_atoms_nucleic_acid   0 
_refine_hist.pdbx_number_atoms_ligand         21 
_refine_hist.number_atoms_solvent             170 
_refine_hist.number_atoms_total               1597 
_refine_hist.d_res_high                       1.6000 
_refine_hist.d_res_low                        32.1300 
# 
loop_
_refine_ls_restr.type 
_refine_ls_restr.number 
_refine_ls_restr.dev_ideal 
_refine_ls_restr.dev_ideal_target 
_refine_ls_restr.weight 
_refine_ls_restr.pdbx_refine_id 
_refine_ls_restr.pdbx_restraint_function 
r_bond_refined_d       1449 0.025  0.022  ? 'X-RAY DIFFRACTION' ? 
r_angle_refined_deg    1948 1.948  1.983  ? 'X-RAY DIFFRACTION' ? 
r_dihedral_angle_1_deg 169  5.323  5.000  ? 'X-RAY DIFFRACTION' ? 
r_dihedral_angle_2_deg 75   37.216 26.133 ? 'X-RAY DIFFRACTION' ? 
r_dihedral_angle_3_deg 284  15.894 15.000 ? 'X-RAY DIFFRACTION' ? 
r_dihedral_angle_4_deg 5    15.028 15.000 ? 'X-RAY DIFFRACTION' ? 
r_chiral_restr         208  0.158  0.200  ? 'X-RAY DIFFRACTION' ? 
r_gen_planes_refined   1072 0.011  0.021  ? 'X-RAY DIFFRACTION' ? 
r_mcbond_it            848  1.329  1.500  ? 'X-RAY DIFFRACTION' ? 
r_mcangle_it           1375 2.339  2.000  ? 'X-RAY DIFFRACTION' ? 
r_scbond_it            601  3.979  3.000  ? 'X-RAY DIFFRACTION' ? 
r_scangle_it           573  6.544  4.500  ? 'X-RAY DIFFRACTION' ? 
# 
_refine_ls_shell.d_res_high                       1.6010 
_refine_ls_shell.d_res_low                        1.6430 
_refine_ls_shell.pdbx_total_number_of_bins_used   20 
_refine_ls_shell.percent_reflns_obs               43.4600 
_refine_ls_shell.number_reflns_R_work             789 
_refine_ls_shell.R_factor_all                     ? 
_refine_ls_shell.R_factor_R_work                  0.2500 
_refine_ls_shell.R_factor_R_free                  0.2780 
_refine_ls_shell.percent_reflns_R_free            ? 
_refine_ls_shell.number_reflns_R_free             48 
_refine_ls_shell.R_factor_R_free_error            ? 
_refine_ls_shell.number_reflns_all                837 
_refine_ls_shell.number_reflns_obs                ? 
_refine_ls_shell.pdbx_refine_id                   'X-RAY DIFFRACTION' 
_refine_ls_shell.redundancy_reflns_obs            ? 
# 
_struct.entry_id                  3Q4R 
_struct.title                     'Crystal Structure of a deletion mutant(11-185) of hypothetical protein MJ0754 with Zn2+' 
_struct.pdbx_model_details        ? 
_struct.pdbx_CASP_flag            ? 
_struct.pdbx_model_type_details   ? 
# 
_struct_keywords.entry_id        3Q4R 
_struct_keywords.pdbx_keywords   'UNKNOWN FUNCTION' 
_struct_keywords.text            'ferritin-like protein, four-helix bundle, metal binding, dinuclear center, unknown function' 
# 
loop_
_struct_asym.id 
_struct_asym.pdbx_blank_PDB_chainid_flag 
_struct_asym.pdbx_modified 
_struct_asym.entity_id 
_struct_asym.details 
A N N 1 ? 
B N N 2 ? 
C N N 2 ? 
D N N 3 ? 
E N N 4 ? 
# 
_struct_biol.id        1 
_struct_biol.details   ? 
# 
loop_
_struct_conf.conf_type_id 
_struct_conf.id 
_struct_conf.pdbx_PDB_helix_id 
_struct_conf.beg_label_comp_id 
_struct_conf.beg_label_asym_id 
_struct_conf.beg_label_seq_id 
_struct_conf.pdbx_beg_PDB_ins_code 
_struct_conf.end_label_comp_id 
_struct_conf.end_label_asym_id 
_struct_conf.end_label_seq_id 
_struct_conf.pdbx_end_PDB_ins_code 
_struct_conf.beg_auth_comp_id 
_struct_conf.beg_auth_asym_id 
_struct_conf.beg_auth_seq_id 
_struct_conf.end_auth_comp_id 
_struct_conf.end_auth_asym_id 
_struct_conf.end_auth_seq_id 
_struct_conf.pdbx_PDB_helix_class 
_struct_conf.details 
_struct_conf.pdbx_PDB_helix_length 
HELX_P HELX_P1 1 SER A 25  ? LYS A 54  ? SER A 14  LYS A 43  1 ? 30 
HELX_P HELX_P2 2 LEU A 55  ? TYR A 79  ? LEU A 44  TYR A 68  1 ? 25 
HELX_P HELX_P3 3 ASN A 95  ? ASP A 110 ? ASN A 84  ASP A 99  1 ? 16 
HELX_P HELX_P4 4 SER A 112 ? ASN A 136 ? SER A 101 ASN A 125 1 ? 25 
HELX_P HELX_P5 5 ASN A 140 ? TYR A 168 ? ASN A 129 TYR A 157 1 ? 29 
HELX_P HELX_P6 6 SER A 178 ? SER A 187 ? SER A 167 SER A 176 1 ? 10 
# 
_struct_conf_type.id          HELX_P 
_struct_conf_type.criteria    ? 
_struct_conf_type.reference   ? 
# 
loop_
_struct_conn.id 
_struct_conn.conn_type_id 
_struct_conn.pdbx_leaving_atom_flag 
_struct_conn.pdbx_PDB_id 
_struct_conn.ptnr1_label_asym_id 
_struct_conn.ptnr1_label_comp_id 
_struct_conn.ptnr1_label_seq_id 
_struct_conn.ptnr1_label_atom_id 
_struct_conn.pdbx_ptnr1_label_alt_id 
_struct_conn.pdbx_ptnr1_PDB_ins_code 
_struct_conn.pdbx_ptnr1_standard_comp_id 
_struct_conn.ptnr1_symmetry 
_struct_conn.ptnr2_label_asym_id 
_struct_conn.ptnr2_label_comp_id 
_struct_conn.ptnr2_label_seq_id 
_struct_conn.ptnr2_label_atom_id 
_struct_conn.pdbx_ptnr2_label_alt_id 
_struct_conn.pdbx_ptnr2_PDB_ins_code 
_struct_conn.ptnr1_auth_asym_id 
_struct_conn.ptnr1_auth_comp_id 
_struct_conn.ptnr1_auth_seq_id 
_struct_conn.ptnr2_auth_asym_id 
_struct_conn.ptnr2_auth_comp_id 
_struct_conn.ptnr2_auth_seq_id 
_struct_conn.ptnr2_symmetry 
_struct_conn.pdbx_ptnr3_label_atom_id 
_struct_conn.pdbx_ptnr3_label_seq_id 
_struct_conn.pdbx_ptnr3_label_comp_id 
_struct_conn.pdbx_ptnr3_label_asym_id 
_struct_conn.pdbx_ptnr3_label_alt_id 
_struct_conn.pdbx_ptnr3_PDB_ins_code 
_struct_conn.details 
_struct_conn.pdbx_dist_value 
_struct_conn.pdbx_value_order 
_struct_conn.pdbx_role 
metalc1  metalc ? ? A GLU 39  OE1 ? ? ? 1_555 B ZN  . ZN ? ? A GLU 28  A ZN  201 1_555 ? ? ? ? ? ? ? 1.977 ? ? 
metalc2  metalc ? ? A GLU 65  OE1 ? ? ? 1_555 B ZN  . ZN ? ? A GLU 54  A ZN  201 1_555 ? ? ? ? ? ? ? 2.113 ? ? 
metalc3  metalc ? ? A GLU 65  OE2 ? ? ? 1_555 C ZN  . ZN ? ? A GLU 54  A ZN  202 1_555 ? ? ? ? ? ? ? 1.925 ? ? 
metalc4  metalc ? ? A HIS 68  ND1 ? ? ? 1_555 B ZN  . ZN ? ? A HIS 57  A ZN  201 1_555 ? ? ? ? ? ? ? 2.104 ? ? 
metalc5  metalc ? ? A GLU 124 OE2 ? ? ? 1_555 C ZN  . ZN ? ? A GLU 113 A ZN  202 1_555 ? ? ? ? ? ? ? 2.115 ? ? 
metalc6  metalc ? ? A GLU 124 OE1 ? ? ? 1_555 C ZN  . ZN ? ? A GLU 113 A ZN  202 1_555 ? ? ? ? ? ? ? 2.452 ? ? 
metalc7  metalc ? ? A HIS 157 ND1 ? ? ? 1_555 C ZN  . ZN ? ? A HIS 146 A ZN  202 1_555 ? ? ? ? ? ? ? 2.083 ? ? 
metalc8  metalc ? ? B ZN  .   ZN  ? ? ? 1_555 E HOH . O  ? ? A ZN  201 A HOH 353 1_555 ? ? ? ? ? ? ? 2.344 ? ? 
metalc9  metalc ? ? B ZN  .   ZN  ? ? ? 1_555 E HOH . O  ? ? A ZN  201 A HOH 355 1_555 ? ? ? ? ? ? ? 1.923 ? ? 
metalc10 metalc ? ? C ZN  .   ZN  ? ? ? 1_555 E HOH . O  ? ? A ZN  202 A HOH 355 1_555 ? ? ? ? ? ? ? 1.811 ? ? 
# 
_struct_conn_type.id          metalc 
_struct_conn_type.criteria    ? 
_struct_conn_type.reference   ? 
# 
loop_
_struct_site.id 
_struct_site.pdbx_evidence_code 
_struct_site.pdbx_auth_asym_id 
_struct_site.pdbx_auth_comp_id 
_struct_site.pdbx_auth_seq_id 
_struct_site.pdbx_auth_ins_code 
_struct_site.pdbx_num_residues 
_struct_site.details 
AC1 Software A ZN  201 ? 6  'BINDING SITE FOR RESIDUE ZN A 201'  
AC2 Software A ZN  202 ? 5  'BINDING SITE FOR RESIDUE ZN A 202'  
AC3 Software A B3P 203 ? 15 'BINDING SITE FOR RESIDUE B3P A 203' 
# 
loop_
_struct_site_gen.id 
_struct_site_gen.site_id 
_struct_site_gen.pdbx_num_res 
_struct_site_gen.label_comp_id 
_struct_site_gen.label_asym_id 
_struct_site_gen.label_seq_id 
_struct_site_gen.pdbx_auth_ins_code 
_struct_site_gen.auth_comp_id 
_struct_site_gen.auth_asym_id 
_struct_site_gen.auth_seq_id 
_struct_site_gen.label_atom_id 
_struct_site_gen.label_alt_id 
_struct_site_gen.symmetry 
_struct_site_gen.details 
1  AC1 6  GLU A 39  ? GLU A 28  . ? 1_555 ? 
2  AC1 6  GLU A 65  ? GLU A 54  . ? 1_555 ? 
3  AC1 6  HIS A 68  ? HIS A 57  . ? 1_555 ? 
4  AC1 6  ZN  C .   ? ZN  A 202 . ? 1_555 ? 
5  AC1 6  HOH E .   ? HOH A 353 . ? 1_555 ? 
6  AC1 6  HOH E .   ? HOH A 355 . ? 1_555 ? 
7  AC2 5  GLU A 65  ? GLU A 54  . ? 1_555 ? 
8  AC2 5  GLU A 124 ? GLU A 113 . ? 1_555 ? 
9  AC2 5  HIS A 157 ? HIS A 146 . ? 1_555 ? 
10 AC2 5  ZN  B .   ? ZN  A 201 . ? 1_555 ? 
11 AC2 5  HOH E .   ? HOH A 355 . ? 1_555 ? 
12 AC3 15 GLN A 66  ? GLN A 55  . ? 1_555 ? 
13 AC3 15 ASP A 70  ? ASP A 59  . ? 1_555 ? 
14 AC3 15 GLU A 77  ? GLU A 66  . ? 1_555 ? 
15 AC3 15 PRO A 174 ? PRO A 163 . ? 8_445 ? 
16 AC3 15 GLN A 175 ? GLN A 164 . ? 8_445 ? 
17 AC3 15 TYR A 176 ? TYR A 165 . ? 8_445 ? 
18 AC3 15 ILE A 177 ? ILE A 166 . ? 8_445 ? 
19 AC3 15 SER A 178 ? SER A 167 . ? 8_445 ? 
20 AC3 15 LYS A 179 ? LYS A 168 . ? 8_445 ? 
21 AC3 15 GLU A 181 ? GLU A 170 . ? 8_445 ? 
22 AC3 15 HOH E .   ? HOH A 187 . ? 1_555 ? 
23 AC3 15 HOH E .   ? HOH A 215 . ? 1_555 ? 
24 AC3 15 HOH E .   ? HOH A 299 . ? 1_555 ? 
25 AC3 15 HOH E .   ? HOH A 342 . ? 1_555 ? 
26 AC3 15 HOH E .   ? HOH A 350 . ? 8_445 ? 
# 
_atom_sites.entry_id                    3Q4R 
_atom_sites.fract_transf_matrix[1][1]   -0.00746352 
_atom_sites.fract_transf_matrix[1][2]   0.00721441 
_atom_sites.fract_transf_matrix[1][3]   -0.01577988 
_atom_sites.fract_transf_matrix[2][1]   -0.00697115 
_atom_sites.fract_transf_matrix[2][2]   -0.01025742 
_atom_sites.fract_transf_matrix[2][3]   -0.00139240 
_atom_sites.fract_transf_matrix[3][1]   -0.00778646 
_atom_sites.fract_transf_matrix[3][2]   0.00451190 
_atom_sites.fract_transf_matrix[3][3]   0.00574561 
_atom_sites.fract_transf_vector[1]      -0.197446 
_atom_sites.fract_transf_vector[2]      -0.213524 
_atom_sites.fract_transf_vector[3]      -0.027654 
# 
loop_
_atom_type.symbol 
C  
N  
O  
S  
ZN 
# 
loop_
_atom_site.group_PDB 
_atom_site.id 
_atom_site.type_symbol 
_atom_site.label_atom_id 
_atom_site.label_alt_id 
_atom_site.label_comp_id 
_atom_site.label_asym_id 
_atom_site.label_entity_id 
_atom_site.label_seq_id 
_atom_site.pdbx_PDB_ins_code 
_atom_site.Cartn_x 
_atom_site.Cartn_y 
_atom_site.Cartn_z 
_atom_site.occupancy 
_atom_site.B_iso_or_equiv 
_atom_site.pdbx_formal_charge 
_atom_site.auth_seq_id 
_atom_site.auth_comp_id 
_atom_site.auth_asym_id 
_atom_site.auth_atom_id 
_atom_site.pdbx_PDB_model_num 
ATOM   1    N  N   . GLN A 1 22  ? -5.820  22.139  15.586  1.00 48.37  ? 11  GLN A N   1 
ATOM   2    C  CA  . GLN A 1 22  ? -5.657  20.745  16.096  1.00 47.62  ? 11  GLN A CA  1 
ATOM   3    C  C   . GLN A 1 22  ? -6.972  19.943  16.113  1.00 44.55  ? 11  GLN A C   1 
ATOM   4    O  O   . GLN A 1 22  ? -6.964  18.757  16.451  1.00 45.39  ? 11  GLN A O   1 
ATOM   5    C  CB  . GLN A 1 22  ? -5.007  20.702  17.494  1.00 48.56  ? 11  GLN A CB  1 
ATOM   6    C  CG  . GLN A 1 22  ? -4.783  19.256  17.990  1.00 52.14  ? 11  GLN A CG  1 
ATOM   7    C  CD  . GLN A 1 22  ? -4.740  19.110  19.509  1.00 57.58  ? 11  GLN A CD  1 
ATOM   8    O  OE1 . GLN A 1 22  ? -5.318  18.167  20.058  1.00 60.28  ? 11  GLN A OE1 1 
ATOM   9    N  NE2 . GLN A 1 22  ? -4.042  20.032  20.195  1.00 58.98  ? 11  GLN A NE2 1 
ATOM   10   N  N   . PRO A 1 23  ? -8.094  20.571  15.752  1.00 41.85  ? 12  PRO A N   1 
ATOM   11   C  CA  . PRO A 1 23  ? -9.132  19.597  15.446  1.00 39.22  ? 12  PRO A CA  1 
ATOM   12   C  C   . PRO A 1 23  ? -8.891  19.034  14.037  1.00 36.19  ? 12  PRO A C   1 
ATOM   13   O  O   . PRO A 1 23  ? -8.292  19.727  13.207  1.00 34.29  ? 12  PRO A O   1 
ATOM   14   C  CB  . PRO A 1 23  ? -10.421 20.428  15.479  1.00 39.89  ? 12  PRO A CB  1 
ATOM   15   C  CG  . PRO A 1 23  ? -9.952  21.850  15.273  1.00 40.99  ? 12  PRO A CG  1 
ATOM   16   C  CD  . PRO A 1 23  ? -8.634  21.928  15.928  1.00 41.37  ? 12  PRO A CD  1 
ATOM   17   N  N   . ILE A 1 24  ? -9.370  17.816  13.762  1.00 31.87  ? 13  ILE A N   1 
ATOM   18   C  CA  . ILE A 1 24  ? -9.246  17.270  12.408  1.00 28.45  ? 13  ILE A CA  1 
ATOM   19   C  C   . ILE A 1 24  ? -10.284 17.877  11.428  1.00 26.59  ? 13  ILE A C   1 
ATOM   20   O  O   . ILE A 1 24  ? -11.435 18.124  11.770  1.00 25.66  ? 13  ILE A O   1 
ATOM   21   C  CB  . ILE A 1 24  ? -9.246  15.701  12.439  1.00 28.52  ? 13  ILE A CB  1 
ATOM   22   C  CG1 . ILE A 1 24  ? -8.741  15.106  11.127  1.00 30.47  ? 13  ILE A CG1 1 
ATOM   23   C  CG2 . ILE A 1 24  ? -10.613 15.160  12.611  1.00 25.38  ? 13  ILE A CG2 1 
ATOM   24   C  CD1 . ILE A 1 24  ? -8.796  13.578  11.153  1.00 28.28  ? 13  ILE A CD1 1 
ATOM   25   N  N   . SER A 1 25  ? -9.873  18.133  10.199  1.00 26.31  ? 14  SER A N   1 
ATOM   26   C  CA  . SER A 1 25  ? -10.819 18.585  9.187   1.00 27.01  ? 14  SER A CA  1 
ATOM   27   C  C   . SER A 1 25  ? -11.525 17.442  8.460   1.00 28.13  ? 14  SER A C   1 
ATOM   28   O  O   . SER A 1 25  ? -11.056 16.276  8.443   1.00 26.81  ? 14  SER A O   1 
ATOM   29   C  CB  . SER A 1 25  ? -10.089 19.430  8.150   1.00 27.65  ? 14  SER A CB  1 
ATOM   30   O  OG  . SER A 1 25  ? -9.172  18.626  7.441   1.00 28.66  ? 14  SER A OG  1 
ATOM   31   N  N   . GLU A 1 26  ? -12.654 17.757  7.833   1.00 28.51  ? 15  GLU A N   1 
ATOM   32   C  CA  . GLU A 1 26  ? -13.309 16.739  7.007   1.00 29.25  ? 15  GLU A CA  1 
ATOM   33   C  C   . GLU A 1 26  ? -12.355 16.196  5.940   1.00 29.25  ? 15  GLU A C   1 
ATOM   34   O  O   . GLU A 1 26  ? -12.402 15.010  5.647   1.00 26.89  ? 15  GLU A O   1 
ATOM   35   C  CB  . GLU A 1 26  ? -14.605 17.227  6.390   1.00 29.87  ? 15  GLU A CB  1 
ATOM   36   C  CG  . GLU A 1 26  ? -15.649 17.551  7.455   1.00 31.33  ? 15  GLU A CG  1 
ATOM   37   C  CD  . GLU A 1 26  ? -16.047 16.331  8.308   1.00 32.47  ? 15  GLU A CD  1 
ATOM   38   O  OE1 . GLU A 1 26  ? -15.867 16.429  9.546   1.00 34.09  ? 15  GLU A OE1 1 
ATOM   39   O  OE2 . GLU A 1 26  ? -16.534 15.295  7.749   1.00 33.94  ? 15  GLU A OE2 1 
ATOM   40   N  N   . GLU A 1 27  ? -11.502 17.061  5.378   1.00 29.46  ? 16  GLU A N   1 
ATOM   41   C  CA  . GLU A 1 27  ? -10.525 16.644  4.335   1.00 31.05  ? 16  GLU A CA  1 
ATOM   42   C  C   . GLU A 1 27  ? -9.516  15.674  4.902   1.00 29.11  ? 16  GLU A C   1 
ATOM   43   O  O   . GLU A 1 27  ? -9.088  14.744  4.214   1.00 29.01  ? 16  GLU A O   1 
ATOM   44   C  CB  . GLU A 1 27  ? -9.768  17.846  3.711   1.00 33.00  ? 16  GLU A CB  1 
ATOM   45   C  CG  . GLU A 1 27  ? -10.555 18.606  2.636   1.00 42.11  ? 16  GLU A CG  1 
ATOM   46   C  CD  . GLU A 1 27  ? -9.961  20.012  2.286   1.00 54.62  ? 16  GLU A CD  1 
ATOM   47   O  OE1 . GLU A 1 27  ? -9.365  20.667  3.203   1.00 60.48  ? 16  GLU A OE1 1 
ATOM   48   O  OE2 . GLU A 1 27  ? -10.110 20.470  1.098   1.00 58.17  ? 16  GLU A OE2 1 
ATOM   49   N  N   . GLU A 1 28  ? -9.119  15.885  6.161   1.00 26.13  ? 17  GLU A N   1 
ATOM   50   C  CA  . GLU A 1 28  ? -8.115  15.042  6.767   1.00 24.86  ? 17  GLU A CA  1 
ATOM   51   C  C   . GLU A 1 28  ? -8.762  13.699  7.102   1.00 22.49  ? 17  GLU A C   1 
ATOM   52   O  O   . GLU A 1 28  ? -8.118  12.608  7.005   1.00 20.71  ? 17  GLU A O   1 
ATOM   53   C  CB  . GLU A 1 28  ? -7.531  15.697  8.018   1.00 24.83  ? 17  GLU A CB  1 
ATOM   54   C  CG  . GLU A 1 28  ? -6.387  16.684  7.745   1.00 26.64  ? 17  GLU A CG  1 
ATOM   55   C  CD  . GLU A 1 28  ? -6.098  17.573  8.940   1.00 32.24  ? 17  GLU A CD  1 
ATOM   56   O  OE1 . GLU A 1 28  ? -7.047  17.933  9.685   1.00 28.21  ? 17  GLU A OE1 1 
ATOM   57   O  OE2 . GLU A 1 28  ? -4.899  17.844  9.166   1.00 37.02  ? 17  GLU A OE2 1 
ATOM   58   N  N   . LYS A 1 29  ? -10.039 13.768  7.443   1.00 20.76  ? 18  LYS A N   1 
ATOM   59   C  CA  . LYS A 1 29  ? -10.804 12.520  7.668   1.00 20.98  ? 18  LYS A CA  1 
ATOM   60   C  C   . LYS A 1 29  ? -10.890 11.718  6.377   1.00 22.02  ? 18  LYS A C   1 
ATOM   61   O  O   . LYS A 1 29  ? -10.656 10.508  6.358   1.00 19.93  ? 18  LYS A O   1 
ATOM   62   C  CB  . LYS A 1 29  ? -12.238 12.834  8.131   1.00 20.20  ? 18  LYS A CB  1 
ATOM   63   C  CG  . LYS A 1 29  ? -12.300 13.480  9.490   1.00 20.65  ? 18  LYS A CG  1 
ATOM   64   C  CD  . LYS A 1 29  ? -13.756 13.530  9.921   1.00 25.83  ? 18  LYS A CD  1 
ATOM   65   C  CE  . LYS A 1 29  ? -13.903 14.282  11.290  1.00 26.03  ? 18  LYS A CE  1 
ATOM   66   N  NZ  . LYS A 1 29  ? -15.385 14.428  11.666  1.00 24.02  ? 18  LYS A NZ  1 
ATOM   67   N  N   . GLU A 1 30  ? -11.154 12.391  5.259   1.00 21.10  ? 19  GLU A N   1 
ATOM   68   C  CA  . GLU A 1 30  ? -11.285 11.681  3.973   1.00 21.84  ? 19  GLU A CA  1 
ATOM   69   C  C   . GLU A 1 30  ? -9.984  10.960  3.624   1.00 20.46  ? 19  GLU A C   1 
ATOM   70   O  O   . GLU A 1 30  ? -10.016 9.842   3.066   1.00 20.46  ? 19  GLU A O   1 
ATOM   71   C  CB  . GLU A 1 30  ? -11.574 12.695  2.865   1.00 23.77  ? 19  GLU A CB  1 
ATOM   72   C  CG  . GLU A 1 30  ? -11.986 12.149  1.546   1.00 29.67  ? 19  GLU A CG  1 
ATOM   73   C  CD  . GLU A 1 30  ? -11.979 13.283  0.482   1.00 39.59  ? 19  GLU A CD  1 
ATOM   74   O  OE1 . GLU A 1 30  ? -12.250 14.447  0.893   1.00 43.24  ? 19  GLU A OE1 1 
ATOM   75   O  OE2 . GLU A 1 30  ? -11.651 13.036  -0.713  1.00 41.59  ? 19  GLU A OE2 1 
ATOM   76   N  N   . GLY A 1 31  ? -8.858  11.560  3.993   1.00 19.59  ? 20  GLY A N   1 
ATOM   77   C  CA  . GLY A 1 31  ? -7.579  10.957  3.715   1.00 18.83  ? 20  GLY A CA  1 
ATOM   78   C  C   . GLY A 1 31  ? -7.407  9.657   4.478   1.00 17.35  ? 20  GLY A C   1 
ATOM   79   O  O   . GLY A 1 31  ? -6.928  8.654   3.950   1.00 15.82  ? 20  GLY A O   1 
ATOM   80   N  N   . LEU A 1 32  ? -7.752  9.714   5.761   1.00 17.11  ? 21  LEU A N   1 
ATOM   81   C  CA  . LEU A 1 32  ? -7.552  8.527   6.653   1.00 15.67  ? 21  LEU A CA  1 
ATOM   82   C  C   . LEU A 1 32  ? -8.468  7.382   6.151   1.00 17.37  ? 21  LEU A C   1 
ATOM   83   O  O   . LEU A 1 32  ? -8.027  6.197   6.092   1.00 17.49  ? 21  LEU A O   1 
ATOM   84   C  CB  . LEU A 1 32  ? -7.932  8.945   8.040   1.00 15.56  ? 21  LEU A CB  1 
ATOM   85   C  CG  . LEU A 1 32  ? -6.795  9.725   8.762   1.00 14.91  ? 21  LEU A CG  1 
ATOM   86   C  CD1 . LEU A 1 32  ? -7.465  10.196  10.133  1.00 21.01  ? 21  LEU A CD1 1 
ATOM   87   C  CD2 . LEU A 1 32  ? -5.539  8.812   9.041   1.00 19.18  ? 21  LEU A CD2 1 
ATOM   88   N  N   . ILE A 1 33  ? -9.705  7.743   5.773   1.00 16.56  ? 22  ILE A N   1 
ATOM   89   C  CA  . ILE A 1 33  ? -10.679 6.765   5.226   1.00 16.30  ? 22  ILE A CA  1 
ATOM   90   C  C   . ILE A 1 33  ? -10.144 6.114   3.960   1.00 15.97  ? 22  ILE A C   1 
ATOM   91   O  O   . ILE A 1 33  ? -10.218 4.889   3.819   1.00 15.82  ? 22  ILE A O   1 
ATOM   92   C  CB  . ILE A 1 33  ? -12.052 7.431   5.006   1.00 17.19  ? 22  ILE A CB  1 
ATOM   93   C  CG1 . ILE A 1 33  ? -12.612 7.881   6.357   1.00 17.76  ? 22  ILE A CG1 1 
ATOM   94   C  CG2 . ILE A 1 33  ? -13.028 6.502   4.299   1.00 17.28  ? 22  ILE A CG2 1 
ATOM   95   C  CD1 . ILE A 1 33  ? -13.810 8.840   6.303   1.00 18.59  ? 22  ILE A CD1 1 
ATOM   96   N  N   . GLU A 1 34  ? -9.572  6.925   3.047   1.00 15.55  ? 23  GLU A N   1 
ATOM   97   C  CA  . GLU A 1 34  ? -8.902  6.345   1.862   1.00 15.84  ? 23  GLU A CA  1 
ATOM   98   C  C   . GLU A 1 34  ? -7.743  5.445   2.242   1.00 17.60  ? 23  GLU A C   1 
ATOM   99   O  O   . GLU A 1 34  ? -7.647  4.323   1.711   1.00 17.67  ? 23  GLU A O   1 
ATOM   100  C  CB  . GLU A 1 34  ? -8.450  7.421   0.899   1.00 18.54  ? 23  GLU A CB  1 
ATOM   101  C  CG  . GLU A 1 34  ? -9.641  7.901   0.103   1.00 21.91  ? 23  GLU A CG  1 
ATOM   102  C  CD  . GLU A 1 34  ? -9.334  8.150   -1.391  1.00 26.43  ? 23  GLU A CD  1 
ATOM   103  O  OE1 . GLU A 1 34  ? -10.172 8.878   -2.005  1.00 28.75  ? 23  GLU A OE1 1 
ATOM   104  O  OE2 . GLU A 1 34  ? -8.316  7.599   -1.971  1.00 23.26  ? 23  GLU A OE2 1 
ATOM   105  N  N   . MET A 1 35  ? -6.860  5.926   3.096   1.00 16.63  ? 24  MET A N   1 
ATOM   106  C  CA  . MET A 1 35  ? -5.634  5.103   3.376   1.00 16.80  ? 24  MET A CA  1 
ATOM   107  C  C   . MET A 1 35  ? -5.969  3.808   4.099   1.00 16.35  ? 24  MET A C   1 
ATOM   108  O  O   . MET A 1 35  ? -5.252  2.812   3.932   1.00 13.85  ? 24  MET A O   1 
ATOM   109  C  CB  . MET A 1 35  ? -4.505  5.913   4.052   1.00 16.27  ? 24  MET A CB  1 
ATOM   110  C  CG  . MET A 1 35  ? -4.037  7.100   3.183   1.00 18.68  ? 24  MET A CG  1 
ATOM   111  S  SD  . MET A 1 35  ? -3.430  6.501   1.537   1.00 19.16  ? 24  MET A SD  1 
ATOM   112  C  CE  . MET A 1 35  ? -2.411  5.040   1.958   1.00 23.32  ? 24  MET A CE  1 
ATOM   113  N  N   . ARG A 1 36  ? -7.030  3.838   4.916   1.00 17.57  ? 25  ARG A N   1 
ATOM   114  C  CA  . ARG A 1 36  ? -7.402  2.650   5.692   1.00 14.40  ? 25  ARG A CA  1 
ATOM   115  C  C   . ARG A 1 36  ? -7.697  1.510   4.711   1.00 15.74  ? 25  ARG A C   1 
ATOM   116  O  O   . ARG A 1 36  ? -7.257  0.383   4.881   1.00 15.15  ? 25  ARG A O   1 
ATOM   117  C  CB  . ARG A 1 36  ? -8.613  2.980   6.550   1.00 14.87  ? 25  ARG A CB  1 
ATOM   118  C  CG  . ARG A 1 36  ? -9.443  1.786   7.039   1.00 14.41  ? 25  ARG A CG  1 
ATOM   119  C  CD  . ARG A 1 36  ? -8.694  1.030   8.077   1.00 17.98  ? 25  ARG A CD  1 
ATOM   120  N  NE  . ARG A 1 36  ? -9.569  0.093   8.830   1.00 19.10  ? 25  ARG A NE  1 
ATOM   121  C  CZ  . ARG A 1 36  ? -9.145  -0.942  9.584   1.00 18.03  ? 25  ARG A CZ  1 
ATOM   122  N  NH1 . ARG A 1 36  ? -7.853  -1.297  9.674   1.00 15.04  ? 25  ARG A NH1 1 
ATOM   123  N  NH2 . ARG A 1 36  ? -10.051 -1.724  10.137  1.00 19.25  ? 25  ARG A NH2 1 
ATOM   124  N  N   . GLU A 1 37  ? -8.409  1.842   3.607   1.00 14.49  ? 26  GLU A N   1 
ATOM   125  C  CA  . GLU A 1 37  ? -8.670  0.816   2.586   1.00 14.72  ? 26  GLU A CA  1 
ATOM   126  C  C   . GLU A 1 37  ? -7.565  0.599   1.556   1.00 13.32  ? 26  GLU A C   1 
ATOM   127  O  O   . GLU A 1 37  ? -7.460  -0.510  0.948   1.00 13.46  ? 26  GLU A O   1 
ATOM   128  C  CB  . GLU A 1 37  ? -9.977  1.060   1.829   1.00 14.28  ? 26  GLU A CB  1 
ATOM   129  C  CG  . GLU A 1 37  ? -11.255 0.906   2.782   1.00 15.16  ? 26  GLU A CG  1 
ATOM   130  C  CD  . GLU A 1 37  ? -12.532 0.719   1.980   1.00 18.41  ? 26  GLU A CD  1 
ATOM   131  O  OE1 . GLU A 1 37  ? -12.776 1.599   1.120   1.00 18.57  ? 26  GLU A OE1 1 
ATOM   132  O  OE2 . GLU A 1 37  ? -13.207 -0.326  2.152   1.00 20.98  ? 26  GLU A OE2 1 
ATOM   133  N  N   . GLU A 1 38  ? -6.713  1.605   1.375   1.00 12.74  ? 27  GLU A N   1 
ATOM   134  C  CA  . GLU A 1 38  ? -5.582  1.395   0.474   1.00 13.83  ? 27  GLU A CA  1 
ATOM   135  C  C   . GLU A 1 38  ? -4.592  0.333   1.082   1.00 12.94  ? 27  GLU A C   1 
ATOM   136  O  O   . GLU A 1 38  ? -4.038  -0.493  0.343   1.00 12.69  ? 27  GLU A O   1 
ATOM   137  C  CB  . GLU A 1 38  ? -4.937  2.736   0.180   1.00 15.08  ? 27  GLU A CB  1 
ATOM   138  C  CG  . GLU A 1 38  ? -3.863  2.669   -0.932  1.00 15.62  ? 27  GLU A CG  1 
ATOM   139  C  CD  . GLU A 1 38  ? -3.878  3.997   -1.738  1.00 19.20  ? 27  GLU A CD  1 
ATOM   140  O  OE1 . GLU A 1 38  ? -2.920  4.267   -2.454  1.00 18.68  ? 27  GLU A OE1 1 
ATOM   141  O  OE2 . GLU A 1 38  ? -4.830  4.797   -1.535  1.00 22.60  ? 27  GLU A OE2 1 
ATOM   142  N  N   . GLU A 1 39  ? -4.374  0.406   2.388   1.00 14.46  ? 28  GLU A N   1 
ATOM   143  C  CA  . GLU A 1 39  ? -3.503  -0.575  3.043   1.00 13.25  ? 28  GLU A CA  1 
ATOM   144  C  C   . GLU A 1 39  ? -4.173  -1.937  2.979   1.00 14.29  ? 28  GLU A C   1 
ATOM   145  O  O   . GLU A 1 39  ? -3.473  -2.990  2.867   1.00 14.07  ? 28  GLU A O   1 
ATOM   146  C  CB  . GLU A 1 39  ? -3.240  -0.169  4.487   1.00 14.68  ? 28  GLU A CB  1 
ATOM   147  C  CG  . GLU A 1 39  ? -2.479  1.192   4.598   1.00 13.40  ? 28  GLU A CG  1 
ATOM   148  C  CD  . GLU A 1 39  ? -1.150  1.171   3.874   1.00 16.51  ? 28  GLU A CD  1 
ATOM   149  O  OE1 . GLU A 1 39  ? -0.458  0.133   3.901   1.00 14.97  ? 28  GLU A OE1 1 
ATOM   150  O  OE2 . GLU A 1 39  ? -0.754  2.201   3.197   1.00 16.03  ? 28  GLU A OE2 1 
ATOM   151  N  N   . LYS A 1 40  ? -5.499  -1.923  3.123   1.00 13.43  ? 29  LYS A N   1 
ATOM   152  C  CA  . LYS A 1 40  ? -6.229  -3.204  2.901   1.00 12.05  ? 29  LYS A CA  1 
ATOM   153  C  C   . LYS A 1 40  ? -6.063  -3.783  1.510   1.00 13.40  ? 29  LYS A C   1 
ATOM   154  O  O   . LYS A 1 40  ? -6.035  -4.987  1.323   1.00 14.07  ? 29  LYS A O   1 
ATOM   155  C  CB  . LYS A 1 40  ? -7.715  -3.031  3.284   1.00 10.88  ? 29  LYS A CB  1 
ATOM   156  C  CG  . LYS A 1 40  ? -8.432  -4.378  3.276   1.00 10.91  ? 29  LYS A CG  1 
ATOM   157  C  CD  . LYS A 1 40  ? -9.969  -4.150  3.618   1.00 13.75  ? 29  LYS A CD  1 
ATOM   158  C  CE  . LYS A 1 40  ? -10.644 -5.524  3.938   1.00 16.40  ? 29  LYS A CE  1 
ATOM   159  N  NZ  . LYS A 1 40  ? -10.936 -6.324  2.726   1.00 16.58  ? 29  LYS A NZ  1 
ATOM   160  N  N   . LEU A 1 41  ? -6.164  -2.916  0.500   1.00 13.18  ? 30  LEU A N   1 
ATOM   161  C  CA  . LEU A 1 41  ? -5.887  -3.353  -0.889  1.00 12.92  ? 30  LEU A CA  1 
ATOM   162  C  C   . LEU A 1 41  ? -4.516  -4.090  -0.984  1.00 14.58  ? 30  LEU A C   1 
ATOM   163  O  O   . LEU A 1 41  ? -4.467  -5.166  -1.545  1.00 15.28  ? 30  LEU A O   1 
ATOM   164  C  CB  . LEU A 1 41  ? -5.961  -2.179  -1.904  1.00 13.17  ? 30  LEU A CB  1 
ATOM   165  C  CG  . LEU A 1 41  ? -5.368  -2.445  -3.268  1.00 14.11  ? 30  LEU A CG  1 
ATOM   166  C  CD1 . LEU A 1 41  ? -6.389  -3.313  -4.050  1.00 17.09  ? 30  LEU A CD1 1 
ATOM   167  C  CD2 . LEU A 1 41  ? -4.981  -1.107  -3.989  1.00 15.82  ? 30  LEU A CD2 1 
ATOM   168  N  N   . ALA A 1 42  ? -3.446  -3.490  -0.438  1.00 14.51  ? 31  ALA A N   1 
ATOM   169  C  CA  . ALA A 1 42  ? -2.109  -4.105  -0.449  1.00 14.65  ? 31  ALA A CA  1 
ATOM   170  C  C   . ALA A 1 42  ? -2.221  -5.449  0.269   1.00 14.92  ? 31  ALA A C   1 
ATOM   171  O  O   . ALA A 1 42  ? -1.776  -6.459  -0.273  1.00 14.18  ? 31  ALA A O   1 
ATOM   172  C  CB  . ALA A 1 42  ? -1.127  -3.142  0.239   1.00 14.70  ? 31  ALA A CB  1 
ATOM   173  N  N   . ARG A 1 43  ? -2.724  -5.429  1.500   1.00 15.62  ? 32  ARG A N   1 
ATOM   174  C  CA  . ARG A 1 43  ? -2.836  -6.697  2.258   1.00 13.55  ? 32  ARG A CA  1 
ATOM   175  C  C   . ARG A 1 43  ? -3.562  -7.783  1.494   1.00 12.71  ? 32  ARG A C   1 
ATOM   176  O  O   . ARG A 1 43  ? -3.030  -8.927  1.343   1.00 14.83  ? 32  ARG A O   1 
ATOM   177  C  CB  . ARG A 1 43  ? -3.634  -6.509  3.504   1.00 13.10  ? 32  ARG A CB  1 
ATOM   178  C  CG  . ARG A 1 43  ? -3.522  -7.768  4.470   1.00 16.26  ? 32  ARG A CG  1 
ATOM   179  C  CD  . ARG A 1 43  ? -4.653  -7.753  5.508   1.00 15.81  ? 32  ARG A CD  1 
ATOM   180  N  NE  . ARG A 1 43  ? -5.998  -7.823  4.922   1.00 16.29  ? 32  ARG A NE  1 
ATOM   181  C  CZ  . ARG A 1 43  ? -7.115  -7.892  5.674   1.00 17.62  ? 32  ARG A CZ  1 
ATOM   182  N  NH1 . ARG A 1 43  ? -7.049  -7.952  7.046   1.00 17.16  ? 32  ARG A NH1 1 
ATOM   183  N  NH2 . ARG A 1 43  ? -8.292  -7.984  5.080   1.00 20.51  ? 32  ARG A NH2 1 
ATOM   184  N  N   . ASP A 1 44  ? -4.764  -7.457  1.015   1.00 15.59  ? 33  ASP A N   1 
ATOM   185  C  CA  . ASP A 1 44  ? -5.585  -8.458  0.323   1.00 14.52  ? 33  ASP A CA  1 
ATOM   186  C  C   . ASP A 1 44  ? -4.929  -8.944  -0.997  1.00 16.64  ? 33  ASP A C   1 
ATOM   187  O  O   . ASP A 1 44  ? -5.038  -10.130 -1.320  1.00 14.89  ? 33  ASP A O   1 
ATOM   188  C  CB  . ASP A 1 44  ? -6.949  -7.883  -0.042  1.00 12.97  ? 33  ASP A CB  1 
ATOM   189  C  CG  . ASP A 1 44  ? -7.848  -7.656  1.206   1.00 14.63  ? 33  ASP A CG  1 
ATOM   190  O  OD1 . ASP A 1 44  ? -8.977  -7.192  1.070   1.00 16.39  ? 33  ASP A OD1 1 
ATOM   191  O  OD2 . ASP A 1 44  ? -7.411  -7.967  2.377   1.00 18.24  ? 33  ASP A OD2 1 
ATOM   192  N  N   . VAL A 1 45  ? -4.412  -8.038  -1.840  1.00 14.29  ? 34  VAL A N   1 
ATOM   193  C  CA  . VAL A 1 45  ? -3.749  -8.540  -3.044  1.00 14.72  ? 34  VAL A CA  1 
ATOM   194  C  C   . VAL A 1 45  ? -2.568  -9.448  -2.627  1.00 15.60  ? 34  VAL A C   1 
ATOM   195  O  O   . VAL A 1 45  ? -2.372  -10.513 -3.210  1.00 15.83  ? 34  VAL A O   1 
ATOM   196  C  CB  . VAL A 1 45  ? -3.253  -7.392  -3.942  1.00 13.91  ? 34  VAL A CB  1 
ATOM   197  C  CG1 . VAL A 1 45  ? -2.409  -7.951  -5.071  1.00 13.02  ? 34  VAL A CG1 1 
ATOM   198  C  CG2 . VAL A 1 45  ? -4.476  -6.566  -4.491  1.00 14.01  ? 34  VAL A CG2 1 
ATOM   199  N  N   . TYR A 1 46  ? -1.809  -9.079  -1.597  1.00 15.77  ? 35  TYR A N   1 
ATOM   200  C  CA  . TYR A 1 46  ? -0.618  -9.874  -1.275  1.00 15.29  ? 35  TYR A CA  1 
ATOM   201  C  C   . TYR A 1 46  ? -1.000  -11.247 -0.687  1.00 14.95  ? 35  TYR A C   1 
ATOM   202  O  O   . TYR A 1 46  ? -0.351  -12.262 -0.989  1.00 17.32  ? 35  TYR A O   1 
ATOM   203  C  CB  . TYR A 1 46  ? 0.369   -9.176  -0.300  1.00 15.47  ? 35  TYR A CB  1 
ATOM   204  C  CG  . TYR A 1 46  ? 0.915   -7.875  -0.870  1.00 14.83  ? 35  TYR A CG  1 
ATOM   205  C  CD1 . TYR A 1 46  ? 0.869   -7.590  -2.243  1.00 14.28  ? 35  TYR A CD1 1 
ATOM   206  C  CD2 . TYR A 1 46  ? 1.350   -6.858  -0.023  1.00 16.82  ? 35  TYR A CD2 1 
ATOM   207  C  CE1 . TYR A 1 46  ? 1.317   -6.387  -2.729  1.00 15.58  ? 35  TYR A CE1 1 
ATOM   208  C  CE2 . TYR A 1 46  ? 1.804   -5.596  -0.513  1.00 14.57  ? 35  TYR A CE2 1 
ATOM   209  C  CZ  . TYR A 1 46  ? 1.757   -5.381  -1.890  1.00 15.78  ? 35  TYR A CZ  1 
ATOM   210  O  OH  . TYR A 1 46  ? 2.145   -4.169  -2.425  1.00 17.58  ? 35  TYR A OH  1 
ATOM   211  N  N   . LEU A 1 47  ? -2.042  -11.271 0.136   1.00 14.44  ? 36  LEU A N   1 
ATOM   212  C  CA  . LEU A 1 47  ? -2.593  -12.588 0.563   1.00 14.03  ? 36  LEU A CA  1 
ATOM   213  C  C   . LEU A 1 47  ? -3.031  -13.471 -0.579  1.00 14.42  ? 36  LEU A C   1 
ATOM   214  O  O   . LEU A 1 47  ? -2.820  -14.704 -0.579  1.00 15.80  ? 36  LEU A O   1 
ATOM   215  C  CB  . LEU A 1 47  ? -3.727  -12.374 1.607   1.00 12.78  ? 36  LEU A CB  1 
ATOM   216  C  CG  . LEU A 1 47  ? -3.390  -11.696 2.960   1.00 17.87  ? 36  LEU A CG  1 
ATOM   217  C  CD1 . LEU A 1 47  ? -4.656  -11.484 3.787   1.00 18.72  ? 36  LEU A CD1 1 
ATOM   218  C  CD2 . LEU A 1 47  ? -2.428  -12.598 3.739   1.00 20.02  ? 36  LEU A CD2 1 
ATOM   219  N  N   . THR A 1 48  ? -3.731  -12.855 -1.531  1.00 14.37  ? 37  THR A N   1 
ATOM   220  C  CA  . THR A 1 48  ? -4.238  -13.594 -2.631  1.00 14.26  ? 37  THR A CA  1 
ATOM   221  C  C   . THR A 1 48  ? -3.105  -14.122 -3.491  1.00 16.03  ? 37  THR A C   1 
ATOM   222  O  O   . THR A 1 48  ? -3.111  -15.283 -3.891  1.00 16.50  ? 37  THR A O   1 
ATOM   223  C  CB  . THR A 1 48  ? -5.130  -12.657 -3.485  1.00 14.22  ? 37  THR A CB  1 
ATOM   224  O  OG1 . THR A 1 48  ? -6.227  -12.201 -2.685  1.00 16.43  ? 37  THR A OG1 1 
ATOM   225  C  CG2 . THR A 1 48  ? -5.819  -13.469 -4.661  1.00 14.38  ? 37  THR A CG2 1 
ATOM   226  N  N   . LEU A 1 49  ? -2.071  -13.286 -3.746  1.00 15.89  ? 38  LEU A N   1 
ATOM   227  C  CA  . LEU A 1 49  ? -0.955  -13.754 -4.540  1.00 14.38  ? 38  LEU A CA  1 
ATOM   228  C  C   . LEU A 1 49  ? -0.082  -14.744 -3.817  1.00 14.40  ? 38  LEU A C   1 
ATOM   229  O  O   . LEU A 1 49  ? 0.518   -15.596 -4.487  1.00 16.08  ? 38  LEU A O   1 
ATOM   230  C  CB  . LEU A 1 49  ? -0.131  -12.595 -5.044  1.00 15.64  ? 38  LEU A CB  1 
ATOM   231  C  CG  . LEU A 1 49  ? -0.997  -11.732 -5.973  1.00 15.50  ? 38  LEU A CG  1 
ATOM   232  C  CD1 . LEU A 1 49  ? -0.173  -10.463 -6.351  1.00 20.94  ? 38  LEU A CD1 1 
ATOM   233  C  CD2 . LEU A 1 49  ? -1.442  -12.524 -7.146  1.00 20.47  ? 38  LEU A CD2 1 
ATOM   234  N  N   . TYR A 1 50  ? -0.013  -14.628 -2.492  1.00 15.62  ? 39  TYR A N   1 
ATOM   235  C  CA  . TYR A 1 50  ? 0.690   -15.650 -1.691  1.00 17.29  ? 39  TYR A CA  1 
ATOM   236  C  C   . TYR A 1 50  ? 0.018   -17.024 -1.851  1.00 18.36  ? 39  TYR A C   1 
ATOM   237  O  O   . TYR A 1 50  ? 0.712   -18.046 -2.089  1.00 18.85  ? 39  TYR A O   1 
ATOM   238  C  CB  . TYR A 1 50  ? 0.816   -15.310 -0.218  1.00 17.98  ? 39  TYR A CB  1 
ATOM   239  C  CG  . TYR A 1 50  ? 1.520   -16.388 0.569   1.00 19.01  ? 39  TYR A CG  1 
ATOM   240  C  CD1 . TYR A 1 50  ? 0.797   -17.239 1.445   1.00 23.52  ? 39  TYR A CD1 1 
ATOM   241  C  CD2 . TYR A 1 50  ? 2.869   -16.673 0.336   1.00 17.66  ? 39  TYR A CD2 1 
ATOM   242  C  CE1 . TYR A 1 50  ? 1.447   -18.307 2.150   1.00 28.30  ? 39  TYR A CE1 1 
ATOM   243  C  CE2 . TYR A 1 50  ? 3.526   -17.702 1.064   1.00 23.48  ? 39  TYR A CE2 1 
ATOM   244  C  CZ  . TYR A 1 50  ? 2.806   -18.512 1.935   1.00 26.22  ? 39  TYR A CZ  1 
ATOM   245  O  OH  . TYR A 1 50  ? 3.465   -19.554 2.589   1.00 26.47  ? 39  TYR A OH  1 
ATOM   246  N  N   . ASN A 1 51  ? -1.294  -17.059 -1.680  1.00 18.46  ? 40  ASN A N   1 
ATOM   247  C  CA  . ASN A 1 51  ? -2.043  -18.298 -1.906  1.00 18.10  ? 40  ASN A CA  1 
ATOM   248  C  C   . ASN A 1 51  ? -1.912  -18.895 -3.287  1.00 19.39  ? 40  ASN A C   1 
ATOM   249  O  O   . ASN A 1 51  ? -2.030  -20.144 -3.494  1.00 19.33  ? 40  ASN A O   1 
ATOM   250  C  CB  . ASN A 1 51  ? -3.506  -18.067 -1.550  1.00 16.21  ? 40  ASN A CB  1 
ATOM   251  C  CG  . ASN A 1 51  ? -3.717  -18.050 -0.053  1.00 21.09  ? 40  ASN A CG  1 
ATOM   252  O  OD1 . ASN A 1 51  ? -2.922  -18.666 0.677   1.00 22.68  ? 40  ASN A OD1 1 
ATOM   253  N  ND2 . ASN A 1 51  ? -4.782  -17.327 0.434   1.00 20.69  ? 40  ASN A ND2 1 
ATOM   254  N  N   . LYS A 1 52  ? -1.703  -18.033 -4.288  1.00 17.77  ? 41  LYS A N   1 
ATOM   255  C  CA  . LYS A 1 52  ? -1.384  -18.568 -5.580  1.00 19.77  ? 41  LYS A CA  1 
ATOM   256  C  C   . LYS A 1 52  ? 0.016   -19.091 -5.800  1.00 19.57  ? 41  LYS A C   1 
ATOM   257  O  O   . LYS A 1 52  ? 0.179   -20.219 -6.312  1.00 19.04  ? 41  LYS A O   1 
ATOM   258  C  CB  . LYS A 1 52  ? -1.818  -17.547 -6.654  1.00 19.55  ? 41  LYS A CB  1 
ATOM   259  C  CG  . LYS A 1 52  ? -1.334  -17.795 -8.042  1.00 21.53  ? 41  LYS A CG  1 
ATOM   260  C  CD  . LYS A 1 52  ? -1.968  -18.966 -8.719  1.00 21.02  ? 41  LYS A CD  1 
ATOM   261  C  CE  . LYS A 1 52  ? -1.528  -19.025 -10.171 1.00 23.68  ? 41  LYS A CE  1 
ATOM   262  N  NZ  . LYS A 1 52  ? -2.236  -20.169 -10.819 1.00 31.29  ? 41  LYS A NZ  1 
ATOM   263  N  N   . TRP A 1 53  ? 1.016   -18.263 -5.471  1.00 17.77  ? 42  TRP A N   1 
ATOM   264  C  CA  . TRP A 1 53  ? 2.379   -18.507 -5.947  1.00 18.62  ? 42  TRP A CA  1 
ATOM   265  C  C   . TRP A 1 53  ? 3.253   -19.061 -4.807  1.00 17.91  ? 42  TRP A C   1 
ATOM   266  O  O   . TRP A 1 53  ? 4.298   -19.694 -5.069  1.00 19.44  ? 42  TRP A O   1 
ATOM   267  C  CB  . TRP A 1 53  ? 3.017   -17.219 -6.540  1.00 18.27  ? 42  TRP A CB  1 
ATOM   268  C  CG  . TRP A 1 53  ? 2.384   -16.798 -7.842  1.00 18.47  ? 42  TRP A CG  1 
ATOM   269  C  CD1 . TRP A 1 53  ? 1.681   -15.676 -8.057  1.00 17.26  ? 42  TRP A CD1 1 
ATOM   270  C  CD2 . TRP A 1 53  ? 2.355   -17.536 -9.050  1.00 21.37  ? 42  TRP A CD2 1 
ATOM   271  N  NE1 . TRP A 1 53  ? 1.204   -15.643 -9.333  1.00 21.64  ? 42  TRP A NE1 1 
ATOM   272  C  CE2 . TRP A 1 53  ? 1.650   -16.770 -9.986  1.00 21.34  ? 42  TRP A CE2 1 
ATOM   273  C  CE3 . TRP A 1 53  ? 2.889   -18.762 -9.447  1.00 22.62  ? 42  TRP A CE3 1 
ATOM   274  C  CZ2 . TRP A 1 53  ? 1.408   -17.219 -11.274 1.00 21.40  ? 42  TRP A CZ2 1 
ATOM   275  C  CZ3 . TRP A 1 53  ? 2.683   -19.188 -10.752 1.00 23.90  ? 42  TRP A CZ3 1 
ATOM   276  C  CH2 . TRP A 1 53  ? 1.951   -18.426 -11.642 1.00 24.14  ? 42  TRP A CH2 1 
ATOM   277  N  N   . LYS A 1 54  ? 2.863   -18.796 -3.566  1.00 20.08  ? 43  LYS A N   1 
ATOM   278  C  CA  . LYS A 1 54  ? 3.582   -19.324 -2.348  1.00 19.95  ? 43  LYS A CA  1 
ATOM   279  C  C   . LYS A 1 54  ? 4.994   -18.736 -2.235  1.00 22.10  ? 43  LYS A C   1 
ATOM   280  O  O   . LYS A 1 54  ? 5.898   -19.352 -1.662  1.00 22.33  ? 43  LYS A O   1 
ATOM   281  C  CB  . LYS A 1 54  ? 3.591   -20.890 -2.280  1.00 22.72  ? 43  LYS A CB  1 
ATOM   282  C  CG  . LYS A 1 54  ? 2.197   -21.521 -2.095  1.00 23.04  ? 43  LYS A CG  1 
ATOM   283  C  CD  . LYS A 1 54  ? 1.424   -20.768 -1.065  1.00 33.31  ? 43  LYS A CD  1 
ATOM   284  C  CE  . LYS A 1 54  ? 1.253   -21.524 0.163   1.00 37.60  ? 43  LYS A CE  1 
ATOM   285  N  NZ  . LYS A 1 54  ? 0.041   -22.378 -0.141  1.00 38.30  ? 43  LYS A NZ  1 
ATOM   286  N  N   . LEU A 1 55  ? 5.192   -17.539 -2.774  1.00 21.45  ? 44  LEU A N   1 
ATOM   287  C  CA  . LEU A 1 55  ? 6.456   -16.837 -2.572  1.00 22.31  ? 44  LEU A CA  1 
ATOM   288  C  C   . LEU A 1 55  ? 6.367   -16.090 -1.256  1.00 20.87  ? 44  LEU A C   1 
ATOM   289  O  O   . LEU A 1 55  ? 5.455   -15.273 -1.019  1.00 19.52  ? 44  LEU A O   1 
ATOM   290  C  CB  . LEU A 1 55  ? 6.743   -15.827 -3.717  1.00 22.08  ? 44  LEU A CB  1 
ATOM   291  C  CG  . LEU A 1 55  ? 6.735   -16.448 -5.110  1.00 27.65  ? 44  LEU A CG  1 
ATOM   292  C  CD1 . LEU A 1 55  ? 7.012   -15.425 -6.114  1.00 25.62  ? 44  LEU A CD1 1 
ATOM   293  C  CD2 . LEU A 1 55  ? 7.849   -17.503 -5.150  1.00 27.22  ? 44  LEU A CD2 1 
ATOM   294  N  N   . GLN A 1 56  ? 7.342   -16.343 -0.399  1.00 21.13  ? 45  GLN A N   1 
ATOM   295  C  CA  . GLN A 1 56  ? 7.318   -15.891 0.984   1.00 22.90  ? 45  GLN A CA  1 
ATOM   296  C  C   . GLN A 1 56  ? 7.207   -14.358 1.043   1.00 19.84  ? 45  GLN A C   1 
ATOM   297  O  O   . GLN A 1 56  ? 6.593   -13.822 1.982   1.00 19.64  ? 45  GLN A O   1 
ATOM   298  C  CB  . GLN A 1 56  ? 8.639   -16.281 1.638   1.00 22.92  ? 45  GLN A CB  1 
ATOM   299  C  CG  . GLN A 1 56  ? 8.798   -16.040 3.140   1.00 28.50  ? 45  GLN A CG  1 
ATOM   300  C  CD  . GLN A 1 56  ? 7.780   -16.821 3.971   1.00 33.69  ? 45  GLN A CD  1 
ATOM   301  O  OE1 . GLN A 1 56  ? 7.387   -17.956 3.627   1.00 37.00  ? 45  GLN A OE1 1 
ATOM   302  N  NE2 . GLN A 1 56  ? 7.305   -16.190 5.034   1.00 36.52  ? 45  GLN A NE2 1 
ATOM   303  N  N   . ILE A 1 57  ? 7.799   -13.680 0.066   1.00 18.87  ? 46  ILE A N   1 
ATOM   304  C  CA  . ILE A 1 57  ? 7.703   -12.202 0.109   1.00 18.39  ? 46  ILE A CA  1 
ATOM   305  C  C   . ILE A 1 57  ? 6.241   -11.751 0.270   1.00 17.15  ? 46  ILE A C   1 
ATOM   306  O  O   . ILE A 1 57  ? 5.998   -10.829 1.047   1.00 16.56  ? 46  ILE A O   1 
ATOM   307  C  CB  . ILE A 1 57  ? 8.373   -11.514 -1.110  1.00 18.68  ? 46  ILE A CB  1 
ATOM   308  C  CG1 . ILE A 1 57  ? 8.235   -9.980  -1.001  1.00 19.63  ? 46  ILE A CG1 1 
ATOM   309  C  CG2 . ILE A 1 57  ? 7.794   -11.978 -2.409  1.00 15.84  ? 46  ILE A CG2 1 
ATOM   310  C  CD1 . ILE A 1 57  ? 9.175   -9.246  -2.023  1.00 21.51  ? 46  ILE A CD1 1 
ATOM   311  N  N   . PHE A 1 58  ? 5.282   -12.358 -0.451  1.00 18.04  ? 47  PHE A N   1 
ATOM   312  C  CA  . PHE A 1 58  ? 3.836   -11.903 -0.302  1.00 17.61  ? 47  PHE A CA  1 
ATOM   313  C  C   . PHE A 1 58  ? 3.289   -12.146 1.103   1.00 17.43  ? 47  PHE A C   1 
ATOM   314  O  O   . PHE A 1 58  ? 2.577   -11.343 1.657   1.00 16.79  ? 47  PHE A O   1 
ATOM   315  C  CB  . PHE A 1 58  ? 2.951   -12.595 -1.331  1.00 18.63  ? 47  PHE A CB  1 
ATOM   316  C  CG  . PHE A 1 58  ? 3.276   -12.190 -2.699  1.00 16.31  ? 47  PHE A CG  1 
ATOM   317  C  CD1 . PHE A 1 58  ? 3.046   -10.854 -3.082  1.00 18.47  ? 47  PHE A CD1 1 
ATOM   318  C  CD2 . PHE A 1 58  ? 3.867   -13.077 -3.613  1.00 20.69  ? 47  PHE A CD2 1 
ATOM   319  C  CE1 . PHE A 1 58  ? 3.375   -10.427 -4.387  1.00 22.33  ? 47  PHE A CE1 1 
ATOM   320  C  CE2 . PHE A 1 58  ? 4.161   -12.657 -4.961  1.00 23.98  ? 47  PHE A CE2 1 
ATOM   321  C  CZ  . PHE A 1 58  ? 3.926   -11.335 -5.318  1.00 20.67  ? 47  PHE A CZ  1 
ATOM   322  N  N   . LYS A 1 59  ? 3.627   -13.284 1.710   1.00 18.23  ? 48  LYS A N   1 
ATOM   323  C  CA  . LYS A 1 59  ? 3.213   -13.510 3.106   1.00 19.93  ? 48  LYS A CA  1 
ATOM   324  C  C   . LYS A 1 59  ? 3.817   -12.463 4.061   1.00 20.37  ? 48  LYS A C   1 
ATOM   325  O  O   . LYS A 1 59  ? 3.099   -11.812 4.876   1.00 20.25  ? 48  LYS A O   1 
ATOM   326  C  CB  . LYS A 1 59  ? 3.590   -14.933 3.531   1.00 22.26  ? 48  LYS A CB  1 
ATOM   327  C  CG  . LYS A 1 59  ? 3.262   -15.176 4.982   1.00 21.96  ? 48  LYS A CG  1 
ATOM   328  C  CD  . LYS A 1 59  ? 3.538   -16.670 5.389   1.00 28.13  ? 48  LYS A CD  1 
ATOM   329  C  CE  . LYS A 1 59  ? 3.553   -16.857 6.892   1.00 31.65  ? 48  LYS A CE  1 
ATOM   330  N  NZ  . LYS A 1 59  ? 3.843   -18.309 7.175   1.00 36.88  ? 48  LYS A NZ  1 
ATOM   331  N  N   . ASN A 1 60  ? 5.132   -12.250 3.929   1.00 17.61  ? 49  ASN A N   1 
ATOM   332  C  CA  . ASN A 1 60  ? 5.838   -11.340 4.804   1.00 18.18  ? 49  ASN A CA  1 
ATOM   333  C  C   . ASN A 1 60  ? 5.289   -9.927  4.720   1.00 16.23  ? 49  ASN A C   1 
ATOM   334  O  O   . ASN A 1 60  ? 4.999   -9.258  5.732   1.00 14.60  ? 49  ASN A O   1 
ATOM   335  C  CB  . ASN A 1 60  ? 7.349   -11.322 4.438   1.00 19.08  ? 49  ASN A CB  1 
ATOM   336  C  CG  . ASN A 1 60  ? 8.094   -12.532 4.936   1.00 25.24  ? 49  ASN A CG  1 
ATOM   337  O  OD1 . ASN A 1 60  ? 7.586   -13.296 5.765   1.00 29.54  ? 49  ASN A OD1 1 
ATOM   338  N  ND2 . ASN A 1 60  ? 9.313   -12.698 4.440   1.00 28.99  ? 49  ASN A ND2 1 
ATOM   339  N  N   . ILE A 1 61  ? 5.111   -9.457  3.454   1.00 14.90  ? 50  ILE A N   1 
ATOM   340  C  CA  . ILE A 1 61  ? 4.639   -8.099  3.275   1.00 17.08  ? 50  ILE A CA  1 
ATOM   341  C  C   . ILE A 1 61  ? 3.134   -7.988  3.615   1.00 15.20  ? 50  ILE A C   1 
ATOM   342  O  O   . ILE A 1 61  ? 2.715   -6.971  4.145   1.00 16.03  ? 50  ILE A O   1 
ATOM   343  C  CB  . ILE A 1 61  ? 5.024   -7.522  1.863   1.00 16.86  ? 50  ILE A CB  1 
ATOM   344  C  CG1 . ILE A 1 61  ? 6.583   -7.617  1.724   1.00 17.75  ? 50  ILE A CG1 1 
ATOM   345  C  CG2 . ILE A 1 61  ? 4.579   -6.004  1.722   1.00 15.43  ? 50  ILE A CG2 1 
ATOM   346  C  CD1 . ILE A 1 61  ? 7.265   -6.971  0.500   1.00 17.18  ? 50  ILE A CD1 1 
ATOM   347  N  N   . ALA A 1 62  ? 2.309   -9.001  3.296   1.00 15.05  ? 51  ALA A N   1 
ATOM   348  C  CA  . ALA A 1 62  ? 0.982   -8.946  3.836   1.00 14.39  ? 51  ALA A CA  1 
ATOM   349  C  C   . ALA A 1 62  ? 0.883   -8.691  5.309   1.00 14.92  ? 51  ALA A C   1 
ATOM   350  O  O   . ALA A 1 62  ? -0.042  -8.004  5.768   1.00 14.48  ? 51  ALA A O   1 
ATOM   351  C  CB  . ALA A 1 62  ? 0.186   -10.205 3.441   1.00 15.28  ? 51  ALA A CB  1 
ATOM   352  N  N   . GLU A 1 63  ? 1.790   -9.338  6.096   1.00 15.76  ? 52  GLU A N   1 
ATOM   353  C  CA  . GLU A 1 63  ? 1.745   -9.071  7.490   1.00 17.05  ? 52  GLU A CA  1 
ATOM   354  C  C   . GLU A 1 63  ? 2.060   -7.620  7.852   1.00 17.21  ? 52  GLU A C   1 
ATOM   355  O  O   . GLU A 1 63  ? 1.459   -7.029  8.761   1.00 14.76  ? 52  GLU A O   1 
ATOM   356  C  CB  . GLU A 1 63  ? 2.791   -10.001 8.202   1.00 19.32  ? 52  GLU A CB  1 
ATOM   357  C  CG  . GLU A 1 63  ? 2.486   -11.526 8.060   1.00 24.73  ? 52  GLU A CG  1 
ATOM   358  C  CD  . GLU A 1 63  ? 3.648   -12.472 8.646   1.00 32.61  ? 52  GLU A CD  1 
ATOM   359  O  OE1 . GLU A 1 63  ? 3.468   -13.716 8.638   1.00 35.04  ? 52  GLU A OE1 1 
ATOM   360  O  OE2 . GLU A 1 63  ? 4.716   -11.965 9.110   1.00 35.17  ? 52  GLU A OE2 1 
ATOM   361  N  N   . SER A 1 64  ? 3.021   -7.059  7.121   1.00 16.23  ? 53  SER A N   1 
ATOM   362  C  CA  . SER A 1 64  ? 3.362   -5.651  7.294   1.00 17.20  ? 53  SER A CA  1 
ATOM   363  C  C   . SER A 1 64  ? 2.125   -4.788  6.954   1.00 15.70  ? 53  SER A C   1 
ATOM   364  O  O   . SER A 1 64  ? 1.831   -3.845  7.637   1.00 13.62  ? 53  SER A O   1 
ATOM   365  C  CB  . SER A 1 64  ? 4.557   -5.248  6.457   1.00 15.70  ? 53  SER A CB  1 
ATOM   366  O  OG  . SER A 1 64  ? 4.822   -3.848  6.634   1.00 16.29  ? 53  SER A OG  1 
ATOM   367  N  N   . GLU A 1 65  ? 1.394   -5.163  5.885   1.00 15.28  ? 54  GLU A N   1 
ATOM   368  C  CA  . GLU A 1 65  ? 0.159   -4.363  5.522   1.00 14.96  ? 54  GLU A CA  1 
ATOM   369  C  C   . GLU A 1 65  ? -0.907  -4.456  6.593   1.00 14.14  ? 54  GLU A C   1 
ATOM   370  O  O   . GLU A 1 65  ? -1.639  -3.492  6.830   1.00 14.98  ? 54  GLU A O   1 
ATOM   371  C  CB  . GLU A 1 65  ? -0.453  -4.773  4.167   1.00 15.88  ? 54  GLU A CB  1 
ATOM   372  C  CG  . GLU A 1 65  ? 0.540   -4.761  2.939   1.00 15.65  ? 54  GLU A CG  1 
ATOM   373  C  CD  . GLU A 1 65  ? 1.248   -3.337  2.728   1.00 14.09  ? 54  GLU A CD  1 
ATOM   374  O  OE1 . GLU A 1 65  ? 0.885   -2.362  3.377   1.00 12.75  ? 54  GLU A OE1 1 
ATOM   375  O  OE2 . GLU A 1 65  ? 2.118   -3.291  1.835   1.00 16.46  ? 54  GLU A OE2 1 
ATOM   376  N  N   . GLN A 1 66  ? -1.029  -5.605  7.259   1.00 13.68  ? 55  GLN A N   1 
ATOM   377  C  CA  . GLN A 1 66  ? -1.931  -5.703  8.385   1.00 13.84  ? 55  GLN A CA  1 
ATOM   378  C  C   . GLN A 1 66  ? -1.516  -4.666  9.487   1.00 13.97  ? 55  GLN A C   1 
ATOM   379  O  O   . GLN A 1 66  ? -2.397  -4.003  10.064  1.00 13.71  ? 55  GLN A O   1 
ATOM   380  C  CB  . GLN A 1 66  ? -1.946  -7.144  8.924   1.00 14.30  ? 55  GLN A CB  1 
ATOM   381  C  CG  . GLN A 1 66  ? -2.919  -7.249  10.048  1.00 16.72  ? 55  GLN A CG  1 
ATOM   382  C  CD  . GLN A 1 66  ? -4.370  -7.034  9.585   1.00 14.33  ? 55  GLN A CD  1 
ATOM   383  O  OE1 . GLN A 1 66  ? -4.941  -7.907  8.864   1.00 16.63  ? 55  GLN A OE1 1 
ATOM   384  N  NE2 . GLN A 1 66  ? -4.996  -5.959  10.060  1.00 16.21  ? 55  GLN A NE2 1 
ATOM   385  N  N   . THR A 1 67  ? -0.234  -4.610  9.806   1.00 16.33  ? 56  THR A N   1 
ATOM   386  C  CA  . THR A 1 67  ? 0.330   -3.563  10.727  1.00 17.47  ? 56  THR A CA  1 
ATOM   387  C  C   . THR A 1 67  ? -0.052  -2.142  10.288  1.00 16.88  ? 56  THR A C   1 
ATOM   388  O  O   . THR A 1 67  ? -0.568  -1.356  11.091  1.00 15.67  ? 56  THR A O   1 
ATOM   389  C  CB  . THR A 1 67  ? 1.831   -3.725  10.863  1.00 18.99  ? 56  THR A CB  1 
ATOM   390  O  OG1 . THR A 1 67  ? 2.037   -5.029  11.370  1.00 19.50  ? 56  THR A OG1 1 
ATOM   391  C  CG2 . THR A 1 67  ? 2.413   -2.747  11.937  1.00 20.13  ? 56  THR A CG2 1 
ATOM   392  N  N   . HIS A 1 68  ? 0.143   -1.868  8.999   1.00 16.47  ? 57  HIS A N   1 
ATOM   393  C  CA  . HIS A 1 68  ? -0.265  -0.584  8.442   1.00 15.54  ? 57  HIS A CA  1 
ATOM   394  C  C   . HIS A 1 68  ? -1.773  -0.314  8.574   1.00 14.51  ? 57  HIS A C   1 
ATOM   395  O  O   . HIS A 1 68  ? -2.179  0.786   8.973   1.00 14.71  ? 57  HIS A O   1 
ATOM   396  C  CB  . HIS A 1 68  ? 0.150   -0.546  6.977   1.00 15.14  ? 57  HIS A CB  1 
ATOM   397  C  CG  . HIS A 1 68  ? 1.642   -0.473  6.785   1.00 16.28  ? 57  HIS A CG  1 
ATOM   398  N  ND1 . HIS A 1 68  ? 2.249   -0.579  5.543   1.00 10.16  ? 57  HIS A ND1 1 
ATOM   399  C  CD2 . HIS A 1 68  ? 2.650   -0.433  7.686   1.00 17.11  ? 57  HIS A CD2 1 
ATOM   400  C  CE1 . HIS A 1 68  ? 3.554   -0.452  5.677   1.00 18.27  ? 57  HIS A CE1 1 
ATOM   401  N  NE2 . HIS A 1 68  ? 3.828   -0.422  6.977   1.00 19.63  ? 57  HIS A NE2 1 
ATOM   402  N  N   . MET A 1 69  ? -2.614  -1.262  8.199   1.00 14.62  ? 58  MET A N   1 
ATOM   403  C  CA  . MET A 1 69  ? -4.061  -1.175  8.432   1.00 14.48  ? 58  MET A CA  1 
ATOM   404  C  C   . MET A 1 69  ? -4.408  -0.802  9.869   1.00 16.81  ? 58  MET A C   1 
ATOM   405  O  O   . MET A 1 69  ? -5.278  0.042   10.136  1.00 16.29  ? 58  MET A O   1 
ATOM   406  C  CB  . MET A 1 69  ? -4.735  -2.528  8.150   1.00 15.38  ? 58  MET A CB  1 
ATOM   407  C  CG  . MET A 1 69  ? -4.883  -2.769  6.620   1.00 16.78  ? 58  MET A CG  1 
ATOM   408  S  SD  . MET A 1 69  ? -5.745  -4.327  6.357   1.00 16.73  ? 58  MET A SD  1 
ATOM   409  C  CE  . MET A 1 69  ? -7.375  -4.024  7.006   1.00 16.61  ? 58  MET A CE  1 
ATOM   410  N  N   . ASP A 1 70  ? -3.706  -1.445  10.793  1.00 15.49  ? 59  ASP A N   1 
ATOM   411  C  CA  . ASP A 1 70  ? -4.003  -1.247  12.204  1.00 17.39  ? 59  ASP A CA  1 
ATOM   412  C  C   . ASP A 1 70  ? -3.602  0.186   12.641  1.00 16.14  ? 59  ASP A C   1 
ATOM   413  O  O   . ASP A 1 70  ? -4.280  0.817   13.450  1.00 17.20  ? 59  ASP A O   1 
ATOM   414  C  CB  . ASP A 1 70  ? -3.156  -2.235  13.074  1.00 17.60  ? 59  ASP A CB  1 
ATOM   415  C  CG  . ASP A 1 70  ? -3.632  -3.679  13.017  1.00 21.36  ? 59  ASP A CG  1 
ATOM   416  O  OD1 . ASP A 1 70  ? -4.609  -4.049  12.320  1.00 20.02  ? 59  ASP A OD1 1 
ATOM   417  O  OD2 . ASP A 1 70  ? -2.925  -4.496  13.696  1.00 25.50  ? 59  ASP A OD2 1 
ATOM   418  N  N   . ALA A 1 71  ? -2.481  0.649   12.123  1.00 16.88  ? 60  ALA A N   1 
ATOM   419  C  CA  . ALA A 1 71  ? -2.065  2.009   12.356  1.00 18.40  ? 60  ALA A CA  1 
ATOM   420  C  C   . ALA A 1 71  ? -3.097  3.041   11.919  1.00 17.76  ? 60  ALA A C   1 
ATOM   421  O  O   . ALA A 1 71  ? -3.386  3.965   12.678  1.00 18.47  ? 60  ALA A O   1 
ATOM   422  C  CB  . ALA A 1 71  ? -0.710  2.269   11.750  1.00 17.99  ? 60  ALA A CB  1 
ATOM   423  N  N   . VAL A 1 72  ? -3.675  2.859   10.711  1.00 15.58  ? 61  VAL A N   1 
ATOM   424  C  CA  . VAL A 1 72  ? -4.740  3.786   10.265  1.00 15.80  ? 61  VAL A CA  1 
ATOM   425  C  C   . VAL A 1 72  ? -5.965  3.703   11.168  1.00 17.64  ? 61  VAL A C   1 
ATOM   426  O  O   . VAL A 1 72  ? -6.502  4.722   11.611  1.00 15.07  ? 61  VAL A O   1 
ATOM   427  C  CB  . VAL A 1 72  ? -5.054  3.654   8.761   1.00 17.54  ? 61  VAL A CB  1 
ATOM   428  C  CG1 . VAL A 1 72  ? -6.000  4.772   8.318   1.00 15.26  ? 61  VAL A CG1 1 
ATOM   429  C  CG2 . VAL A 1 72  ? -3.744  3.799   7.956   1.00 15.60  ? 61  VAL A CG2 1 
ATOM   430  N  N   . LYS A 1 73  ? -6.348  2.462   11.486  1.00 15.94  ? 62  LYS A N   1 
ATOM   431  C  CA  . LYS A 1 73  ? -7.505  2.189   12.390  1.00 16.57  ? 62  LYS A CA  1 
ATOM   432  C  C   . LYS A 1 73  ? -7.304  2.881   13.771  1.00 17.58  ? 62  LYS A C   1 
ATOM   433  O  O   . LYS A 1 73  ? -8.236  3.470   14.313  1.00 16.83  ? 62  LYS A O   1 
ATOM   434  C  CB  . LYS A 1 73  ? -7.690  0.654   12.489  1.00 16.78  ? 62  LYS A CB  1 
ATOM   435  C  CG  . LYS A 1 73  ? -8.737  0.196   13.473  1.00 22.82  ? 62  LYS A CG  1 
ATOM   436  C  CD  . LYS A 1 73  ? -10.109 0.533   13.039  1.00 32.11  ? 62  LYS A CD  1 
ATOM   437  C  CE  . LYS A 1 73  ? -11.068 -0.562  13.573  1.00 34.74  ? 62  LYS A CE  1 
ATOM   438  N  NZ  . LYS A 1 73  ? -12.470 -0.100  13.332  1.00 36.91  ? 62  LYS A NZ  1 
ATOM   439  N  N   . TYR A 1 74  ? -6.109  2.859   14.327  1.00 17.95  ? 63  TYR A N   1 
ATOM   440  C  CA  . TYR A 1 74  ? -5.898  3.571   15.586  1.00 18.59  ? 63  TYR A CA  1 
ATOM   441  C  C   . TYR A 1 74  ? -6.241  5.062   15.482  1.00 18.63  ? 63  TYR A C   1 
ATOM   442  O  O   . TYR A 1 74  ? -6.883  5.616   16.396  1.00 18.41  ? 63  TYR A O   1 
ATOM   443  C  CB  . TYR A 1 74  ? -4.457  3.425   16.006  1.00 17.81  ? 63  TYR A CB  1 
ATOM   444  C  CG  . TYR A 1 74  ? -4.114  4.195   17.225  1.00 19.65  ? 63  TYR A CG  1 
ATOM   445  C  CD1 . TYR A 1 74  ? -3.374  5.371   17.154  1.00 19.83  ? 63  TYR A CD1 1 
ATOM   446  C  CD2 . TYR A 1 74  ? -4.491  3.707   18.509  1.00 17.45  ? 63  TYR A CD2 1 
ATOM   447  C  CE1 . TYR A 1 74  ? -3.052  6.079   18.318  1.00 23.05  ? 63  TYR A CE1 1 
ATOM   448  C  CE2 . TYR A 1 74  ? -4.168  4.418   19.661  1.00 19.18  ? 63  TYR A CE2 1 
ATOM   449  C  CZ  . TYR A 1 74  ? -3.442  5.594   19.570  1.00 24.53  ? 63  TYR A CZ  1 
ATOM   450  O  OH  . TYR A 1 74  ? -3.129  6.231   20.785  1.00 26.37  ? 63  TYR A OH  1 
ATOM   451  N  N   . LEU A 1 75  ? -5.923  5.681   14.338  1.00 19.02  ? 64  LEU A N   1 
ATOM   452  C  CA  . LEU A 1 75  ? -6.323  7.095   14.137  1.00 19.49  ? 64  LEU A CA  1 
ATOM   453  C  C   . LEU A 1 75  ? -7.795  7.305   13.874  1.00 19.27  ? 64  LEU A C   1 
ATOM   454  O  O   . LEU A 1 75  ? -8.384  8.276   14.346  1.00 18.69  ? 64  LEU A O   1 
ATOM   455  C  CB  . LEU A 1 75  ? -5.538  7.716   12.970  1.00 21.14  ? 64  LEU A CB  1 
ATOM   456  C  CG  . LEU A 1 75  ? -4.261  8.536   13.256  1.00 26.95  ? 64  LEU A CG  1 
ATOM   457  C  CD1 . LEU A 1 75  ? -3.716  8.442   14.644  1.00 28.72  ? 64  LEU A CD1 1 
ATOM   458  C  CD2 . LEU A 1 75  ? -3.163  8.557   12.130  1.00 29.96  ? 64  LEU A CD2 1 
ATOM   459  N  N   . LEU A 1 76  ? -8.396  6.434   13.085  1.00 17.78  ? 65  LEU A N   1 
ATOM   460  C  CA  . LEU A 1 76  ? -9.838  6.443   12.915  1.00 19.49  ? 65  LEU A CA  1 
ATOM   461  C  C   . LEU A 1 76  ? -10.536 6.391   14.256  1.00 20.25  ? 65  LEU A C   1 
ATOM   462  O  O   . LEU A 1 76  ? -11.484 7.137   14.502  1.00 21.37  ? 65  LEU A O   1 
ATOM   463  C  CB  . LEU A 1 76  ? -10.342 5.269   12.031  1.00 18.69  ? 65  LEU A CB  1 
ATOM   464  C  CG  . LEU A 1 76  ? -9.852  5.268   10.558  1.00 15.71  ? 65  LEU A CG  1 
ATOM   465  C  CD1 . LEU A 1 76  ? -10.351 4.011   9.839   1.00 19.68  ? 65  LEU A CD1 1 
ATOM   466  C  CD2 . LEU A 1 76  ? -10.393 6.497   9.806   1.00 15.01  ? 65  LEU A CD2 1 
ATOM   467  N  N   . GLU A 1 77  ? -10.038 5.532   15.155  1.00 19.28  ? 66  GLU A N   1 
ATOM   468  C  CA  . GLU A 1 77  ? -10.686 5.403   16.489  1.00 20.43  ? 66  GLU A CA  1 
ATOM   469  C  C   . GLU A 1 77  ? -10.407 6.557   17.356  1.00 20.57  ? 66  GLU A C   1 
ATOM   470  O  O   . GLU A 1 77  ? -11.279 7.010   18.076  1.00 19.54  ? 66  GLU A O   1 
ATOM   471  C  CB  . GLU A 1 77  ? -10.264 4.143   17.180  1.00 21.06  ? 66  GLU A CB  1 
ATOM   472  C  CG  . GLU A 1 77  ? -10.949 2.919   16.504  1.00 25.00  ? 66  GLU A CG  1 
ATOM   473  C  CD  . GLU A 1 77  ? -10.575 1.653   17.168  1.00 29.07  ? 66  GLU A CD  1 
ATOM   474  O  OE1 . GLU A 1 77  ? -9.692  1.676   18.038  1.00 38.11  ? 66  GLU A OE1 1 
ATOM   475  O  OE2 . GLU A 1 77  ? -11.158 0.624   16.833  1.00 36.20  ? 66  GLU A OE2 1 
ATOM   476  N  N   . LYS A 1 78  ? -9.208  7.051   17.236  1.00 20.68  ? 67  LYS A N   1 
ATOM   477  C  CA  . LYS A 1 78  ? -8.872  8.262   18.015  1.00 22.78  ? 67  LYS A CA  1 
ATOM   478  C  C   . LYS A 1 78  ? -9.846  9.418   17.785  1.00 21.88  ? 67  LYS A C   1 
ATOM   479  O  O   . LYS A 1 78  ? -10.244 10.095  18.738  1.00 20.99  ? 67  LYS A O   1 
ATOM   480  C  CB  . LYS A 1 78  ? -7.447  8.674   17.702  1.00 23.45  ? 67  LYS A CB  1 
ATOM   481  C  CG  . LYS A 1 78  ? -6.999  9.891   18.535  1.00 28.14  ? 67  LYS A CG  1 
ATOM   482  C  CD  . LYS A 1 78  ? -5.491  10.132  18.520  1.00 33.65  ? 67  LYS A CD  1 
ATOM   483  C  CE  . LYS A 1 78  ? -5.216  11.443  19.314  1.00 37.52  ? 67  LYS A CE  1 
ATOM   484  N  NZ  . LYS A 1 78  ? -3.834  11.518  19.900  1.00 39.17  ? 67  LYS A NZ  1 
ATOM   485  N  N   . TYR A 1 79  ? -10.242 9.628   16.534  1.00 20.32  ? 68  TYR A N   1 
ATOM   486  C  CA  . TYR A 1 79  ? -11.155 10.715  16.127  1.00 19.01  ? 68  TYR A CA  1 
ATOM   487  C  C   . TYR A 1 79  ? -12.613 10.261  15.936  1.00 18.79  ? 68  TYR A C   1 
ATOM   488  O  O   . TYR A 1 79  ? -13.449 11.020  15.396  1.00 17.05  ? 68  TYR A O   1 
ATOM   489  C  CB  . TYR A 1 79  ? -10.642 11.400  14.823  1.00 17.83  ? 68  TYR A CB  1 
ATOM   490  C  CG  . TYR A 1 79  ? -9.330  12.123  15.061  1.00 18.30  ? 68  TYR A CG  1 
ATOM   491  C  CD1 . TYR A 1 79  ? -9.302  13.413  15.640  1.00 19.55  ? 68  TYR A CD1 1 
ATOM   492  C  CD2 . TYR A 1 79  ? -8.102  11.459  14.848  1.00 27.02  ? 68  TYR A CD2 1 
ATOM   493  C  CE1 . TYR A 1 79  ? -8.036  14.052  15.909  1.00 25.86  ? 68  TYR A CE1 1 
ATOM   494  C  CE2 . TYR A 1 79  ? -6.836  12.100  15.136  1.00 25.84  ? 68  TYR A CE2 1 
ATOM   495  C  CZ  . TYR A 1 79  ? -6.855  13.388  15.659  1.00 28.16  ? 68  TYR A CZ  1 
ATOM   496  O  OH  . TYR A 1 79  ? -5.671  14.009  15.967  1.00 33.28  ? 68  TYR A OH  1 
ATOM   497  N  N   . ASN A 1 80  ? -12.897 9.005   16.271  1.00 17.59  ? 69  ASN A N   1 
ATOM   498  C  CA  . ASN A 1 80  ? -14.197 8.389   16.124  1.00 18.01  ? 69  ASN A CA  1 
ATOM   499  C  C   . ASN A 1 80  ? -14.722 8.562   14.715  1.00 18.99  ? 69  ASN A C   1 
ATOM   500  O  O   . ASN A 1 80  ? -15.901 8.872   14.527  1.00 20.15  ? 69  ASN A O   1 
ATOM   501  C  CB  . ASN A 1 80  ? -15.213 8.914   17.159  1.00 18.15  ? 69  ASN A CB  1 
ATOM   502  C  CG  . ASN A 1 80  ? -16.469 8.050   17.260  1.00 22.20  ? 69  ASN A CG  1 
ATOM   503  O  OD1 . ASN A 1 80  ? -16.450 6.844   16.954  1.00 23.87  ? 69  ASN A OD1 1 
ATOM   504  N  ND2 . ASN A 1 80  ? -17.550 8.630   17.777  1.00 19.80  ? 69  ASN A ND2 1 
ATOM   505  N  N   . ILE A 1 81  ? -13.839 8.347   13.727  1.00 17.28  ? 70  ILE A N   1 
ATOM   506  C  CA  . ILE A 1 81  ? -14.245 8.340   12.306  1.00 17.77  ? 70  ILE A CA  1 
ATOM   507  C  C   . ILE A 1 81  ? -14.770 6.927   11.945  1.00 18.86  ? 70  ILE A C   1 
ATOM   508  O  O   . ILE A 1 81  ? -14.075 5.931   12.233  1.00 18.54  ? 70  ILE A O   1 
ATOM   509  C  CB  . ILE A 1 81  ? -13.025 8.681   11.377  1.00 15.86  ? 70  ILE A CB  1 
ATOM   510  C  CG1 . ILE A 1 81  ? -12.408 10.010  11.832  1.00 17.29  ? 70  ILE A CG1 1 
ATOM   511  C  CG2 . ILE A 1 81  ? -13.457 8.686   9.837   1.00 18.30  ? 70  ILE A CG2 1 
ATOM   512  C  CD1 . ILE A 1 81  ? -10.994 10.227  11.355  1.00 19.65  ? 70  ILE A CD1 1 
ATOM   513  N  N   . PRO A 1 82  ? -15.955 6.823   11.331  1.00 20.16  ? 71  PRO A N   1 
ATOM   514  C  CA  . PRO A 1 82  ? -16.510 5.490   10.963  1.00 20.34  ? 71  PRO A CA  1 
ATOM   515  C  C   . PRO A 1 82  ? -15.526 4.720   10.085  1.00 20.55  ? 71  PRO A C   1 
ATOM   516  O  O   . PRO A 1 82  ? -14.960 5.262   9.127   1.00 20.63  ? 71  PRO A O   1 
ATOM   517  C  CB  . PRO A 1 82  ? -17.760 5.830   10.108  1.00 20.76  ? 71  PRO A CB  1 
ATOM   518  C  CG  . PRO A 1 82  ? -18.183 7.203   10.660  1.00 22.67  ? 71  PRO A CG  1 
ATOM   519  C  CD  . PRO A 1 82  ? -16.865 7.925   10.884  1.00 20.34  ? 71  PRO A CD  1 
ATOM   520  N  N   . ASP A 1 83  ? -15.199 3.513   10.517  1.00 18.61  ? 72  ASP A N   1 
ATOM   521  C  CA  . ASP A 1 83  ? -14.239 2.696   9.710   1.00 16.95  ? 72  ASP A CA  1 
ATOM   522  C  C   . ASP A 1 83  ? -14.875 2.269   8.349   1.00 17.20  ? 72  ASP A C   1 
ATOM   523  O  O   . ASP A 1 83  ? -15.982 1.621   8.373   1.00 15.89  ? 72  ASP A O   1 
ATOM   524  C  CB  . ASP A 1 83  ? -13.903 1.472   10.552  1.00 17.79  ? 72  ASP A CB  1 
ATOM   525  C  CG  . ASP A 1 83  ? -12.780 0.598   9.919   1.00 18.58  ? 72  ASP A CG  1 
ATOM   526  O  OD1 . ASP A 1 83  ? -12.294 0.877   8.768   1.00 16.95  ? 72  ASP A OD1 1 
ATOM   527  O  OD2 . ASP A 1 83  ? -12.364 -0.370  10.604  1.00 25.15  ? 72  ASP A OD2 1 
ATOM   528  N  N   . PRO A 1 84  ? -14.234 2.609   7.175   1.00 16.72  ? 73  PRO A N   1 
ATOM   529  C  CA  . PRO A 1 84  ? -14.745 2.147   5.868   1.00 18.47  ? 73  PRO A CA  1 
ATOM   530  C  C   . PRO A 1 84  ? -14.719 0.609   5.780   1.00 18.99  ? 73  PRO A C   1 
ATOM   531  O  O   . PRO A 1 84  ? -15.429 0.046   4.985   1.00 21.60  ? 73  PRO A O   1 
ATOM   532  C  CB  . PRO A 1 84  ? -13.783 2.797   4.856   1.00 18.73  ? 73  PRO A CB  1 
ATOM   533  C  CG  . PRO A 1 84  ? -12.487 3.007   5.627   1.00 18.86  ? 73  PRO A CG  1 
ATOM   534  C  CD  . PRO A 1 84  ? -12.981 3.369   7.027   1.00 18.49  ? 73  PRO A CD  1 
ATOM   535  N  N   . VAL A 1 85  ? -13.901 -0.074  6.592   1.00 17.82  ? 74  VAL A N   1 
ATOM   536  C  CA  . VAL A 1 85  ? -13.796 -1.542  6.510   1.00 18.37  ? 74  VAL A CA  1 
ATOM   537  C  C   . VAL A 1 85  ? -14.938 -2.093  7.353   1.00 19.17  ? 74  VAL A C   1 
ATOM   538  O  O   . VAL A 1 85  ? -14.815 -2.218  8.613   1.00 22.02  ? 74  VAL A O   1 
ATOM   539  C  CB  . VAL A 1 85  ? -12.437 -2.039  7.016   1.00 17.26  ? 74  VAL A CB  1 
ATOM   540  C  CG1 . VAL A 1 85  ? -12.364 -3.628  6.934   1.00 18.47  ? 74  VAL A CG1 1 
ATOM   541  C  CG2 . VAL A 1 85  ? -11.256 -1.447  6.210   1.00 14.57  ? 74  VAL A CG2 1 
ATOM   542  N  N   . LYS A 1 86  ? -16.057 -2.376  6.683   1.00 20.63  ? 75  LYS A N   1 
ATOM   543  C  CA  . LYS A 1 86  ? -17.143 -3.064  7.381   1.00 22.52  ? 75  LYS A CA  1 
ATOM   544  C  C   . LYS A 1 86  ? -17.034 -4.571  7.287   1.00 22.18  ? 75  LYS A C   1 
ATOM   545  O  O   . LYS A 1 86  ? -17.702 -5.261  8.030   1.00 23.13  ? 75  LYS A O   1 
ATOM   546  C  CB  . LYS A 1 86  ? -18.514 -2.618  6.883   1.00 23.16  ? 75  LYS A CB  1 
ATOM   547  C  CG  . LYS A 1 86  ? -18.841 -1.185  7.417   1.00 29.74  ? 75  LYS A CG  1 
ATOM   548  C  CD  . LYS A 1 86  ? -18.890 -0.238  6.257   1.00 37.98  ? 75  LYS A CD  1 
ATOM   549  C  CE  . LYS A 1 86  ? -20.280 -0.252  5.573   1.00 42.14  ? 75  LYS A CE  1 
ATOM   550  N  NZ  . LYS A 1 86  ? -20.383 0.731   4.407   1.00 44.59  ? 75  LYS A NZ  1 
ATOM   551  N  N   . ASN A 1 87  ? -16.153 -5.059  6.420   1.00 19.06  ? 76  ASN A N   1 
ATOM   552  C  CA  . ASN A 1 87  ? -16.052 -6.488  6.192   1.00 18.84  ? 76  ASN A CA  1 
ATOM   553  C  C   . ASN A 1 87  ? -14.567 -6.710  5.884   1.00 17.67  ? 76  ASN A C   1 
ATOM   554  O  O   . ASN A 1 87  ? -14.055 -6.292  4.838   1.00 17.25  ? 76  ASN A O   1 
ATOM   555  C  CB  . ASN A 1 87  ? -16.905 -6.890  4.997   1.00 18.58  ? 76  ASN A CB  1 
ATOM   556  C  CG  . ASN A 1 87  ? -16.938 -8.399  4.787   1.00 17.50  ? 76  ASN A CG  1 
ATOM   557  O  OD1 . ASN A 1 87  ? -16.060 -9.112  5.228   1.00 17.80  ? 76  ASN A OD1 1 
ATOM   558  N  ND2 . ASN A 1 87  ? -18.022 -8.902  4.153   1.00 16.48  ? 76  ASN A ND2 1 
ATOM   559  N  N   . ASP A 1 88  ? -13.878 -7.382  6.791   1.00 16.21  ? 77  ASP A N   1 
ATOM   560  C  CA  . ASP A 1 88  ? -12.432 -7.583  6.677   1.00 17.66  ? 77  ASP A CA  1 
ATOM   561  C  C   . ASP A 1 88  ? -12.082 -8.646  5.649   1.00 17.25  ? 77  ASP A C   1 
ATOM   562  O  O   . ASP A 1 88  ? -10.908 -8.891  5.384   1.00 18.43  ? 77  ASP A O   1 
ATOM   563  C  CB  . ASP A 1 88  ? -11.915 -8.061  8.045   1.00 17.79  ? 77  ASP A CB  1 
ATOM   564  C  CG  . ASP A 1 88  ? -10.403 -7.978  8.157   1.00 23.04  ? 77  ASP A CG  1 
ATOM   565  O  OD1 . ASP A 1 88  ? -9.756  -8.949  8.595   1.00 23.51  ? 77  ASP A OD1 1 
ATOM   566  O  OD2 . ASP A 1 88  ? -9.874  -6.907  7.823   1.00 21.40  ? 77  ASP A OD2 1 
ATOM   567  N  N   . SER A 1 89  ? -13.071 -9.362  5.126   1.00 16.29  ? 78  SER A N   1 
ATOM   568  C  CA  . SER A 1 89  ? -12.768 -10.416 4.141   1.00 17.17  ? 78  SER A CA  1 
ATOM   569  C  C   . SER A 1 89  ? -11.932 -9.930  2.982   1.00 17.50  ? 78  SER A C   1 
ATOM   570  O  O   . SER A 1 89  ? -12.199 -8.842  2.471   1.00 15.39  ? 78  SER A O   1 
ATOM   571  C  CB  . SER A 1 89  ? -14.033 -10.931 3.485   1.00 17.45  ? 78  SER A CB  1 
ATOM   572  O  OG  . SER A 1 89  ? -14.980 -11.371 4.414   1.00 18.88  ? 78  SER A OG  1 
ATOM   573  N  N   . ILE A 1 90  ? -11.011 -10.748 2.507   1.00 15.70  ? 79  ILE A N   1 
ATOM   574  C  CA  . ILE A 1 90  ? -10.196 -10.337 1.355   1.00 16.21  ? 79  ILE A CA  1 
ATOM   575  C  C   . ILE A 1 90  ? -11.103 -9.925  0.189   1.00 16.26  ? 79  ILE A C   1 
ATOM   576  O  O   . ILE A 1 90  ? -12.054 -10.625 -0.092  1.00 17.98  ? 79  ILE A O   1 
ATOM   577  C  CB  . ILE A 1 90  ? -9.349  -11.583 0.936   1.00 16.00  ? 79  ILE A CB  1 
ATOM   578  C  CG1 . ILE A 1 90  ? -8.160  -11.698 1.881   1.00 20.65  ? 79  ILE A CG1 1 
ATOM   579  C  CG2 . ILE A 1 90  ? -8.941  -11.524 -0.515  1.00 20.70  ? 79  ILE A CG2 1 
ATOM   580  C  CD1 . ILE A 1 90  ? -7.447  -13.102 1.770   1.00 24.22  ? 79  ILE A CD1 1 
ATOM   581  N  N   . GLY A 1 91  ? -10.784 -8.818  -0.434  1.00 15.48  ? 80  GLY A N   1 
ATOM   582  C  CA  . GLY A 1 91  ? -11.465 -8.419  -1.715  1.00 16.15  ? 80  GLY A CA  1 
ATOM   583  C  C   . GLY A 1 91  ? -12.647 -7.471  -1.517  1.00 16.15  ? 80  GLY A C   1 
ATOM   584  O  O   . GLY A 1 91  ? -13.161 -6.905  -2.524  1.00 18.07  ? 80  GLY A O   1 
ATOM   585  N  N   . VAL A 1 92  ? -13.078 -7.269  -0.276  1.00 17.03  ? 81  VAL A N   1 
ATOM   586  C  CA  . VAL A 1 92  ? -14.211 -6.448  0.073   1.00 16.24  ? 81  VAL A CA  1 
ATOM   587  C  C   . VAL A 1 92  ? -13.849 -5.012  0.429   1.00 17.82  ? 81  VAL A C   1 
ATOM   588  O  O   . VAL A 1 92  ? -13.044 -4.757  1.370   1.00 17.48  ? 81  VAL A O   1 
ATOM   589  C  CB  . VAL A 1 92  ? -15.085 -7.036  1.223   1.00 16.82  ? 81  VAL A CB  1 
ATOM   590  C  CG1 . VAL A 1 92  ? -16.304 -6.157  1.343   1.00 16.05  ? 81  VAL A CG1 1 
ATOM   591  C  CG2 . VAL A 1 92  ? -15.562 -8.518  0.904   1.00 14.95  ? 81  VAL A CG2 1 
ATOM   592  N  N   . PHE A 1 93  ? -14.417 -4.061  -0.338  1.00 18.72  ? 82  PHE A N   1 
ATOM   593  C  CA  . PHE A 1 93  ? -14.129 -2.614  -0.085  1.00 20.03  ? 82  PHE A CA  1 
ATOM   594  C  C   . PHE A 1 93  ? -15.385 -1.758  -0.159  1.00 21.89  ? 82  PHE A C   1 
ATOM   595  O  O   . PHE A 1 93  ? -16.263 -2.030  -1.013  1.00 24.58  ? 82  PHE A O   1 
ATOM   596  C  CB  . PHE A 1 93  ? -13.089 -2.027  -1.073  1.00 20.31  ? 82  PHE A CB  1 
ATOM   597  C  CG  . PHE A 1 93  ? -11.760 -2.773  -1.041  1.00 16.81  ? 82  PHE A CG  1 
ATOM   598  C  CD1 . PHE A 1 93  ? -10.775 -2.472  -0.115  1.00 16.60  ? 82  PHE A CD1 1 
ATOM   599  C  CD2 . PHE A 1 93  ? -11.606 -3.924  -1.831  1.00 15.58  ? 82  PHE A CD2 1 
ATOM   600  C  CE1 . PHE A 1 93  ? -9.565  -3.244  -0.078  1.00 15.50  ? 82  PHE A CE1 1 
ATOM   601  C  CE2 . PHE A 1 93  ? -10.468 -4.733  -1.820  1.00 14.29  ? 82  PHE A CE2 1 
ATOM   602  C  CZ  . PHE A 1 93  ? -9.391  -4.351  -0.892  1.00 17.37  ? 82  PHE A CZ  1 
ATOM   603  N  N   . SER A 1 94  ? -15.414 -0.680  0.610   1.00 21.56  ? 83  SER A N   1 
ATOM   604  C  CA  . SER A 1 94  ? -16.522 0.272   0.573   1.00 22.65  ? 83  SER A CA  1 
ATOM   605  C  C   . SER A 1 94  ? -16.284 1.219   -0.567  1.00 22.88  ? 83  SER A C   1 
ATOM   606  O  O   . SER A 1 94  ? -17.214 1.528   -1.296  1.00 25.40  ? 83  SER A O   1 
ATOM   607  C  CB  . SER A 1 94  ? -16.532 1.104   1.849   1.00 23.92  ? 83  SER A CB  1 
ATOM   608  O  OG  . SER A 1 94  ? -17.059 0.317   2.914   1.00 28.43  ? 83  SER A OG  1 
ATOM   609  N  N   . ASN A 1 95  ? -15.066 1.753   -0.704  1.00 23.25  ? 84  ASN A N   1 
ATOM   610  C  CA  . ASN A 1 95  ? -14.782 2.640   -1.840  1.00 24.76  ? 84  ASN A CA  1 
ATOM   611  C  C   . ASN A 1 95  ? -14.490 1.781   -3.086  1.00 24.47  ? 84  ASN A C   1 
ATOM   612  O  O   . ASN A 1 95  ? -13.495 1.063   -3.133  1.00 22.41  ? 84  ASN A O   1 
ATOM   613  C  CB  . ASN A 1 95  ? -13.638 3.604   -1.511  1.00 25.78  ? 84  ASN A CB  1 
ATOM   614  C  CG  . ASN A 1 95  ? -13.322 4.607   -2.625  1.00 27.09  ? 84  ASN A CG  1 
ATOM   615  O  OD1 . ASN A 1 95  ? -13.484 4.336   -3.816  1.00 27.75  ? 84  ASN A OD1 1 
ATOM   616  N  ND2 . ASN A 1 95  ? -12.771 5.757   -2.224  1.00 27.53  ? 84  ASN A ND2 1 
ATOM   617  N  N   . PRO A 1 96  ? -15.330 1.895   -4.138  1.00 25.81  ? 85  PRO A N   1 
ATOM   618  C  CA  . PRO A 1 96  ? -15.135 0.957   -5.260  1.00 26.49  ? 85  PRO A CA  1 
ATOM   619  C  C   . PRO A 1 96  ? -13.833 1.158   -6.047  1.00 24.56  ? 85  PRO A C   1 
ATOM   620  O  O   . PRO A 1 96  ? -13.457 0.273   -6.808  1.00 25.28  ? 85  PRO A O   1 
ATOM   621  C  CB  . PRO A 1 96  ? -16.321 1.280   -6.219  1.00 26.96  ? 85  PRO A CB  1 
ATOM   622  C  CG  . PRO A 1 96  ? -16.791 2.658   -5.775  1.00 29.18  ? 85  PRO A CG  1 
ATOM   623  C  CD  . PRO A 1 96  ? -16.548 2.725   -4.305  1.00 25.93  ? 85  PRO A CD  1 
ATOM   624  N  N   . LYS A 1 97  ? -13.144 2.288   -5.907  1.00 23.86  ? 86  LYS A N   1 
ATOM   625  C  CA  . LYS A 1 97  ? -11.847 2.406   -6.553  1.00 22.03  ? 86  LYS A CA  1 
ATOM   626  C  C   . LYS A 1 97  ? -10.927 1.247   -6.108  1.00 21.10  ? 86  LYS A C   1 
ATOM   627  O  O   . LYS A 1 97  ? -10.183 0.665   -6.937  1.00 20.48  ? 86  LYS A O   1 
ATOM   628  C  CB  . LYS A 1 97  ? -11.217 3.748   -6.215  1.00 22.20  ? 86  LYS A CB  1 
ATOM   629  C  CG  . LYS A 1 97  ? -9.698  3.747   -6.226  1.00 27.18  ? 86  LYS A CG  1 
ATOM   630  C  CD  . LYS A 1 97  ? -9.109  5.177   -6.148  1.00 27.11  ? 86  LYS A CD  1 
ATOM   631  C  CE  . LYS A 1 97  ? -9.217  5.703   -4.772  1.00 28.17  ? 86  LYS A CE  1 
ATOM   632  N  NZ  . LYS A 1 97  ? -8.345  6.901   -4.695  1.00 30.14  ? 86  LYS A NZ  1 
ATOM   633  N  N   . PHE A 1 98  ? -11.057 0.871   -4.829  1.00 19.96  ? 87  PHE A N   1 
ATOM   634  C  CA  . PHE A 1 98  ? -10.212 -0.225  -4.313  1.00 19.30  ? 87  PHE A CA  1 
ATOM   635  C  C   . PHE A 1 98  ? -10.702 -1.599  -4.707  1.00 20.53  ? 87  PHE A C   1 
ATOM   636  O  O   . PHE A 1 98  ? -9.897  -2.503  -4.901  1.00 19.08  ? 87  PHE A O   1 
ATOM   637  C  CB  . PHE A 1 98  ? -10.030 -0.083  -2.794  1.00 17.06  ? 87  PHE A CB  1 
ATOM   638  C  CG  . PHE A 1 98  ? -9.367  1.202   -2.398  1.00 18.41  ? 87  PHE A CG  1 
ATOM   639  C  CD1 . PHE A 1 98  ? -8.032  1.475   -2.767  1.00 17.38  ? 87  PHE A CD1 1 
ATOM   640  C  CD2 . PHE A 1 98  ? -10.069 2.136   -1.646  1.00 17.78  ? 87  PHE A CD2 1 
ATOM   641  C  CE1 . PHE A 1 98  ? -7.449  2.651   -2.441  1.00 18.79  ? 87  PHE A CE1 1 
ATOM   642  C  CE2 . PHE A 1 98  ? -9.403  3.297   -1.223  1.00 14.79  ? 87  PHE A CE2 1 
ATOM   643  C  CZ  . PHE A 1 98  ? -8.131  3.586   -1.693  1.00 17.84  ? 87  PHE A CZ  1 
ATOM   644  N  N   . GLU A 1 99  ? -12.022 -1.777  -4.804  1.00 23.28  ? 88  GLU A N   1 
ATOM   645  C  CA  . GLU A 1 99  ? -12.571 -3.031  -5.273  1.00 23.74  ? 88  GLU A CA  1 
ATOM   646  C  C   . GLU A 1 99  ? -12.127 -3.250  -6.714  1.00 24.70  ? 88  GLU A C   1 
ATOM   647  O  O   . GLU A 1 99  ? -11.746 -4.379  -7.104  1.00 24.67  ? 88  GLU A O   1 
ATOM   648  C  CB  . GLU A 1 99  ? -14.117 -2.998  -5.172  1.00 26.30  ? 88  GLU A CB  1 
ATOM   649  C  CG  . GLU A 1 99  ? -14.727 -4.258  -5.778  1.00 31.94  ? 88  GLU A CG  1 
ATOM   650  C  CD  . GLU A 1 99  ? -16.231 -4.276  -5.694  1.00 41.21  ? 88  GLU A CD  1 
ATOM   651  O  OE1 . GLU A 1 99  ? -16.816 -5.161  -6.373  1.00 47.04  ? 88  GLU A OE1 1 
ATOM   652  O  OE2 . GLU A 1 99  ? -16.826 -3.441  -4.948  1.00 39.21  ? 88  GLU A OE2 1 
ATOM   653  N  N   . GLU A 1 100 ? -12.147 -2.175  -7.496  1.00 23.38  ? 89  GLU A N   1 
ATOM   654  C  CA  . GLU A 1 100 ? -11.684 -2.273  -8.859  1.00 25.83  ? 89  GLU A CA  1 
ATOM   655  C  C   . GLU A 1 100 ? -10.214 -2.614  -9.024  1.00 23.70  ? 89  GLU A C   1 
ATOM   656  O  O   . GLU A 1 100 ? -9.851  -3.466  -9.894  1.00 23.93  ? 89  GLU A O   1 
ATOM   657  C  CB  . GLU A 1 100 ? -12.011 -1.046  -9.652  1.00 28.05  ? 89  GLU A CB  1 
ATOM   658  C  CG  . GLU A 1 100 ? -13.537 -0.954  -9.970  1.00 35.36  ? 89  GLU A CG  1 
ATOM   659  C  CD  . GLU A 1 100 ? -14.004 0.522   -10.176 1.00 46.90  ? 89  GLU A CD  1 
ATOM   660  O  OE1 . GLU A 1 100 ? -13.175 1.339   -10.683 1.00 50.99  ? 89  GLU A OE1 1 
ATOM   661  O  OE2 . GLU A 1 100 ? -15.175 0.877   -9.799  1.00 50.83  ? 89  GLU A OE2 1 
ATOM   662  N  N   . LEU A 1 101 ? -9.377  -1.897  -8.272  1.00 21.65  ? 90  LEU A N   1 
ATOM   663  C  CA  . LEU A 1 101 ? -7.954  -2.203  -8.240  1.00 18.09  ? 90  LEU A CA  1 
ATOM   664  C  C   . LEU A 1 101 ? -7.668  -3.626  -7.725  1.00 17.54  ? 90  LEU A C   1 
ATOM   665  O  O   . LEU A 1 101 ? -6.803  -4.325  -8.249  1.00 17.38  ? 90  LEU A O   1 
ATOM   666  C  CB  . LEU A 1 101 ? -7.260  -1.223  -7.343  1.00 17.40  ? 90  LEU A CB  1 
ATOM   667  C  CG  . LEU A 1 101 ? -6.974  0.134   -7.945  1.00 19.79  ? 90  LEU A CG  1 
ATOM   668  C  CD1 . LEU A 1 101 ? -6.544  0.994   -6.804  1.00 20.09  ? 90  LEU A CD1 1 
ATOM   669  C  CD2 . LEU A 1 101 ? -5.880  -0.004  -9.057  1.00 19.13  ? 90  LEU A CD2 1 
ATOM   670  N  N   . TYR A 1 102 ? -8.432  -4.089  -6.742  1.00 18.57  ? 91  TYR A N   1 
ATOM   671  C  CA  . TYR A 1 102 ? -8.212  -5.449  -6.272  1.00 16.70  ? 91  TYR A CA  1 
ATOM   672  C  C   . TYR A 1 102 ? -8.462  -6.441  -7.430  1.00 19.10  ? 91  TYR A C   1 
ATOM   673  O  O   . TYR A 1 102 ? -7.606  -7.298  -7.743  1.00 18.06  ? 91  TYR A O   1 
ATOM   674  C  CB  . TYR A 1 102 ? -9.111  -5.743  -5.045  1.00 15.98  ? 91  TYR A CB  1 
ATOM   675  C  CG  . TYR A 1 102 ? -8.984  -7.203  -4.703  1.00 17.14  ? 91  TYR A CG  1 
ATOM   676  C  CD1 . TYR A 1 102 ? -7.993  -7.656  -3.846  1.00 19.24  ? 91  TYR A CD1 1 
ATOM   677  C  CD2 . TYR A 1 102 ? -9.845  -8.140  -5.279  1.00 19.48  ? 91  TYR A CD2 1 
ATOM   678  C  CE1 . TYR A 1 102 ? -7.858  -9.036  -3.538  1.00 15.80  ? 91  TYR A CE1 1 
ATOM   679  C  CE2 . TYR A 1 102 ? -9.752  -9.482  -5.006  1.00 19.64  ? 91  TYR A CE2 1 
ATOM   680  C  CZ  . TYR A 1 102 ? -8.773  -9.942  -4.128  1.00 13.01  ? 91  TYR A CZ  1 
ATOM   681  O  OH  . TYR A 1 102 ? -8.605  -11.301 -3.914  1.00 16.07  ? 91  TYR A OH  1 
ATOM   682  N  N   . LYS A 1 103 ? -9.578  -6.259  -8.172  1.00 17.17  ? 92  LYS A N   1 
ATOM   683  C  CA  . LYS A 1 103 ? -9.880  -7.224  -9.227  1.00 20.57  ? 92  LYS A CA  1 
ATOM   684  C  C   . LYS A 1 103 ? -8.849  -7.147  -10.328 1.00 16.85  ? 92  LYS A C   1 
ATOM   685  O  O   . LYS A 1 103 ? -8.359  -8.223  -10.785 1.00 19.39  ? 92  LYS A O   1 
ATOM   686  C  CB  . LYS A 1 103 ? -11.268 -6.971  -9.842  1.00 20.07  ? 92  LYS A CB  1 
ATOM   687  C  CG  . LYS A 1 103 ? -12.451 -7.256  -8.818  1.00 25.96  ? 92  LYS A CG  1 
ATOM   688  C  CD  . LYS A 1 103 ? -13.762 -6.594  -9.451  1.00 31.22  ? 92  LYS A CD  1 
ATOM   689  C  CE  . LYS A 1 103 ? -15.097 -6.910  -8.731  1.00 34.61  ? 92  LYS A CE  1 
ATOM   690  N  NZ  . LYS A 1 103 ? -14.907 -7.201  -7.278  1.00 40.08  ? 92  LYS A NZ  1 
ATOM   691  N  N   . LYS A 1 104 ? -8.520  -5.925  -10.755 1.00 19.17  ? 93  LYS A N   1 
ATOM   692  C  CA  . LYS A 1 104 ? -7.520  -5.698  -11.811 1.00 19.40  ? 93  LYS A CA  1 
ATOM   693  C  C   . LYS A 1 104 ? -6.177  -6.364  -11.496 1.00 19.66  ? 93  LYS A C   1 
ATOM   694  O  O   . LYS A 1 104 ? -5.570  -7.126  -12.310 1.00 19.43  ? 93  LYS A O   1 
ATOM   695  C  CB  . LYS A 1 104 ? -7.336  -4.194  -12.037 1.00 20.14  ? 93  LYS A CB  1 
ATOM   696  C  CG  . LYS A 1 104 ? -6.220  -3.843  -12.995 1.00 22.52  ? 93  LYS A CG  1 
ATOM   697  C  CD  . LYS A 1 104 ? -5.869  -2.386  -12.757 1.00 29.16  ? 93  LYS A CD  1 
ATOM   698  C  CE  . LYS A 1 104 ? -4.928  -1.818  -13.822 1.00 34.04  ? 93  LYS A CE  1 
ATOM   699  N  NZ  . LYS A 1 104 ? -4.598  -0.384  -13.481 1.00 30.60  ? 93  LYS A NZ  1 
ATOM   700  N  N   . LEU A 1 105 ? -5.725  -6.098  -10.273 1.00 20.54  ? 94  LEU A N   1 
ATOM   701  C  CA  . LEU A 1 105 ? -4.398  -6.520  -9.875  1.00 19.09  ? 94  LEU A CA  1 
ATOM   702  C  C   . LEU A 1 105 ? -4.270  -7.986  -9.576  1.00 18.49  ? 94  LEU A C   1 
ATOM   703  O  O   . LEU A 1 105 ? -3.238  -8.570  -9.877  1.00 18.57  ? 94  LEU A O   1 
ATOM   704  C  CB  . LEU A 1 105 ? -3.905  -5.643  -8.723  1.00 19.01  ? 94  LEU A CB  1 
ATOM   705  C  CG  . LEU A 1 105 ? -3.714  -4.180  -9.211  1.00 18.00  ? 94  LEU A CG  1 
ATOM   706  C  CD1 . LEU A 1 105 ? -3.337  -3.333  -8.010  1.00 21.24  ? 94  LEU A CD1 1 
ATOM   707  C  CD2 . LEU A 1 105 ? -2.650  -4.030  -10.270 1.00 18.93  ? 94  LEU A CD2 1 
ATOM   708  N  N   . VAL A 1 106 ? -5.279  -8.602  -8.999  1.00 19.42  ? 95  VAL A N   1 
ATOM   709  C  CA  . VAL A 1 106 ? -5.212  -10.070 -8.843  1.00 18.54  ? 95  VAL A CA  1 
ATOM   710  C  C   . VAL A 1 106 ? -5.261  -10.806 -10.190 1.00 19.56  ? 95  VAL A C   1 
ATOM   711  O  O   . VAL A 1 106 ? -4.571  -11.787 -10.366 1.00 21.42  ? 95  VAL A O   1 
ATOM   712  C  CB  . VAL A 1 106 ? -6.169  -10.708 -7.726  1.00 20.61  ? 95  VAL A CB  1 
ATOM   713  C  CG1 . VAL A 1 106 ? -5.951  -10.037 -6.311  1.00 19.39  ? 95  VAL A CG1 1 
ATOM   714  C  CG2 . VAL A 1 106 ? -7.567  -10.716 -8.105  1.00 23.66  ? 95  VAL A CG2 1 
ATOM   715  N  N   . GLU A 1 107 ? -6.033  -10.317 -11.149 1.00 20.80  ? 96  GLU A N   1 
ATOM   716  C  CA  . GLU A 1 107 ? -6.033  -10.909 -12.486 1.00 21.70  ? 96  GLU A CA  1 
ATOM   717  C  C   . GLU A 1 107 ? -4.665  -10.772 -13.140 1.00 21.07  ? 96  GLU A C   1 
ATOM   718  O  O   . GLU A 1 107 ? -4.139  -11.753 -13.649 1.00 22.75  ? 96  GLU A O   1 
ATOM   719  C  CB  . GLU A 1 107 ? -7.077  -10.195 -13.338 1.00 23.77  ? 96  GLU A CB  1 
ATOM   720  C  CG  . GLU A 1 107 ? -7.232  -10.876 -14.671 1.00 30.17  ? 96  GLU A CG  1 
ATOM   721  C  CD  . GLU A 1 107 ? -8.503  -10.463 -15.398 1.00 40.97  ? 96  GLU A CD  1 
ATOM   722  O  OE1 . GLU A 1 107 ? -8.744  -9.236  -15.492 1.00 43.57  ? 96  GLU A OE1 1 
ATOM   723  O  OE2 . GLU A 1 107 ? -9.257  -11.362 -15.871 1.00 46.25  ? 96  GLU A OE2 1 
ATOM   724  N  N   . LYS A 1 108 ? -4.058  -9.579  -13.105 1.00 21.24  ? 97  LYS A N   1 
ATOM   725  C  CA  . LYS A 1 108 ? -2.700  -9.435  -13.635 1.00 22.14  ? 97  LYS A CA  1 
ATOM   726  C  C   . LYS A 1 108 ? -1.704  -10.376 -12.870 1.00 21.66  ? 97  LYS A C   1 
ATOM   727  O  O   . LYS A 1 108 ? -0.892  -11.115 -13.479 1.00 22.27  ? 97  LYS A O   1 
ATOM   728  C  CB  . LYS A 1 108 ? -2.281  -7.979  -13.558 1.00 23.27  ? 97  LYS A CB  1 
ATOM   729  C  CG  . LYS A 1 108 ? -0.872  -7.754  -14.092 1.00 29.00  ? 97  LYS A CG  1 
ATOM   730  C  CD  . LYS A 1 108 ? -0.503  -6.325  -14.489 1.00 37.43  ? 97  LYS A CD  1 
ATOM   731  C  CE  . LYS A 1 108 ? 1.022   -6.255  -14.830 1.00 41.71  ? 97  LYS A CE  1 
ATOM   732  N  NZ  . LYS A 1 108 ? 1.872   -7.021  -13.777 1.00 38.34  ? 97  LYS A NZ  1 
ATOM   733  N  N   . GLY A 1 109 ? -1.762  -10.367 -11.549 1.00 21.53  ? 98  GLY A N   1 
ATOM   734  C  CA  . GLY A 1 109 ? -0.807  -11.166 -10.737 1.00 20.65  ? 98  GLY A CA  1 
ATOM   735  C  C   . GLY A 1 109 ? -0.911  -12.671 -10.890 1.00 23.08  ? 98  GLY A C   1 
ATOM   736  O  O   . GLY A 1 109 ? 0.043   -13.399 -10.595 1.00 23.66  ? 98  GLY A O   1 
ATOM   737  N  N   . ASP A 1 110 ? -2.065  -13.144 -11.352 1.00 23.21  ? 99  ASP A N   1 
ATOM   738  C  CA  . ASP A 1 110 ? -2.320  -14.589 -11.528 1.00 24.22  ? 99  ASP A CA  1 
ATOM   739  C  C   . ASP A 1 110 ? -1.491  -15.148 -12.695 1.00 23.45  ? 99  ASP A C   1 
ATOM   740  O  O   . ASP A 1 110 ? -1.327  -16.364 -12.797 1.00 23.66  ? 99  ASP A O   1 
ATOM   741  C  CB  . ASP A 1 110 ? -3.820  -14.888 -11.803 1.00 24.92  ? 99  ASP A CB  1 
ATOM   742  C  CG  . ASP A 1 110 ? -4.167  -16.328 -11.644 1.00 28.68  ? 99  ASP A CG  1 
ATOM   743  O  OD1 . ASP A 1 110 ? -4.672  -16.904 -12.602 1.00 26.69  ? 99  ASP A OD1 1 
ATOM   744  O  OD2 . ASP A 1 110 ? -3.924  -16.925 -10.578 1.00 33.76  ? 99  ASP A OD2 1 
ATOM   745  N  N   . LYS A 1 111 ? -1.016  -14.272 -13.571 1.00 23.06  ? 100 LYS A N   1 
ATOM   746  C  CA  . LYS A 1 111 ? -0.430  -14.763 -14.836 1.00 25.20  ? 100 LYS A CA  1 
ATOM   747  C  C   . LYS A 1 111 ? 0.918   -15.457 -14.676 1.00 23.51  ? 100 LYS A C   1 
ATOM   748  O  O   . LYS A 1 111 ? 1.191   -16.465 -15.353 1.00 23.50  ? 100 LYS A O   1 
ATOM   749  C  CB  . LYS A 1 111 ? -0.406  -13.688 -15.900 1.00 25.54  ? 100 LYS A CB  1 
ATOM   750  C  CG  . LYS A 1 111 ? -1.803  -13.036 -16.026 1.00 31.54  ? 100 LYS A CG  1 
ATOM   751  C  CD  . LYS A 1 111 ? -2.074  -12.438 -17.364 1.00 38.80  ? 100 LYS A CD  1 
ATOM   752  C  CE  . LYS A 1 111 ? -1.190  -11.208 -17.670 1.00 43.01  ? 100 LYS A CE  1 
ATOM   753  N  NZ  . LYS A 1 111 ? -0.616  -10.460 -16.485 1.00 49.00  ? 100 LYS A NZ  1 
ATOM   754  N  N   . SER A 1 112 ? 1.757   -14.956 -13.756 1.00 21.13  ? 101 SER A N   1 
ATOM   755  C  CA  . SER A 1 112 ? 3.093   -15.492 -13.578 1.00 21.39  ? 101 SER A CA  1 
ATOM   756  C  C   . SER A 1 112 ? 3.699   -14.932 -12.312 1.00 22.04  ? 101 SER A C   1 
ATOM   757  O  O   . SER A 1 112 ? 3.180   -13.926 -11.759 1.00 20.76  ? 101 SER A O   1 
ATOM   758  C  CB  . SER A 1 112 ? 4.058   -15.145 -14.730 1.00 21.58  ? 101 SER A CB  1 
ATOM   759  O  OG  . SER A 1 112 ? 4.346   -13.736 -14.788 1.00 22.69  ? 101 SER A OG  1 
ATOM   760  N  N   . GLU A 1 113 ? 4.763   -15.591 -11.819 1.00 22.53  ? 102 GLU A N   1 
ATOM   761  C  CA  . GLU A 1 113 ? 5.456   -15.030 -10.639 1.00 21.48  ? 102 GLU A CA  1 
ATOM   762  C  C   . GLU A 1 113 ? 5.933   -13.633 -10.968 1.00 19.96  ? 102 GLU A C   1 
ATOM   763  O  O   . GLU A 1 113 ? 5.838   -12.717 -10.136 1.00 19.58  ? 102 GLU A O   1 
ATOM   764  C  CB  . GLU A 1 113 ? 6.593   -15.923 -10.164 1.00 19.45  ? 102 GLU A CB  1 
ATOM   765  C  CG  . GLU A 1 113 ? 6.041   -17.282 -9.613  1.00 27.42  ? 102 GLU A CG  1 
ATOM   766  C  CD  . GLU A 1 113 ? 7.047   -18.418 -9.432  1.00 39.90  ? 102 GLU A CD  1 
ATOM   767  O  OE1 . GLU A 1 113 ? 6.588   -19.585 -9.203  1.00 45.21  ? 102 GLU A OE1 1 
ATOM   768  O  OE2 . GLU A 1 113 ? 8.272   -18.195 -9.508  1.00 43.74  ? 102 GLU A OE2 1 
ATOM   769  N  N   . VAL A 1 114 ? 6.501   -13.401 -12.164 1.00 19.81  ? 103 VAL A N   1 
ATOM   770  C  CA  . VAL A 1 114 ? 7.032   -12.037 -12.414 1.00 18.41  ? 103 VAL A CA  1 
ATOM   771  C  C   . VAL A 1 114 ? 5.892   -11.004 -12.432 1.00 19.94  ? 103 VAL A C   1 
ATOM   772  O  O   . VAL A 1 114 ? 6.024   -9.889  -11.908 1.00 17.80  ? 103 VAL A O   1 
ATOM   773  C  CB  . VAL A 1 114 ? 7.810   -12.017 -13.781 1.00 19.00  ? 103 VAL A CB  1 
ATOM   774  C  CG1 . VAL A 1 114 ? 7.962   -10.580 -14.366 1.00 20.43  ? 103 VAL A CG1 1 
ATOM   775  C  CG2 . VAL A 1 114 ? 9.135   -12.748 -13.657 1.00 23.33  ? 103 VAL A CG2 1 
ATOM   776  N  N   . ASP A 1 115 ? 4.769   -11.350 -13.059 1.00 19.73  ? 104 ASP A N   1 
ATOM   777  C  CA  . ASP A 1 115 ? 3.592   -10.429 -13.060 1.00 19.51  ? 104 ASP A CA  1 
ATOM   778  C  C   . ASP A 1 115 ? 3.081   -10.151 -11.626 1.00 18.40  ? 104 ASP A C   1 
ATOM   779  O  O   . ASP A 1 115 ? 2.670   -9.043  -11.306 1.00 17.90  ? 104 ASP A O   1 
ATOM   780  C  CB  . ASP A 1 115 ? 2.446   -11.045 -13.866 1.00 20.16  ? 104 ASP A CB  1 
ATOM   781  C  CG  . ASP A 1 115 ? 2.714   -10.992 -15.409 1.00 27.07  ? 104 ASP A CG  1 
ATOM   782  O  OD1 . ASP A 1 115 ? 2.809   -9.894  -15.932 1.00 27.80  ? 104 ASP A OD1 1 
ATOM   783  O  OD2 . ASP A 1 115 ? 2.859   -12.050 -16.036 1.00 30.20  ? 104 ASP A OD2 1 
ATOM   784  N  N   . ALA A 1 116 ? 3.175   -11.152 -10.737 1.00 17.32  ? 105 ALA A N   1 
ATOM   785  C  CA  . ALA A 1 116 ? 2.730   -10.924 -9.377  1.00 15.76  ? 105 ALA A CA  1 
ATOM   786  C  C   . ALA A 1 116 ? 3.673   -9.939  -8.647  1.00 15.58  ? 105 ALA A C   1 
ATOM   787  O  O   . ALA A 1 116 ? 3.219   -9.061  -7.935  1.00 16.22  ? 105 ALA A O   1 
ATOM   788  C  CB  . ALA A 1 116 ? 2.682   -12.286 -8.574  1.00 15.94  ? 105 ALA A CB  1 
ATOM   789  N  N   . LEU A 1 117 ? 4.984   -10.126 -8.820  1.00 14.37  ? 106 LEU A N   1 
ATOM   790  C  CA  . LEU A 1 117 ? 5.992   -9.203  -8.259  1.00 14.58  ? 106 LEU A CA  1 
ATOM   791  C  C   . LEU A 1 117 ? 5.818   -7.807  -8.844  1.00 15.88  ? 106 LEU A C   1 
ATOM   792  O  O   . LEU A 1 117 ? 5.960   -6.828  -8.104  1.00 14.13  ? 106 LEU A O   1 
ATOM   793  C  CB  . LEU A 1 117 ? 7.445   -9.738  -8.435  1.00 15.59  ? 106 LEU A CB  1 
ATOM   794  C  CG  . LEU A 1 117 ? 7.618   -11.082 -7.719  1.00 16.68  ? 106 LEU A CG  1 
ATOM   795  C  CD1 . LEU A 1 117 ? 8.847   -11.690 -8.329  1.00 17.86  ? 106 LEU A CD1 1 
ATOM   796  C  CD2 . LEU A 1 117 ? 7.790   -10.896 -6.213  1.00 17.68  ? 106 LEU A CD2 1 
ATOM   797  N  N   . LYS A 1 118 ? 5.491   -7.696  -10.137 1.00 15.03  ? 107 LYS A N   1 
ATOM   798  C  CA  . LYS A 1 118 ? 5.240   -6.351  -10.662 1.00 15.47  ? 107 LYS A CA  1 
ATOM   799  C  C   . LYS A 1 118 ? 4.000   -5.710  -10.064 1.00 16.38  ? 107 LYS A C   1 
ATOM   800  O  O   . LYS A 1 118 ? 3.923   -4.482  -9.884  1.00 15.92  ? 107 LYS A O   1 
ATOM   801  C  CB  . LYS A 1 118 ? 5.039   -6.419  -12.169 1.00 16.89  ? 107 LYS A CB  1 
ATOM   802  C  CG  . LYS A 1 118 ? 6.467   -6.603  -12.859 1.00 17.75  ? 107 LYS A CG  1 
ATOM   803  C  CD  . LYS A 1 118 ? 6.329   -6.485  -14.368 1.00 25.76  ? 107 LYS A CD  1 
ATOM   804  C  CE  . LYS A 1 118 ? 7.683   -6.819  -15.113 1.00 24.13  ? 107 LYS A CE  1 
ATOM   805  N  NZ  . LYS A 1 118 ? 8.480   -5.492  -15.300 1.00 28.62  ? 107 LYS A NZ  1 
ATOM   806  N  N   . VAL A 1 119 ? 3.017   -6.544  -9.759  1.00 15.31  ? 108 VAL A N   1 
ATOM   807  C  CA  . VAL A 1 119 ? 1.829   -6.017  -9.073  1.00 15.89  ? 108 VAL A CA  1 
ATOM   808  C  C   . VAL A 1 119 ? 2.191   -5.545  -7.682  1.00 16.05  ? 108 VAL A C   1 
ATOM   809  O  O   . VAL A 1 119 ? 1.661   -4.537  -7.251  1.00 15.68  ? 108 VAL A O   1 
ATOM   810  C  CB  . VAL A 1 119 ? 0.708   -7.130  -9.004  1.00 13.51  ? 108 VAL A CB  1 
ATOM   811  C  CG1 . VAL A 1 119 ? -0.325  -6.802  -7.893  1.00 15.46  ? 108 VAL A CG1 1 
ATOM   812  C  CG2 . VAL A 1 119 ? -0.002  -7.256  -10.414 1.00 17.61  ? 108 VAL A CG2 1 
ATOM   813  N  N   . GLY A 1 120 ? 3.004   -6.300  -6.940  1.00 15.92  ? 109 GLY A N   1 
ATOM   814  C  CA  . GLY A 1 120 ? 3.547   -5.736  -5.707  1.00 15.42  ? 109 GLY A CA  1 
ATOM   815  C  C   . GLY A 1 120 ? 4.168   -4.316  -5.840  1.00 15.79  ? 109 GLY A C   1 
ATOM   816  O  O   . GLY A 1 120 ? 3.818   -3.398  -5.141  1.00 16.85  ? 109 GLY A O   1 
ATOM   817  N  N   . ALA A 1 121 ? 5.153   -4.174  -6.688  1.00 12.65  ? 110 ALA A N   1 
ATOM   818  C  CA  . ALA A 1 121 ? 5.757   -2.866  -6.975  1.00 14.48  ? 110 ALA A CA  1 
ATOM   819  C  C   . ALA A 1 121 ? 4.715   -1.821  -7.327  1.00 15.08  ? 110 ALA A C   1 
ATOM   820  O  O   . ALA A 1 121 ? 4.816   -0.669  -6.860  1.00 16.08  ? 110 ALA A O   1 
ATOM   821  C  CB  . ALA A 1 121 ? 6.776   -2.986  -8.159  1.00 14.75  ? 110 ALA A CB  1 
ATOM   822  N  N   . THR A 1 122 ? 3.748   -2.213  -8.145  1.00 16.92  ? 111 THR A N   1 
ATOM   823  C  CA  . THR A 1 122 ? 2.665   -1.305  -8.582  1.00 16.12  ? 111 THR A CA  1 
ATOM   824  C  C   . THR A 1 122 ? 1.825   -0.752  -7.404  1.00 15.46  ? 111 THR A C   1 
ATOM   825  O  O   . THR A 1 122 ? 1.505   0.438   -7.358  1.00 14.86  ? 111 THR A O   1 
ATOM   826  C  CB  . THR A 1 122 ? 1.671   -2.039  -9.566  1.00 16.25  ? 111 THR A CB  1 
ATOM   827  O  OG1 . THR A 1 122 ? 2.345   -2.361  -10.787 1.00 15.42  ? 111 THR A OG1 1 
ATOM   828  C  CG2 . THR A 1 122 ? 0.459   -1.148  -9.959  1.00 19.01  ? 111 THR A CG2 1 
ATOM   829  N  N   . ILE A 1 123 ? 1.490   -1.632  -6.448  1.00 16.02  ? 112 ILE A N   1 
ATOM   830  C  CA  . ILE A 1 123 ? 0.690   -1.194  -5.298  1.00 14.65  ? 112 ILE A CA  1 
ATOM   831  C  C   . ILE A 1 123 ? 1.535   -0.299  -4.387  1.00 15.64  ? 112 ILE A C   1 
ATOM   832  O  O   . ILE A 1 123 ? 1.059   0.717   -3.926  1.00 14.24  ? 112 ILE A O   1 
ATOM   833  C  CB  . ILE A 1 123 ? 0.149   -2.438  -4.504  1.00 14.73  ? 112 ILE A CB  1 
ATOM   834  C  CG1 . ILE A 1 123 ? -0.905  -3.106  -5.341  1.00 14.90  ? 112 ILE A CG1 1 
ATOM   835  C  CG2 . ILE A 1 123 ? -0.406  -2.018  -3.118  1.00 15.34  ? 112 ILE A CG2 1 
ATOM   836  C  CD1 . ILE A 1 123 ? -1.470  -4.468  -4.849  1.00 16.24  ? 112 ILE A CD1 1 
ATOM   837  N  N   . GLU A 1 124 ? 2.798   -0.688  -4.187  1.00 13.62  ? 113 GLU A N   1 
ATOM   838  C  CA  . GLU A 1 124 ? 3.672   0.177   -3.430  1.00 14.63  ? 113 GLU A CA  1 
ATOM   839  C  C   . GLU A 1 124 ? 3.850   1.562   -4.070  1.00 16.10  ? 113 GLU A C   1 
ATOM   840  O  O   . GLU A 1 124 ? 3.924   2.558   -3.336  1.00 15.67  ? 113 GLU A O   1 
ATOM   841  C  CB  . GLU A 1 124 ? 5.050   -0.490  -3.209  1.00 17.61  ? 113 GLU A CB  1 
ATOM   842  C  CG  . GLU A 1 124 ? 4.911   -1.831  -2.475  1.00 15.76  ? 113 GLU A CG  1 
ATOM   843  C  CD  . GLU A 1 124 ? 4.247   -1.674  -1.094  1.00 15.96  ? 113 GLU A CD  1 
ATOM   844  O  OE1 . GLU A 1 124 ? 4.376   -0.580  -0.454  1.00 16.41  ? 113 GLU A OE1 1 
ATOM   845  O  OE2 . GLU A 1 124 ? 3.659   -2.703  -0.638  1.00 17.01  ? 113 GLU A OE2 1 
ATOM   846  N  N   . ASP A 1 125 ? 3.924   1.589   -5.414  1.00 15.97  ? 114 ASP A N   1 
ATOM   847  C  CA  . ASP A 1 125 ? 4.079   2.813   -6.223  1.00 15.67  ? 114 ASP A CA  1 
ATOM   848  C  C   . ASP A 1 125 ? 2.850   3.725   -5.934  1.00 15.08  ? 114 ASP A C   1 
ATOM   849  O  O   . ASP A 1 125 ? 2.952   4.896   -5.508  1.00 12.44  ? 114 ASP A O   1 
ATOM   850  C  CB  . ASP A 1 125 ? 4.172   2.309   -7.673  1.00 16.57  ? 114 ASP A CB  1 
ATOM   851  C  CG  . ASP A 1 125 ? 4.345   3.420   -8.735  1.00 19.30  ? 114 ASP A CG  1 
ATOM   852  O  OD1 . ASP A 1 125 ? 4.157   4.617   -8.457  1.00 19.30  ? 114 ASP A OD1 1 
ATOM   853  O  OD2 . ASP A 1 125 ? 4.733   3.016   -9.854  1.00 17.48  ? 114 ASP A OD2 1 
ATOM   854  N  N   . LEU A 1 126 ? 1.657   3.133   -6.113  1.00 15.53  ? 115 LEU A N   1 
ATOM   855  C  CA  . LEU A 1 126 ? 0.370   3.859   -5.885  1.00 17.96  ? 115 LEU A CA  1 
ATOM   856  C  C   . LEU A 1 126 ? 0.322   4.371   -4.440  1.00 17.53  ? 115 LEU A C   1 
ATOM   857  O  O   . LEU A 1 126 ? -0.016  5.477   -4.140  1.00 16.15  ? 115 LEU A O   1 
ATOM   858  C  CB  . LEU A 1 126 ? -0.735  2.820   -6.039  1.00 19.34  ? 115 LEU A CB  1 
ATOM   859  C  CG  . LEU A 1 126 ? -2.102  3.281   -6.497  1.00 27.89  ? 115 LEU A CG  1 
ATOM   860  C  CD1 . LEU A 1 126 ? -3.295  2.424   -5.987  1.00 29.63  ? 115 LEU A CD1 1 
ATOM   861  C  CD2 . LEU A 1 126 ? -2.351  4.707   -6.401  1.00 28.39  ? 115 LEU A CD2 1 
ATOM   862  N  N   . ASP A 1 127 ? 0.692   3.506   -3.509  1.00 16.90  ? 116 ASP A N   1 
ATOM   863  C  CA  . ASP A 1 127 ? 0.541   3.855   -2.086  1.00 16.97  ? 116 ASP A CA  1 
ATOM   864  C  C   . ASP A 1 127 ? 1.462   5.019   -1.693  1.00 16.49  ? 116 ASP A C   1 
ATOM   865  O  O   . ASP A 1 127 ? 1.035   5.950   -1.001  1.00 16.70  ? 116 ASP A O   1 
ATOM   866  C  CB  . ASP A 1 127 ? 0.954   2.589   -1.318  1.00 16.15  ? 116 ASP A CB  1 
ATOM   867  C  CG  . ASP A 1 127 ? 0.594   2.627   0.212   1.00 17.29  ? 116 ASP A CG  1 
ATOM   868  O  OD1 . ASP A 1 127 ? -0.565  2.402   0.626   1.00 18.20  ? 116 ASP A OD1 1 
ATOM   869  O  OD2 . ASP A 1 127 ? 1.498   2.910   1.007   1.00 18.42  ? 116 ASP A OD2 1 
ATOM   870  N  N   . ILE A 1 128 ? 2.732   4.941   -2.123  1.00 15.81  ? 117 ILE A N   1 
ATOM   871  C  CA  . ILE A 1 128 ? 3.679   6.056   -1.962  1.00 15.80  ? 117 ILE A CA  1 
ATOM   872  C  C   . ILE A 1 128 ? 3.125   7.354   -2.586  1.00 17.35  ? 117 ILE A C   1 
ATOM   873  O  O   . ILE A 1 128 ? 3.109   8.402   -1.933  1.00 18.50  ? 117 ILE A O   1 
ATOM   874  C  CB  . ILE A 1 128 ? 5.084   5.703   -2.511  1.00 14.10  ? 117 ILE A CB  1 
ATOM   875  C  CG1 . ILE A 1 128 ? 5.686   4.497   -1.711  1.00 13.17  ? 117 ILE A CG1 1 
ATOM   876  C  CG2 . ILE A 1 128 ? 6.012   7.034   -2.535  1.00 16.49  ? 117 ILE A CG2 1 
ATOM   877  C  CD1 . ILE A 1 128 ? 6.852   3.914   -2.399  1.00 14.81  ? 117 ILE A CD1 1 
ATOM   878  N  N   . ALA A 1 129 ? 2.664   7.316   -3.828  1.00 17.04  ? 118 ALA A N   1 
ATOM   879  C  CA  . ALA A 1 129 ? 2.101   8.552   -4.450  1.00 18.54  ? 118 ALA A CA  1 
ATOM   880  C  C   . ALA A 1 129 ? 0.943   9.107   -3.631  1.00 17.47  ? 118 ALA A C   1 
ATOM   881  O  O   . ALA A 1 129 ? 0.863   10.300  -3.408  1.00 18.67  ? 118 ALA A O   1 
ATOM   882  C  CB  . ALA A 1 129 ? 1.607   8.337   -5.884  1.00 17.52  ? 118 ALA A CB  1 
ATOM   883  N  N   . ASP A 1 130 ? 0.023   8.237   -3.224  1.00 16.22  ? 119 ASP A N   1 
ATOM   884  C  CA  . ASP A 1 130 ? -1.131  8.682   -2.430  1.00 17.17  ? 119 ASP A CA  1 
ATOM   885  C  C   . ASP A 1 130 ? -0.691  9.185   -1.073  1.00 18.11  ? 119 ASP A C   1 
ATOM   886  O  O   . ASP A 1 130 ? -1.203  10.187  -0.587  1.00 19.24  ? 119 ASP A O   1 
ATOM   887  C  CB  . ASP A 1 130 ? -2.169  7.544   -2.328  1.00 16.74  ? 119 ASP A CB  1 
ATOM   888  C  CG  . ASP A 1 130 ? -2.946  7.363   -3.618  1.00 21.78  ? 119 ASP A CG  1 
ATOM   889  O  OD1 . ASP A 1 130 ? -2.912  8.289   -4.462  1.00 28.08  ? 119 ASP A OD1 1 
ATOM   890  O  OD2 . ASP A 1 130 ? -3.611  6.316   -3.827  1.00 24.28  ? 119 ASP A OD2 1 
ATOM   891  N  N   . LEU A 1 131 ? 0.226   8.512   -0.405  1.00 18.13  ? 120 LEU A N   1 
ATOM   892  C  CA  . LEU A 1 131 ? 0.727   8.991   0.897   1.00 19.27  ? 120 LEU A CA  1 
ATOM   893  C  C   . LEU A 1 131 ? 1.340   10.390  0.807   1.00 21.13  ? 120 LEU A C   1 
ATOM   894  O  O   . LEU A 1 131 ? 1.104   11.224  1.697   1.00 20.86  ? 120 LEU A O   1 
ATOM   895  C  CB  . LEU A 1 131 ? 1.763   8.047   1.554   1.00 19.06  ? 120 LEU A CB  1 
ATOM   896  C  CG  . LEU A 1 131 ? 1.202   6.785   2.206   1.00 18.31  ? 120 LEU A CG  1 
ATOM   897  C  CD1 . LEU A 1 131 ? 2.260   5.774   2.540   1.00 20.22  ? 120 LEU A CD1 1 
ATOM   898  C  CD2 . LEU A 1 131 ? 0.376   7.165   3.466   1.00 19.35  ? 120 LEU A CD2 1 
ATOM   899  N  N   . GLU A 1 132 ? 2.127   10.648  -0.253  1.00 20.93  ? 121 GLU A N   1 
ATOM   900  C  CA  . GLU A 1 132 ? 2.617   12.026  -0.508  1.00 23.64  ? 121 GLU A CA  1 
ATOM   901  C  C   . GLU A 1 132 ? 1.465   13.037  -0.666  1.00 22.98  ? 121 GLU A C   1 
ATOM   902  O  O   . GLU A 1 132 ? 1.503   14.114  -0.066  1.00 23.20  ? 121 GLU A O   1 
ATOM   903  C  CB  . GLU A 1 132 ? 3.493   12.053  -1.760  1.00 24.56  ? 121 GLU A CB  1 
ATOM   904  C  CG  . GLU A 1 132 ? 4.687   11.233  -1.601  1.00 34.09  ? 121 GLU A CG  1 
ATOM   905  C  CD  . GLU A 1 132 ? 5.936   12.053  -1.376  1.00 44.03  ? 121 GLU A CD  1 
ATOM   906  O  OE1 . GLU A 1 132 ? 6.892   11.809  -2.167  1.00 48.04  ? 121 GLU A OE1 1 
ATOM   907  O  OE2 . GLU A 1 132 ? 5.953   12.916  -0.436  1.00 44.04  ? 121 GLU A OE2 1 
ATOM   908  N  N   . LYS A 1 133 ? 0.447   12.704  -1.471  1.00 22.32  ? 122 LYS A N   1 
ATOM   909  C  CA  . LYS A 1 133 ? -0.725  13.533  -1.664  1.00 22.71  ? 122 LYS A CA  1 
ATOM   910  C  C   . LYS A 1 133 ? -1.352  13.933  -0.337  1.00 23.54  ? 122 LYS A C   1 
ATOM   911  O  O   . LYS A 1 133 ? -1.599  15.131  -0.086  1.00 22.60  ? 122 LYS A O   1 
ATOM   912  C  CB  . LYS A 1 133 ? -1.737  12.840  -2.613  1.00 21.93  ? 122 LYS A CB  1 
ATOM   913  C  CG  . LYS A 1 133 ? -3.093  13.536  -2.710  1.00 24.75  ? 122 LYS A CG  1 
ATOM   914  C  CD  . LYS A 1 133 ? -4.157  12.609  -3.285  1.00 32.96  ? 122 LYS A CD  1 
ATOM   915  C  CE  . LYS A 1 133 ? -5.546  13.031  -2.823  1.00 37.78  ? 122 LYS A CE  1 
ATOM   916  N  NZ  . LYS A 1 133 ? -6.617  12.442  -3.693  1.00 38.36  ? 122 LYS A NZ  1 
ATOM   917  N  N   . TRP A 1 134 ? -1.561  12.947  0.533   1.00 22.86  ? 123 TRP A N   1 
ATOM   918  C  CA  . TRP A 1 134 ? -2.245  13.218  1.798   1.00 23.71  ? 123 TRP A CA  1 
ATOM   919  C  C   . TRP A 1 134 ? -1.336  13.904  2.762   1.00 24.78  ? 123 TRP A C   1 
ATOM   920  O  O   . TRP A 1 134 ? -1.802  14.797  3.491   1.00 25.03  ? 123 TRP A O   1 
ATOM   921  C  CB  . TRP A 1 134 ? -2.817  11.949  2.386   1.00 22.01  ? 123 TRP A CB  1 
ATOM   922  C  CG  . TRP A 1 134 ? -3.909  11.317  1.490   1.00 19.98  ? 123 TRP A CG  1 
ATOM   923  C  CD1 . TRP A 1 134 ? -3.870  10.050  0.920   1.00 16.74  ? 123 TRP A CD1 1 
ATOM   924  C  CD2 . TRP A 1 134 ? -5.205  11.848  1.157   1.00 20.79  ? 123 TRP A CD2 1 
ATOM   925  N  NE1 . TRP A 1 134 ? -5.003  9.824   0.216   1.00 19.49  ? 123 TRP A NE1 1 
ATOM   926  C  CE2 . TRP A 1 134 ? -5.860  10.874  0.376   1.00 21.05  ? 123 TRP A CE2 1 
ATOM   927  C  CE3 . TRP A 1 134 ? -5.880  13.078  1.426   1.00 20.29  ? 123 TRP A CE3 1 
ATOM   928  C  CZ2 . TRP A 1 134 ? -7.113  11.078  -0.189  1.00 21.10  ? 123 TRP A CZ2 1 
ATOM   929  C  CZ3 . TRP A 1 134 ? -7.178  13.251  0.882   1.00 21.89  ? 123 TRP A CZ3 1 
ATOM   930  C  CH2 . TRP A 1 134 ? -7.768  12.258  0.085   1.00 22.13  ? 123 TRP A CH2 1 
ATOM   931  N  N   . ILE A 1 135 ? -0.061  13.547  2.783   1.00 24.93  ? 124 ILE A N   1 
ATOM   932  C  CA  . ILE A 1 135 ? 0.900   14.202  3.679   1.00 27.47  ? 124 ILE A CA  1 
ATOM   933  C  C   . ILE A 1 135 ? 0.926   15.708  3.435   1.00 29.77  ? 124 ILE A C   1 
ATOM   934  O  O   . ILE A 1 135 ? 1.059   16.501  4.362   1.00 29.40  ? 124 ILE A O   1 
ATOM   935  C  CB  . ILE A 1 135 ? 2.340   13.613  3.527   1.00 28.19  ? 124 ILE A CB  1 
ATOM   936  C  CG1 . ILE A 1 135 ? 2.449   12.305  4.271   1.00 25.47  ? 124 ILE A CG1 1 
ATOM   937  C  CG2 . ILE A 1 135 ? 3.489   14.605  4.034   1.00 29.78  ? 124 ILE A CG2 1 
ATOM   938  C  CD1 . ILE A 1 135 ? 3.615   11.456  3.758   1.00 27.22  ? 124 ILE A CD1 1 
ATOM   939  N  N   . ASN A 1 136 ? 0.728   16.090  2.181   1.00 31.57  ? 125 ASN A N   1 
ATOM   940  C  CA  . ASN A 1 136 ? 0.873   17.461  1.808   1.00 35.58  ? 125 ASN A CA  1 
ATOM   941  C  C   . ASN A 1 136 ? -0.371  18.300  2.099   1.00 36.16  ? 125 ASN A C   1 
ATOM   942  O  O   . ASN A 1 136 ? -0.291  19.518  2.066   1.00 35.51  ? 125 ASN A O   1 
ATOM   943  C  CB  . ASN A 1 136 ? 1.378   17.594  0.370   1.00 36.59  ? 125 ASN A CB  1 
ATOM   944  C  CG  . ASN A 1 136 ? 2.876   17.198  0.242   1.00 40.75  ? 125 ASN A CG  1 
ATOM   945  O  OD1 . ASN A 1 136 ? 3.303   16.690  -0.812  1.00 48.12  ? 125 ASN A OD1 1 
ATOM   946  N  ND2 . ASN A 1 136 ? 3.662   17.384  1.316   1.00 38.36  ? 125 ASN A ND2 1 
ATOM   947  N  N   . LYS A 1 137 ? -1.482  17.634  2.441   1.00 36.19  ? 126 LYS A N   1 
ATOM   948  C  CA  . LYS A 1 137 ? -2.738  18.303  2.773   1.00 36.41  ? 126 LYS A CA  1 
ATOM   949  C  C   . LYS A 1 137 ? -2.944  18.433  4.298   1.00 37.10  ? 126 LYS A C   1 
ATOM   950  O  O   . LYS A 1 137 ? -3.991  18.908  4.708   1.00 39.24  ? 126 LYS A O   1 
ATOM   951  C  CB  . LYS A 1 137 ? -3.936  17.560  2.140   1.00 36.52  ? 126 LYS A CB  1 
ATOM   952  C  CG  . LYS A 1 137 ? -3.962  17.514  0.654   1.00 33.75  ? 126 LYS A CG  1 
ATOM   953  C  CD  . LYS A 1 137 ? -5.085  16.653  0.165   1.00 34.88  ? 126 LYS A CD  1 
ATOM   954  C  CE  . LYS A 1 137 ? -5.095  16.567  -1.336  1.00 36.99  ? 126 LYS A CE  1 
ATOM   955  N  NZ  . LYS A 1 137 ? -5.792  17.755  -1.932  1.00 42.05  ? 126 LYS A NZ  1 
ATOM   956  N  N   . THR A 1 138 ? -1.998  18.015  5.131   1.00 36.26  ? 127 THR A N   1 
ATOM   957  C  CA  . THR A 1 138 ? -2.243  17.993  6.581   1.00 37.34  ? 127 THR A CA  1 
ATOM   958  C  C   . THR A 1 138 ? -1.094  18.633  7.368   1.00 38.92  ? 127 THR A C   1 
ATOM   959  O  O   . THR A 1 138 ? 0.051   18.494  6.967   1.00 38.18  ? 127 THR A O   1 
ATOM   960  C  CB  . THR A 1 138 ? -2.466  16.551  7.104   1.00 37.20  ? 127 THR A CB  1 
ATOM   961  O  OG1 . THR A 1 138 ? -2.571  16.565  8.534   1.00 36.90  ? 127 THR A OG1 1 
ATOM   962  C  CG2 . THR A 1 138 ? -1.359  15.655  6.702   1.00 34.61  ? 127 THR A CG2 1 
ATOM   963  N  N   . ASP A 1 139 ? -1.392  19.341  8.473   1.00 40.68  ? 128 ASP A N   1 
ATOM   964  C  CA  . ASP A 1 139 ? -0.352  19.956  9.322   1.00 42.35  ? 128 ASP A CA  1 
ATOM   965  C  C   . ASP A 1 139 ? -0.351  19.198  10.651  1.00 42.21  ? 128 ASP A C   1 
ATOM   966  O  O   . ASP A 1 139 ? 0.480   19.429  11.536  1.00 42.41  ? 128 ASP A O   1 
ATOM   967  C  CB  . ASP A 1 139 ? -0.558  21.501  9.502   1.00 44.28  ? 128 ASP A CB  1 
ATOM   968  C  CG  . ASP A 1 139 ? -0.511  22.309  8.136   1.00 47.83  ? 128 ASP A CG  1 
ATOM   969  O  OD1 . ASP A 1 139 ? 0.583   22.517  7.545   1.00 50.86  ? 128 ASP A OD1 1 
ATOM   970  O  OD2 . ASP A 1 139 ? -1.579  22.753  7.648   1.00 51.86  ? 128 ASP A OD2 1 
ATOM   971  N  N   . ASN A 1 140 ? -1.268  18.226  10.737  1.00 41.04  ? 129 ASN A N   1 
ATOM   972  C  CA  . ASN A 1 140 ? -1.511  17.459  11.929  1.00 41.02  ? 129 ASN A CA  1 
ATOM   973  C  C   . ASN A 1 140 ? -0.365  16.510  12.321  1.00 41.69  ? 129 ASN A C   1 
ATOM   974  O  O   . ASN A 1 140 ? -0.101  15.532  11.645  1.00 40.65  ? 129 ASN A O   1 
ATOM   975  C  CB  . ASN A 1 140 ? -2.842  16.704  11.706  1.00 40.41  ? 129 ASN A CB  1 
ATOM   976  C  CG  . ASN A 1 140 ? -3.376  16.080  12.953  1.00 41.30  ? 129 ASN A CG  1 
ATOM   977  O  OD1 . ASN A 1 140 ? -4.483  16.403  13.374  1.00 44.62  ? 129 ASN A OD1 1 
ATOM   978  N  ND2 . ASN A 1 140 ? -2.592  15.224  13.584  1.00 35.72  ? 129 ASN A ND2 1 
ATOM   979  N  N   . GLU A 1 141 ? 0.295   16.762  13.441  1.00 42.69  ? 130 GLU A N   1 
ATOM   980  C  CA  . GLU A 1 141 ? 1.416   15.919  13.866  1.00 43.66  ? 130 GLU A CA  1 
ATOM   981  C  C   . GLU A 1 141 ? 1.114   14.425  14.027  1.00 42.94  ? 130 GLU A C   1 
ATOM   982  O  O   . GLU A 1 141 ? 1.957   13.570  13.688  1.00 41.83  ? 130 GLU A O   1 
ATOM   983  C  CB  . GLU A 1 141 ? 2.068   16.484  15.141  1.00 45.33  ? 130 GLU A CB  1 
ATOM   984  C  CG  . GLU A 1 141 ? 2.912   17.763  14.908  1.00 51.14  ? 130 GLU A CG  1 
ATOM   985  C  CD  . GLU A 1 141 ? 4.031   17.552  13.851  1.00 56.52  ? 130 GLU A CD  1 
ATOM   986  O  OE1 . GLU A 1 141 ? 4.963   16.743  14.137  1.00 59.10  ? 130 GLU A OE1 1 
ATOM   987  O  OE2 . GLU A 1 141 ? 3.961   18.177  12.748  1.00 57.47  ? 130 GLU A OE2 1 
ATOM   988  N  N   . ASP A 1 142 ? -0.073  14.119  14.557  1.00 41.66  ? 131 ASP A N   1 
ATOM   989  C  CA  . ASP A 1 142 ? -0.566  12.741  14.675  1.00 39.99  ? 131 ASP A CA  1 
ATOM   990  C  C   . ASP A 1 142 ? -0.586  12.082  13.300  1.00 36.45  ? 131 ASP A C   1 
ATOM   991  O  O   . ASP A 1 142 ? -0.063  10.987  13.123  1.00 35.95  ? 131 ASP A O   1 
ATOM   992  C  CB  . ASP A 1 142 ? -2.028  12.729  15.142  1.00 41.55  ? 131 ASP A CB  1 
ATOM   993  C  CG  . ASP A 1 142 ? -2.195  12.454  16.609  1.00 45.22  ? 131 ASP A CG  1 
ATOM   994  O  OD1 . ASP A 1 142 ? -3.382  12.470  17.037  1.00 48.45  ? 131 ASP A OD1 1 
ATOM   995  O  OD2 . ASP A 1 142 ? -1.180  12.217  17.317  1.00 48.13  ? 131 ASP A OD2 1 
ATOM   996  N  N   . ILE A 1 143 ? -1.279  12.736  12.368  1.00 33.10  ? 132 ILE A N   1 
ATOM   997  C  CA  . ILE A 1 143 ? -1.533  12.155  11.054  1.00 31.22  ? 132 ILE A CA  1 
ATOM   998  C  C   . ILE A 1 143 ? -0.221  12.082  10.262  1.00 31.82  ? 132 ILE A C   1 
ATOM   999  O  O   . ILE A 1 143 ? 0.115   11.048  9.701   1.00 29.71  ? 132 ILE A O   1 
ATOM   1000 C  CB  . ILE A 1 143 ? -2.589  12.918  10.297  1.00 30.28  ? 132 ILE A CB  1 
ATOM   1001 C  CG1 . ILE A 1 143 ? -3.954  12.767  11.000  1.00 27.71  ? 132 ILE A CG1 1 
ATOM   1002 C  CG2 . ILE A 1 143 ? -2.698  12.447  8.804   1.00 27.41  ? 132 ILE A CG2 1 
ATOM   1003 C  CD1 . ILE A 1 143 ? -5.003  13.606  10.369  1.00 24.57  ? 132 ILE A CD1 1 
ATOM   1004 N  N   . LYS A 1 144 ? 0.525   13.178  10.250  1.00 32.90  ? 133 LYS A N   1 
ATOM   1005 C  CA  . LYS A 1 144 ? 1.767   13.207  9.481   1.00 34.33  ? 133 LYS A CA  1 
ATOM   1006 C  C   . LYS A 1 144 ? 2.674   12.096  9.852   1.00 34.91  ? 133 LYS A C   1 
ATOM   1007 O  O   . LYS A 1 144 ? 3.286   11.515  8.986   1.00 35.91  ? 133 LYS A O   1 
ATOM   1008 C  CB  . LYS A 1 144 ? 2.488   14.534  9.652   1.00 33.99  ? 133 LYS A CB  1 
ATOM   1009 C  CG  . LYS A 1 144 ? 1.999   15.468  8.662   1.00 35.18  ? 133 LYS A CG  1 
ATOM   1010 C  CD  . LYS A 1 144 ? 3.082   16.448  8.253   1.00 42.46  ? 133 LYS A CD  1 
ATOM   1011 C  CE  . LYS A 1 144 ? 2.406   17.469  7.338   1.00 42.68  ? 133 LYS A CE  1 
ATOM   1012 N  NZ  . LYS A 1 144 ? 3.007   17.700  6.003   1.00 42.09  ? 133 LYS A NZ  1 
ATOM   1013 N  N   . PHE A 1 145 ? 2.759   11.804  11.144  1.00 36.43  ? 134 PHE A N   1 
ATOM   1014 C  CA  . PHE A 1 145 ? 3.635   10.801  11.693  1.00 37.94  ? 134 PHE A CA  1 
ATOM   1015 C  C   . PHE A 1 145 ? 3.273   9.404   11.241  1.00 37.12  ? 134 PHE A C   1 
ATOM   1016 O  O   . PHE A 1 145 ? 4.154   8.611   10.828  1.00 36.70  ? 134 PHE A O   1 
ATOM   1017 C  CB  . PHE A 1 145 ? 3.617   10.837  13.228  1.00 40.34  ? 134 PHE A CB  1 
ATOM   1018 C  CG  . PHE A 1 145 ? 4.901   10.316  13.855  1.00 44.97  ? 134 PHE A CG  1 
ATOM   1019 C  CD1 . PHE A 1 145 ? 6.034   11.141  13.927  1.00 49.68  ? 134 PHE A CD1 1 
ATOM   1020 C  CD2 . PHE A 1 145 ? 4.989   8.992   14.315  1.00 47.79  ? 134 PHE A CD2 1 
ATOM   1021 C  CE1 . PHE A 1 145 ? 7.236   10.672  14.468  1.00 50.88  ? 134 PHE A CE1 1 
ATOM   1022 C  CE2 . PHE A 1 145 ? 6.173   8.498   14.869  1.00 51.08  ? 134 PHE A CE2 1 
ATOM   1023 C  CZ  . PHE A 1 145 ? 7.309   9.343   14.938  1.00 51.87  ? 134 PHE A CZ  1 
ATOM   1024 N  N   . VAL A 1 146 ? 1.976   9.101   11.271  1.00 34.05  ? 135 VAL A N   1 
ATOM   1025 C  CA  . VAL A 1 146 ? 1.542   7.796   10.776  1.00 31.70  ? 135 VAL A CA  1 
ATOM   1026 C  C   . VAL A 1 146 ? 1.864   7.701   9.301   1.00 28.69  ? 135 VAL A C   1 
ATOM   1027 O  O   . VAL A 1 146 ? 2.426   6.689   8.880   1.00 29.66  ? 135 VAL A O   1 
ATOM   1028 C  CB  . VAL A 1 146 ? 0.056   7.519   11.045  1.00 31.47  ? 135 VAL A CB  1 
ATOM   1029 C  CG1 . VAL A 1 146 ? -0.332  6.123   10.530  1.00 30.98  ? 135 VAL A CG1 1 
ATOM   1030 C  CG2 . VAL A 1 146 ? -0.187  7.608   12.552  1.00 34.74  ? 135 VAL A CG2 1 
ATOM   1031 N  N   . TYR A 1 147 ? 1.531   8.741   8.538   1.00 26.32  ? 136 TYR A N   1 
ATOM   1032 C  CA  . TYR A 1 147 ? 1.792   8.687   7.089   1.00 25.66  ? 136 TYR A CA  1 
ATOM   1033 C  C   . TYR A 1 147 ? 3.300   8.494   6.789   1.00 26.12  ? 136 TYR A C   1 
ATOM   1034 O  O   . TYR A 1 147 ? 3.692   7.679   5.927   1.00 23.84  ? 136 TYR A O   1 
ATOM   1035 C  CB  . TYR A 1 147 ? 1.181   9.842   6.308   1.00 24.66  ? 136 TYR A CB  1 
ATOM   1036 C  CG  . TYR A 1 147 ? -0.350  9.880   6.237   1.00 22.48  ? 136 TYR A CG  1 
ATOM   1037 C  CD1 . TYR A 1 147 ? -1.041  11.063  5.929   1.00 23.30  ? 136 TYR A CD1 1 
ATOM   1038 C  CD2 . TYR A 1 147 ? -1.117  8.703   6.399   1.00 20.02  ? 136 TYR A CD2 1 
ATOM   1039 C  CE1 . TYR A 1 147 ? -2.444  11.094  5.846   1.00 21.20  ? 136 TYR A CE1 1 
ATOM   1040 C  CE2 . TYR A 1 147 ? -2.503  8.716   6.312   1.00 20.21  ? 136 TYR A CE2 1 
ATOM   1041 C  CZ  . TYR A 1 147 ? -3.175  9.913   6.035   1.00 21.71  ? 136 TYR A CZ  1 
ATOM   1042 O  OH  . TYR A 1 147 ? -4.567  9.933   5.949   1.00 22.18  ? 136 TYR A OH  1 
ATOM   1043 N  N   . GLU A 1 148 ? 4.156   9.241   7.493   1.00 27.87  ? 137 GLU A N   1 
ATOM   1044 C  CA  . GLU A 1 148 ? 5.629   9.039   7.317   1.00 28.66  ? 137 GLU A CA  1 
ATOM   1045 C  C   . GLU A 1 148 ? 6.125   7.625   7.570   1.00 29.16  ? 137 GLU A C   1 
ATOM   1046 O  O   . GLU A 1 148 ? 6.952   7.055   6.800   1.00 28.95  ? 137 GLU A O   1 
ATOM   1047 C  CB  . GLU A 1 148 ? 6.439   10.127  8.063   1.00 30.24  ? 137 GLU A CB  1 
ATOM   1048 C  CG  . GLU A 1 148 ? 6.163   11.539  7.550   1.00 31.59  ? 137 GLU A CG  1 
ATOM   1049 C  CD  . GLU A 1 148 ? 6.820   11.949  6.188   1.00 41.51  ? 137 GLU A CD  1 
ATOM   1050 O  OE1 . GLU A 1 148 ? 7.476   11.129  5.480   1.00 44.25  ? 137 GLU A OE1 1 
ATOM   1051 O  OE2 . GLU A 1 148 ? 6.661   13.144  5.781   1.00 46.63  ? 137 GLU A OE2 1 
ATOM   1052 N  N   . ASN A 1 149 ? 5.577   7.016   8.601   1.00 28.51  ? 138 ASN A N   1 
ATOM   1053 C  CA  . ASN A 1 149 ? 5.911   5.673   8.926   1.00 29.11  ? 138 ASN A CA  1 
ATOM   1054 C  C   . ASN A 1 149 ? 5.446   4.683   7.862   1.00 27.46  ? 138 ASN A C   1 
ATOM   1055 O  O   . ASN A 1 149 ? 6.186   3.775   7.457   1.00 24.24  ? 138 ASN A O   1 
ATOM   1056 C  CB  . ASN A 1 149 ? 5.293   5.337   10.267  1.00 31.40  ? 138 ASN A CB  1 
ATOM   1057 C  CG  . ASN A 1 149 ? 5.939   4.136   10.885  1.00 37.30  ? 138 ASN A CG  1 
ATOM   1058 O  OD1 . ASN A 1 149 ? 7.149   4.163   11.182  1.00 47.50  ? 138 ASN A OD1 1 
ATOM   1059 N  ND2 . ASN A 1 149 ? 5.180   3.037   11.003  1.00 39.09  ? 138 ASN A ND2 1 
ATOM   1060 N  N   . LEU A 1 150 ? 4.175   4.819   7.504   1.00 24.54  ? 139 LEU A N   1 
ATOM   1061 C  CA  . LEU A 1 150 ? 3.632   4.098   6.339   1.00 21.61  ? 139 LEU A CA  1 
ATOM   1062 C  C   . LEU A 1 150 ? 4.511   4.272   5.120   1.00 20.95  ? 139 LEU A C   1 
ATOM   1063 O  O   . LEU A 1 150 ? 4.750   3.298   4.437   1.00 19.98  ? 139 LEU A O   1 
ATOM   1064 C  CB  . LEU A 1 150 ? 2.221   4.556   6.007   1.00 19.83  ? 139 LEU A CB  1 
ATOM   1065 C  CG  . LEU A 1 150 ? 1.099   3.652   6.568   1.00 25.93  ? 139 LEU A CG  1 
ATOM   1066 C  CD1 . LEU A 1 150 ? 1.390   3.070   7.933   1.00 26.69  ? 139 LEU A CD1 1 
ATOM   1067 C  CD2 . LEU A 1 150 ? -0.268  4.434   6.528   1.00 28.61  ? 139 LEU A CD2 1 
ATOM   1068 N  N   . MET A 1 151 ? 4.979   5.501   4.832   1.00 20.99  ? 140 MET A N   1 
ATOM   1069 C  CA  . MET A 1 151 ? 5.759   5.710   3.576   1.00 20.40  ? 140 MET A CA  1 
ATOM   1070 C  C   . MET A 1 151 ? 7.092   5.029   3.659   1.00 21.10  ? 140 MET A C   1 
ATOM   1071 O  O   . MET A 1 151 ? 7.545   4.445   2.676   1.00 19.67  ? 140 MET A O   1 
ATOM   1072 C  CB  . MET A 1 151 ? 5.914   7.194   3.088   1.00 22.67  ? 140 MET A CB  1 
ATOM   1073 C  CG  . MET A 1 151 ? 6.208   7.365   1.363   1.00 19.18  ? 140 MET A CG  1 
ATOM   1074 S  SD  . MET A 1 151 ? 5.680   9.116   1.173   1.00 39.80  ? 140 MET A SD  1 
ATOM   1075 C  CE  . MET A 1 151 ? 7.011   9.731   2.144   1.00 33.17  ? 140 MET A CE  1 
ATOM   1076 N  N   . LYS A 1 152 ? 7.709   5.054   4.849   1.00 21.67  ? 141 LYS A N   1 
ATOM   1077 C  CA  . LYS A 1 152 ? 8.991   4.383   5.039   1.00 21.80  ? 141 LYS A CA  1 
ATOM   1078 C  C   . LYS A 1 152 ? 8.758   2.893   4.778   1.00 21.33  ? 141 LYS A C   1 
ATOM   1079 O  O   . LYS A 1 152 ? 9.597   2.211   4.108   1.00 20.56  ? 141 LYS A O   1 
ATOM   1080 C  CB  . LYS A 1 152 ? 9.504   4.556   6.477   1.00 24.02  ? 141 LYS A CB  1 
ATOM   1081 C  CG  . LYS A 1 152 ? 10.666  3.650   6.814   1.00 29.41  ? 141 LYS A CG  1 
ATOM   1082 C  CD  . LYS A 1 152 ? 11.429  4.096   8.120   1.00 38.75  ? 141 LYS A CD  1 
ATOM   1083 C  CE  . LYS A 1 152 ? 11.550  2.990   9.178   1.00 44.65  ? 141 LYS A CE  1 
ATOM   1084 N  NZ  . LYS A 1 152 ? 12.621  3.322   10.167  1.00 45.34  ? 141 LYS A NZ  1 
ATOM   1085 N  N   . GLY A 1 153 ? 7.627   2.365   5.310   1.00 19.23  ? 142 GLY A N   1 
ATOM   1086 C  CA  . GLY A 1 153 ? 7.295   0.978   5.023   1.00 18.98  ? 142 GLY A CA  1 
ATOM   1087 C  C   . GLY A 1 153 ? 7.140   0.650   3.557   1.00 17.16  ? 142 GLY A C   1 
ATOM   1088 O  O   . GLY A 1 153 ? 7.703   -0.329  3.067   1.00 17.03  ? 142 GLY A O   1 
ATOM   1089 N  N   . SER A 1 154 ? 6.356   1.446   2.865   1.00 16.38  ? 143 SER A N   1 
ATOM   1090 C  CA  . SER A 1 154 ? 6.158   1.225   1.446   1.00 16.29  ? 143 SER A CA  1 
ATOM   1091 C  C   . SER A 1 154 ? 7.443   1.289   0.622   1.00 16.82  ? 143 SER A C   1 
ATOM   1092 O  O   . SER A 1 154 ? 7.621   0.542   -0.335  1.00 16.68  ? 143 SER A O   1 
ATOM   1093 C  CB  . SER A 1 154 ? 5.172   2.231   0.896   1.00 14.99  ? 143 SER A CB  1 
ATOM   1094 O  OG  . SER A 1 154 ? 3.936   2.129   1.616   1.00 16.24  ? 143 SER A OG  1 
ATOM   1095 N  N   . ARG A 1 155 ? 8.317   2.225   0.963   1.00 16.46  ? 144 ARG A N   1 
ATOM   1096 C  CA  . ARG A 1 155 ? 9.603   2.269   0.252   1.00 18.07  ? 144 ARG A CA  1 
ATOM   1097 C  C   . ARG A 1 155 ? 10.374  0.983   0.495   1.00 14.41  ? 144 ARG A C   1 
ATOM   1098 O  O   . ARG A 1 155 ? 10.989  0.446   -0.406  1.00 17.44  ? 144 ARG A O   1 
ATOM   1099 C  CB  . ARG A 1 155 ? 10.400  3.484   0.797   1.00 18.54  ? 144 ARG A CB  1 
ATOM   1100 C  CG  . ARG A 1 155 ? 9.825   4.818   0.362   1.00 20.29  ? 144 ARG A CG  1 
ATOM   1101 C  CD  . ARG A 1 155 ? 10.764  6.031   0.612   1.00 33.60  ? 144 ARG A CD  1 
ATOM   1102 N  NE  . ARG A 1 155 ? 10.922  6.361   2.026   1.00 43.64  ? 144 ARG A NE  1 
ATOM   1103 C  CZ  . ARG A 1 155 ? 10.423  7.445   2.664   1.00 46.04  ? 144 ARG A CZ  1 
ATOM   1104 N  NH1 . ARG A 1 155 ? 9.732   8.384   2.022   1.00 48.20  ? 144 ARG A NH1 1 
ATOM   1105 N  NH2 . ARG A 1 155 ? 10.651  7.600   3.971   1.00 45.17  ? 144 ARG A NH2 1 
ATOM   1106 N  N   . ASN A 1 156 ? 10.377  0.444   1.725   1.00 16.61  ? 145 ASN A N   1 
ATOM   1107 C  CA  . ASN A 1 156 ? 10.980  -0.830  1.913   1.00 17.32  ? 145 ASN A CA  1 
ATOM   1108 C  C   . ASN A 1 156 ? 10.322  -1.967  1.156   1.00 16.01  ? 145 ASN A C   1 
ATOM   1109 O  O   . ASN A 1 156 ? 11.038  -2.813  0.631   1.00 16.73  ? 145 ASN A O   1 
ATOM   1110 C  CB  . ASN A 1 156 ? 11.005  -1.205  3.417   1.00 16.73  ? 145 ASN A CB  1 
ATOM   1111 C  CG  . ASN A 1 156 ? 12.000  -0.403  4.170   1.00 23.86  ? 145 ASN A CG  1 
ATOM   1112 O  OD1 . ASN A 1 156 ? 11.869  -0.187  5.420   1.00 25.53  ? 145 ASN A OD1 1 
ATOM   1113 N  ND2 . ASN A 1 156 ? 13.027  0.045   3.442   1.00 22.59  ? 145 ASN A ND2 1 
ATOM   1114 N  N   . HIS A 1 157 ? 8.977   -1.976  1.081   1.00 15.66  ? 146 HIS A N   1 
ATOM   1115 C  CA  . HIS A 1 157 ? 8.295   -3.002  0.301   1.00 15.36  ? 146 HIS A CA  1 
ATOM   1116 C  C   . HIS A 1 157 ? 8.690   -2.925  -1.193  1.00 17.53  ? 146 HIS A C   1 
ATOM   1117 O  O   . HIS A 1 157 ? 8.964   -3.940  -1.824  1.00 17.03  ? 146 HIS A O   1 
ATOM   1118 C  CB  . HIS A 1 157 ? 6.762   -2.877  0.484   1.00 14.03  ? 146 HIS A CB  1 
ATOM   1119 C  CG  . HIS A 1 157 ? 6.326   -3.029  1.913   1.00 15.77  ? 146 HIS A CG  1 
ATOM   1120 N  ND1 . HIS A 1 157 ? 5.081   -2.638  2.387   1.00 15.30  ? 146 HIS A ND1 1 
ATOM   1121 C  CD2 . HIS A 1 157 ? 6.981   -3.572  2.968   1.00 16.65  ? 146 HIS A CD2 1 
ATOM   1122 C  CE1 . HIS A 1 157 ? 4.997   -2.927  3.667   1.00 20.72  ? 146 HIS A CE1 1 
ATOM   1123 N  NE2 . HIS A 1 157 ? 6.156   -3.427  4.052   1.00 14.07  ? 146 HIS A NE2 1 
ATOM   1124 N  N   . MET A 1 158 ? 8.626   -1.703  -1.752  1.00 16.65  ? 147 MET A N   1 
ATOM   1125 C  CA  . MET A 1 158 ? 9.066   -1.465  -3.128  1.00 17.41  ? 147 MET A CA  1 
ATOM   1126 C  C   . MET A 1 158 ? 10.476  -2.036  -3.354  1.00 15.67  ? 147 MET A C   1 
ATOM   1127 O  O   . MET A 1 158 ? 10.727  -2.758  -4.335  1.00 15.22  ? 147 MET A O   1 
ATOM   1128 C  CB  . MET A 1 158 ? 9.007   0.069   -3.431  1.00 17.38  ? 147 MET A CB  1 
ATOM   1129 C  CG  . MET A 1 158 ? 9.627   0.412   -4.786  1.00 19.51  ? 147 MET A CG  1 
ATOM   1130 S  SD  . MET A 1 158 ? 8.528   -0.141  -6.068  1.00 30.75  ? 147 MET A SD  1 
ATOM   1131 C  CE  . MET A 1 158 ? 7.318   1.249   -6.078  1.00 22.00  ? 147 MET A CE  1 
ATOM   1132 N  N   . ARG A 1 159 ? 11.426  -1.742  -2.440  1.00 15.50  ? 148 ARG A N   1 
ATOM   1133 C  CA  . ARG A 1 159 ? 12.791  -2.215  -2.683  1.00 17.27  ? 148 ARG A CA  1 
ATOM   1134 C  C   . ARG A 1 159 ? 12.757  -3.762  -2.694  1.00 16.59  ? 148 ARG A C   1 
ATOM   1135 O  O   . ARG A 1 159 ? 13.436  -4.389  -3.548  1.00 15.75  ? 148 ARG A O   1 
ATOM   1136 C  CB  . ARG A 1 159 ? 13.700  -1.719  -1.557  1.00 15.85  ? 148 ARG A CB  1 
ATOM   1137 C  CG  . ARG A 1 159 ? 14.073  -0.223  -1.578  1.00 17.38  ? 148 ARG A CG  1 
ATOM   1138 C  CD  . ARG A 1 159 ? 14.860  0.135   -0.287  1.00 21.31  ? 148 ARG A CD  1 
ATOM   1139 N  NE  . ARG A 1 159 ? 14.988  1.574   -0.251  1.00 29.55  ? 148 ARG A NE  1 
ATOM   1140 C  CZ  . ARG A 1 159 ? 14.384  2.422   0.576   1.00 22.24  ? 148 ARG A CZ  1 
ATOM   1141 N  NH1 . ARG A 1 159 ? 13.719  2.018   1.680   1.00 31.30  ? 148 ARG A NH1 1 
ATOM   1142 N  NH2 . ARG A 1 159 ? 14.627  3.699   0.399   1.00 29.91  ? 148 ARG A NH2 1 
ATOM   1143 N  N   . ALA A 1 160 ? 11.992  -4.376  -1.742  1.00 17.32  ? 149 ALA A N   1 
ATOM   1144 C  CA  . ALA A 1 160 ? 11.911  -5.827  -1.698  1.00 16.79  ? 149 ALA A CA  1 
ATOM   1145 C  C   . ALA A 1 160 ? 11.302  -6.473  -2.949  1.00 18.39  ? 149 ALA A C   1 
ATOM   1146 O  O   . ALA A 1 160 ? 11.838  -7.477  -3.447  1.00 17.79  ? 149 ALA A O   1 
ATOM   1147 C  CB  . ALA A 1 160 ? 11.171  -6.310  -0.432  1.00 16.06  ? 149 ALA A CB  1 
ATOM   1148 N  N   . PHE A 1 161 ? 10.213  -5.896  -3.471  1.00 17.02  ? 150 PHE A N   1 
ATOM   1149 C  CA  . PHE A 1 161 ? 9.599   -6.411  -4.671  1.00 16.56  ? 150 PHE A CA  1 
ATOM   1150 C  C   . PHE A 1 161 ? 10.549  -6.309  -5.867  1.00 16.18  ? 150 PHE A C   1 
ATOM   1151 O  O   . PHE A 1 161 ? 10.625  -7.222  -6.659  1.00 15.75  ? 150 PHE A O   1 
ATOM   1152 C  CB  . PHE A 1 161 ? 8.286   -5.688  -4.957  1.00 15.96  ? 150 PHE A CB  1 
ATOM   1153 C  CG  . PHE A 1 161 ? 7.137   -6.206  -4.133  1.00 16.78  ? 150 PHE A CG  1 
ATOM   1154 C  CD1 . PHE A 1 161 ? 6.385   -5.312  -3.350  1.00 15.15  ? 150 PHE A CD1 1 
ATOM   1155 C  CD2 . PHE A 1 161 ? 6.822   -7.594  -4.072  1.00 17.76  ? 150 PHE A CD2 1 
ATOM   1156 C  CE1 . PHE A 1 161 ? 5.338   -5.736  -2.555  1.00 15.60  ? 150 PHE A CE1 1 
ATOM   1157 C  CE2 . PHE A 1 161 ? 5.737   -8.034  -3.256  1.00 15.36  ? 150 PHE A CE2 1 
ATOM   1158 C  CZ  . PHE A 1 161 ? 4.993   -7.123  -2.532  1.00 13.45  ? 150 PHE A CZ  1 
ATOM   1159 N  N   . VAL A 1 162 ? 11.140  -5.145  -6.050  1.00 14.34  ? 151 VAL A N   1 
ATOM   1160 C  CA  . VAL A 1 162 ? 12.053  -4.933  -7.210  1.00 16.94  ? 151 VAL A CA  1 
ATOM   1161 C  C   . VAL A 1 162 ? 13.271  -5.801  -7.168  1.00 15.69  ? 151 VAL A C   1 
ATOM   1162 O  O   . VAL A 1 162 ? 13.708  -6.360  -8.128  1.00 16.92  ? 151 VAL A O   1 
ATOM   1163 C  CB  . VAL A 1 162 ? 12.443  -3.380  -7.337  1.00 17.09  ? 151 VAL A CB  1 
ATOM   1164 C  CG1 . VAL A 1 162 ? 13.425  -3.178  -8.507  1.00 16.39  ? 151 VAL A CG1 1 
ATOM   1165 C  CG2 . VAL A 1 162 ? 11.215  -2.501  -7.551  1.00 18.33  ? 151 VAL A CG2 1 
ATOM   1166 N  N   . ARG A 1 163 ? 13.857  -5.977  -5.986  1.00 16.64  ? 152 ARG A N   1 
ATOM   1167 C  CA  . ARG A 1 163 ? 14.960  -6.913  -5.894  1.00 19.47  ? 152 ARG A CA  1 
ATOM   1168 C  C   . ARG A 1 163 ? 14.529  -8.324  -6.284  1.00 18.14  ? 152 ARG A C   1 
ATOM   1169 O  O   . ARG A 1 163 ? 15.249  -9.058  -7.002  1.00 18.01  ? 152 ARG A O   1 
ATOM   1170 C  CB  . ARG A 1 163 ? 15.522  -6.868  -4.484  1.00 18.92  ? 152 ARG A CB  1 
ATOM   1171 C  CG  . ARG A 1 163 ? 16.713  -7.792  -4.231  1.00 24.56  ? 152 ARG A CG  1 
ATOM   1172 C  CD  . ARG A 1 163 ? 17.782  -7.746  -5.407  1.00 27.27  ? 152 ARG A CD  1 
ATOM   1173 N  NE  . ARG A 1 163 ? 18.463  -6.446  -5.363  1.00 31.02  ? 152 ARG A NE  1 
ATOM   1174 C  CZ  . ARG A 1 163 ? 19.307  -5.969  -6.279  1.00 29.03  ? 152 ARG A CZ  1 
ATOM   1175 N  NH1 . ARG A 1 163 ? 19.610  -6.678  -7.360  1.00 27.68  ? 152 ARG A NH1 1 
ATOM   1176 N  NH2 . ARG A 1 163 ? 19.855  -4.762  -6.077  1.00 27.84  ? 152 ARG A NH2 1 
ATOM   1177 N  N   . MET A 1 164 ? 13.337  -8.711  -5.877  1.00 18.46  ? 153 MET A N   1 
ATOM   1178 C  CA  . MET A 1 164 ? 12.836  -9.998  -6.322  1.00 19.09  ? 153 MET A CA  1 
ATOM   1179 C  C   . MET A 1 164 ? 12.606  -10.049 -7.804  1.00 18.38  ? 153 MET A C   1 
ATOM   1180 O  O   . MET A 1 164 ? 12.905  -11.055 -8.409  1.00 18.87  ? 153 MET A O   1 
ATOM   1181 C  CB  . MET A 1 164 ? 11.592  -10.503 -5.526  1.00 20.05  ? 153 MET A CB  1 
ATOM   1182 C  CG  . MET A 1 164 ? 11.424  -11.956 -5.678  1.00 28.29  ? 153 MET A CG  1 
ATOM   1183 S  SD  . MET A 1 164 ? 12.573  -12.802 -4.553  1.00 31.44  ? 153 MET A SD  1 
ATOM   1184 C  CE  . MET A 1 164 ? 11.996  -12.200 -2.990  1.00 38.74  ? 153 MET A CE  1 
ATOM   1185 N  N   . LEU A 1 165 ? 12.067  -8.978  -8.404  1.00 17.64  ? 154 LEU A N   1 
ATOM   1186 C  CA  . LEU A 1 165 ? 11.947  -8.960  -9.858  1.00 17.93  ? 154 LEU A CA  1 
ATOM   1187 C  C   . LEU A 1 165 ? 13.364  -9.099  -10.504 1.00 17.31  ? 154 LEU A C   1 
ATOM   1188 O  O   . LEU A 1 165 ? 13.523  -9.844  -11.485 1.00 17.80  ? 154 LEU A O   1 
ATOM   1189 C  CB  . LEU A 1 165 ? 11.311  -7.648  -10.325 1.00 18.53  ? 154 LEU A CB  1 
ATOM   1190 C  CG  . LEU A 1 165 ? 9.782   -7.566  -10.207 1.00 18.75  ? 154 LEU A CG  1 
ATOM   1191 C  CD1 . LEU A 1 165 ? 9.333   -6.106  -10.344 1.00 18.30  ? 154 LEU A CD1 1 
ATOM   1192 C  CD2 . LEU A 1 165 ? 9.194   -8.458  -11.320 1.00 20.04  ? 154 LEU A CD2 1 
ATOM   1193 N  N   . ASN A 1 166 ? 14.365  -8.416  -9.886  1.00 17.08  ? 155 ASN A N   1 
ATOM   1194 C  CA  . ASN A 1 166 ? 15.729  -8.556  -10.415 1.00 16.77  ? 155 ASN A CA  1 
ATOM   1195 C  C   . ASN A 1 166 ? 16.189  -10.037 -10.402 1.00 17.14  ? 155 ASN A C   1 
ATOM   1196 O  O   . ASN A 1 166 ? 16.833  -10.494 -11.318 1.00 17.42  ? 155 ASN A O   1 
ATOM   1197 C  CB  . ASN A 1 166 ? 16.703  -7.723  -9.589  1.00 16.37  ? 155 ASN A CB  1 
ATOM   1198 C  CG  . ASN A 1 166 ? 16.475  -6.216  -9.656  1.00 14.56  ? 155 ASN A CG  1 
ATOM   1199 O  OD1 . ASN A 1 166 ? 17.010  -5.531  -8.819  1.00 17.67  ? 155 ASN A OD1 1 
ATOM   1200 N  ND2 . ASN A 1 166 ? 15.806  -5.670  -10.698 1.00 18.25  ? 155 ASN A ND2 1 
ATOM   1201 N  N   . ASN A 1 167 ? 15.917  -10.774 -9.304  1.00 19.74  ? 156 ASN A N   1 
ATOM   1202 C  CA  . ASN A 1 167 ? 16.255  -12.199 -9.284  1.00 21.31  ? 156 ASN A CA  1 
ATOM   1203 C  C   . ASN A 1 167 ? 15.649  -12.997 -10.405 1.00 23.47  ? 156 ASN A C   1 
ATOM   1204 O  O   . ASN A 1 167 ? 16.186  -14.041 -10.791 1.00 23.47  ? 156 ASN A O   1 
ATOM   1205 C  CB  . ASN A 1 167 ? 15.830  -12.808 -7.958  1.00 22.63  ? 156 ASN A CB  1 
ATOM   1206 C  CG  . ASN A 1 167 ? 16.577  -12.256 -6.805  1.00 25.81  ? 156 ASN A CG  1 
ATOM   1207 O  OD1 . ASN A 1 167 ? 16.090  -12.299 -5.635  1.00 27.71  ? 156 ASN A OD1 1 
ATOM   1208 N  ND2 . ASN A 1 167 ? 17.742  -11.710 -7.068  1.00 22.59  ? 156 ASN A ND2 1 
ATOM   1209 N  N   . TYR A 1 168 ? 14.554  -12.492 -10.975 1.00 22.41  ? 157 TYR A N   1 
ATOM   1210 C  CA  . TYR A 1 168 ? 13.858  -13.157 -12.102 1.00 23.41  ? 157 TYR A CA  1 
ATOM   1211 C  C   . TYR A 1 168 ? 14.231  -12.543 -13.441 1.00 24.88  ? 157 TYR A C   1 
ATOM   1212 O  O   . TYR A 1 168 ? 13.581  -12.798 -14.486 1.00 26.63  ? 157 TYR A O   1 
ATOM   1213 C  CB  . TYR A 1 168 ? 12.319  -13.073 -11.901 1.00 24.21  ? 157 TYR A CB  1 
ATOM   1214 C  CG  . TYR A 1 168 ? 11.713  -14.048 -10.941 1.00 20.84  ? 157 TYR A CG  1 
ATOM   1215 C  CD1 . TYR A 1 168 ? 11.058  -15.198 -11.393 1.00 23.05  ? 157 TYR A CD1 1 
ATOM   1216 C  CD2 . TYR A 1 168 ? 11.754  -13.798 -9.563  1.00 21.03  ? 157 TYR A CD2 1 
ATOM   1217 C  CE1 . TYR A 1 168 ? 10.464  -16.095 -10.441 1.00 25.94  ? 157 TYR A CE1 1 
ATOM   1218 C  CE2 . TYR A 1 168 ? 11.189  -14.648 -8.645  1.00 23.06  ? 157 TYR A CE2 1 
ATOM   1219 C  CZ  . TYR A 1 168 ? 10.528  -15.778 -9.084  1.00 23.36  ? 157 TYR A CZ  1 
ATOM   1220 O  OH  . TYR A 1 168 ? 10.050  -16.627 -8.124  1.00 25.19  ? 157 TYR A OH  1 
ATOM   1221 N  N   . GLY A 1 169 ? 15.260  -11.678 -13.410 1.00 23.14  ? 158 GLY A N   1 
ATOM   1222 C  CA  . GLY A 1 169 ? 15.746  -11.060 -14.584 1.00 21.11  ? 158 GLY A CA  1 
ATOM   1223 C  C   . GLY A 1 169 ? 14.814  -10.020 -15.097 1.00 23.94  ? 158 GLY A C   1 
ATOM   1224 O  O   . GLY A 1 169 ? 14.861  -9.724  -16.271 1.00 24.13  ? 158 GLY A O   1 
ATOM   1225 N  N   . SER A 1 170 ? 14.049  -9.384  -14.201 1.00 20.66  ? 159 SER A N   1 
ATOM   1226 C  CA  . SER A 1 170 ? 13.140  -8.341  -14.594 1.00 22.60  ? 159 SER A CA  1 
ATOM   1227 C  C   . SER A 1 170 ? 13.360  -7.073  -13.766 1.00 21.94  ? 159 SER A C   1 
ATOM   1228 O  O   . SER A 1 170 ? 14.320  -6.934  -13.026 1.00 21.14  ? 159 SER A O   1 
ATOM   1229 C  CB  . SER A 1 170 ? 11.703  -8.909  -14.469 1.00 22.31  ? 159 SER A CB  1 
ATOM   1230 O  OG  . SER A 1 170 ? 10.699  -7.970  -14.832 1.00 24.82  ? 159 SER A OG  1 
ATOM   1231 N  N   . ASN A 1 171 ? 12.507  -6.095  -13.958 1.00 24.35  ? 160 ASN A N   1 
ATOM   1232 C  CA  . ASN A 1 171 ? 12.655  -4.819  -13.282 1.00 23.65  ? 160 ASN A CA  1 
ATOM   1233 C  C   . ASN A 1 171 ? 11.267  -4.206  -13.267 1.00 21.79  ? 160 ASN A C   1 
ATOM   1234 O  O   . ASN A 1 171 ? 10.273  -4.932  -13.460 1.00 22.54  ? 160 ASN A O   1 
ATOM   1235 C  CB  . ASN A 1 171 ? 13.684  -3.939  -13.953 1.00 23.53  ? 160 ASN A CB  1 
ATOM   1236 C  CG  . ASN A 1 171 ? 13.222  -3.411  -15.278 1.00 30.19  ? 160 ASN A CG  1 
ATOM   1237 O  OD1 . ASN A 1 171 ? 12.188  -3.834  -15.807 1.00 28.09  ? 160 ASN A OD1 1 
ATOM   1238 N  ND2 . ASN A 1 171 ? 13.961  -2.410  -15.816 1.00 40.21  ? 160 ASN A ND2 1 
ATOM   1239 N  N   . TYR A 1 172 ? 11.182  -2.922  -12.959 1.00 19.89  ? 161 TYR A N   1 
ATOM   1240 C  CA  . TYR A 1 172 ? 9.913   -2.275  -12.771 1.00 18.56  ? 161 TYR A CA  1 
ATOM   1241 C  C   . TYR A 1 172 ? 9.935   -0.876  -13.363 1.00 20.11  ? 161 TYR A C   1 
ATOM   1242 O  O   . TYR A 1 172 ? 10.914  -0.133  -13.205 1.00 20.18  ? 161 TYR A O   1 
ATOM   1243 C  CB  . TYR A 1 172 ? 9.513   -2.266  -11.279 1.00 20.10  ? 161 TYR A CB  1 
ATOM   1244 C  CG  . TYR A 1 172 ? 8.235   -1.493  -11.052 1.00 16.99  ? 161 TYR A CG  1 
ATOM   1245 C  CD1 . TYR A 1 172 ? 7.012   -2.011  -11.490 1.00 17.10  ? 161 TYR A CD1 1 
ATOM   1246 C  CD2 . TYR A 1 172 ? 8.250   -0.247  -10.364 1.00 18.83  ? 161 TYR A CD2 1 
ATOM   1247 C  CE1 . TYR A 1 172 ? 5.789   -1.307  -11.272 1.00 18.99  ? 161 TYR A CE1 1 
ATOM   1248 C  CE2 . TYR A 1 172 ? 7.048   0.488   -10.171 1.00 21.63  ? 161 TYR A CE2 1 
ATOM   1249 C  CZ  . TYR A 1 172 ? 5.830   -0.068  -10.621 1.00 19.26  ? 161 TYR A CZ  1 
ATOM   1250 O  OH  . TYR A 1 172 ? 4.658   0.582   -10.430 1.00 20.57  ? 161 TYR A OH  1 
ATOM   1251 N  N   . THR A 1 173 ? 8.870   -0.532  -14.096 1.00 19.73  ? 162 THR A N   1 
ATOM   1252 C  CA  . THR A 1 173 ? 8.740   0.821   -14.618 1.00 20.50  ? 162 THR A CA  1 
ATOM   1253 C  C   . THR A 1 173 ? 7.679   1.553   -13.762 1.00 18.97  ? 162 THR A C   1 
ATOM   1254 O  O   . THR A 1 173 ? 6.518   1.072   -13.698 1.00 20.95  ? 162 THR A O   1 
ATOM   1255 C  CB  . THR A 1 173 ? 8.237   0.786   -16.061 1.00 21.13  ? 162 THR A CB  1 
ATOM   1256 O  OG1 . THR A 1 173 ? 9.139   -0.017  -16.850 1.00 22.36  ? 162 THR A OG1 1 
ATOM   1257 C  CG2 . THR A 1 173 ? 8.210   2.228   -16.623 1.00 22.13  ? 162 THR A CG2 1 
ATOM   1258 N  N   . PRO A 1 174 ? 8.037   2.698   -13.151 1.00 17.67  ? 163 PRO A N   1 
ATOM   1259 C  CA  . PRO A 1 174 ? 7.059   3.357   -12.228 1.00 17.16  ? 163 PRO A CA  1 
ATOM   1260 C  C   . PRO A 1 174 ? 5.859   3.893   -13.047 1.00 18.13  ? 163 PRO A C   1 
ATOM   1261 O  O   . PRO A 1 174 ? 6.006   4.168   -14.229 1.00 17.78  ? 163 PRO A O   1 
ATOM   1262 C  CB  . PRO A 1 174 ? 7.880   4.460   -11.497 1.00 19.49  ? 163 PRO A CB  1 
ATOM   1263 C  CG  . PRO A 1 174 ? 9.112   4.699   -12.471 1.00 19.67  ? 163 PRO A CG  1 
ATOM   1264 C  CD  . PRO A 1 174 ? 9.359   3.347   -13.159 1.00 17.67  ? 163 PRO A CD  1 
ATOM   1265 N  N   . GLN A 1 175 ? 4.699   3.944   -12.417 1.00 17.84  ? 164 GLN A N   1 
ATOM   1266 C  CA  . GLN A 1 175 ? 3.401   4.377   -13.040 1.00 18.34  ? 164 GLN A CA  1 
ATOM   1267 C  C   . GLN A 1 175 ? 2.906   5.651   -12.326 1.00 19.09  ? 164 GLN A C   1 
ATOM   1268 O  O   . GLN A 1 175 ? 2.278   6.507   -12.975 1.00 18.37  ? 164 GLN A O   1 
ATOM   1269 C  CB  . GLN A 1 175 ? 2.399   3.213   -12.905 1.00 19.20  ? 164 GLN A CB  1 
ATOM   1270 C  CG  . GLN A 1 175 ? 1.108   3.486   -13.438 1.00 18.57  ? 164 GLN A CG  1 
ATOM   1271 C  CD  . GLN A 1 175 ? 0.249   2.276   -13.655 1.00 19.43  ? 164 GLN A CD  1 
ATOM   1272 O  OE1 . GLN A 1 175 ? 0.631   1.126   -13.309 1.00 29.37  ? 164 GLN A OE1 1 
ATOM   1273 N  NE2 . GLN A 1 175 ? -0.946  2.506   -14.178 1.00 20.52  ? 164 GLN A NE2 1 
ATOM   1274 N  N   . TYR A 1 176 ? 3.132   5.782   -10.999 1.00 18.52  ? 165 TYR A N   1 
ATOM   1275 C  CA  . TYR A 1 176 ? 2.411   6.859   -10.256 1.00 18.54  ? 165 TYR A CA  1 
ATOM   1276 C  C   . TYR A 1 176 ? 3.405   7.857   -9.691  1.00 19.65  ? 165 TYR A C   1 
ATOM   1277 O  O   . TYR A 1 176 ? 3.293   9.072   -9.943  1.00 19.51  ? 165 TYR A O   1 
ATOM   1278 C  CB  . TYR A 1 176 ? 1.468   6.295   -9.145  1.00 16.46  ? 165 TYR A CB  1 
ATOM   1279 C  CG  . TYR A 1 176 ? 0.492   5.248   -9.630  1.00 16.67  ? 165 TYR A CG  1 
ATOM   1280 C  CD1 . TYR A 1 176 ? -0.674  5.632   -10.324 1.00 16.72  ? 165 TYR A CD1 1 
ATOM   1281 C  CD2 . TYR A 1 176 ? 0.714   3.871   -9.459  1.00 17.37  ? 165 TYR A CD2 1 
ATOM   1282 C  CE1 . TYR A 1 176 ? -1.649  4.678   -10.796 1.00 19.33  ? 165 TYR A CE1 1 
ATOM   1283 C  CE2 . TYR A 1 176 ? -0.245  2.878   -9.973  1.00 20.80  ? 165 TYR A CE2 1 
ATOM   1284 C  CZ  . TYR A 1 176 ? -1.390  3.320   -10.675 1.00 18.35  ? 165 TYR A CZ  1 
ATOM   1285 O  OH  . TYR A 1 176 ? -2.328  2.409   -11.078 1.00 23.31  ? 165 TYR A OH  1 
ATOM   1286 N  N   . ILE A 1 177 ? 4.384   7.379   -8.927  1.00 19.49  ? 166 ILE A N   1 
ATOM   1287 C  CA  . ILE A 1 177 ? 5.550   8.194   -8.571  1.00 19.37  ? 166 ILE A CA  1 
ATOM   1288 C  C   . ILE A 1 177 ? 6.433   8.555   -9.787  1.00 21.02  ? 166 ILE A C   1 
ATOM   1289 O  O   . ILE A 1 177 ? 6.471   7.848   -10.826 1.00 19.01  ? 166 ILE A O   1 
ATOM   1290 C  CB  . ILE A 1 177 ? 6.383   7.534   -7.418  1.00 19.31  ? 166 ILE A CB  1 
ATOM   1291 C  CG1 . ILE A 1 177 ? 7.181   6.344   -7.949  1.00 18.19  ? 166 ILE A CG1 1 
ATOM   1292 C  CG2 . ILE A 1 177 ? 5.432   7.164   -6.297  1.00 18.09  ? 166 ILE A CG2 1 
ATOM   1293 C  CD1 . ILE A 1 177 ? 8.094   5.684   -6.862  1.00 20.03  ? 166 ILE A CD1 1 
ATOM   1294 N  N   . SER A 1 178 ? 7.169   9.667   -9.648  1.00 22.37  ? 167 SER A N   1 
ATOM   1295 C  CA  . SER A 1 178 ? 8.100   10.016  -10.724 1.00 23.46  ? 167 SER A CA  1 
ATOM   1296 C  C   . SER A 1 178 ? 9.289   9.033   -10.885 1.00 23.22  ? 167 SER A C   1 
ATOM   1297 O  O   . SER A 1 178 ? 9.743   8.371   -9.923  1.00 22.61  ? 167 SER A O   1 
ATOM   1298 C  CB  . SER A 1 178 ? 8.648   11.418  -10.533 1.00 23.79  ? 167 SER A CB  1 
ATOM   1299 O  OG  . SER A 1 178 ? 9.542   11.473  -9.422  1.00 24.94  ? 167 SER A OG  1 
ATOM   1300 N  N   . LYS A 1 179 ? 9.859   9.039   -12.084 1.00 24.00  ? 168 LYS A N   1 
ATOM   1301 C  CA  . LYS A 1 179 ? 11.116  8.261   -12.355 1.00 23.89  ? 168 LYS A CA  1 
ATOM   1302 C  C   . LYS A 1 179 ? 12.209  8.584   -11.351 1.00 23.61  ? 168 LYS A C   1 
ATOM   1303 O  O   . LYS A 1 179 ? 12.906  7.711   -10.852 1.00 23.30  ? 168 LYS A O   1 
ATOM   1304 C  CB  . LYS A 1 179 ? 11.614  8.549   -13.750 1.00 23.71  ? 168 LYS A CB  1 
ATOM   1305 C  CG  . LYS A 1 179 ? 10.529  8.320   -14.714 1.00 30.28  ? 168 LYS A CG  1 
ATOM   1306 C  CD  . LYS A 1 179 ? 10.486  9.434   -15.780 1.00 41.10  ? 168 LYS A CD  1 
ATOM   1307 C  CE  . LYS A 1 179 ? 9.629   9.001   -17.001 1.00 40.51  ? 168 LYS A CE  1 
ATOM   1308 N  NZ  . LYS A 1 179 ? 10.421  7.981   -17.759 1.00 41.36  ? 168 LYS A NZ  1 
ATOM   1309 N  N   . GLU A 1 180 ? 12.312  9.868   -11.052 1.00 25.10  ? 169 GLU A N   1 
ATOM   1310 C  CA  . GLU A 1 180 ? 13.336  10.366  -10.177 1.00 24.99  ? 169 GLU A CA  1 
ATOM   1311 C  C   . GLU A 1 180 ? 13.111  9.858   -8.750  1.00 25.08  ? 169 GLU A C   1 
ATOM   1312 O  O   . GLU A 1 180 ? 14.034  9.363   -8.098  1.00 24.99  ? 169 GLU A O   1 
ATOM   1313 C  CB  . GLU A 1 180 ? 13.362  11.899  -10.243 1.00 27.13  ? 169 GLU A CB  1 
ATOM   1314 C  CG  . GLU A 1 180 ? 14.313  12.621  -9.298  1.00 33.99  ? 169 GLU A CG  1 
ATOM   1315 C  CD  . GLU A 1 180 ? 14.276  14.118  -9.581  1.00 41.61  ? 169 GLU A CD  1 
ATOM   1316 O  OE1 . GLU A 1 180 ? 14.547  14.486  -10.755 1.00 46.12  ? 169 GLU A OE1 1 
ATOM   1317 O  OE2 . GLU A 1 180 ? 13.936  14.899  -8.665  1.00 43.00  ? 169 GLU A OE2 1 
ATOM   1318 N  N   . GLU A 1 181 ? 11.896  9.918   -8.261  1.00 23.52  ? 170 GLU A N   1 
ATOM   1319 C  CA  . GLU A 1 181 ? 11.729  9.370   -6.921  1.00 23.72  ? 170 GLU A CA  1 
ATOM   1320 C  C   . GLU A 1 181 ? 11.857  7.853   -6.929  1.00 22.31  ? 170 GLU A C   1 
ATOM   1321 O  O   . GLU A 1 181 ? 12.374  7.291   -5.969  1.00 22.10  ? 170 GLU A O   1 
ATOM   1322 C  CB  . GLU A 1 181 ? 10.470  9.822   -6.264  1.00 26.36  ? 170 GLU A CB  1 
ATOM   1323 C  CG  . GLU A 1 181 ? 9.289   9.882   -7.091  1.00 31.51  ? 170 GLU A CG  1 
ATOM   1324 C  CD  . GLU A 1 181 ? 8.140   10.651  -6.362  1.00 40.71  ? 170 GLU A CD  1 
ATOM   1325 O  OE1 . GLU A 1 181 ? 8.179   10.750  -5.073  1.00 46.50  ? 170 GLU A OE1 1 
ATOM   1326 O  OE2 . GLU A 1 181 ? 7.206   11.120  -7.054  1.00 32.51  ? 170 GLU A OE2 1 
ATOM   1327 N  N   . TYR A 1 182 ? 11.407  7.200   -7.988  1.00 20.22  ? 171 TYR A N   1 
ATOM   1328 C  CA  . TYR A 1 182 ? 11.585  5.761   -8.073  1.00 20.34  ? 171 TYR A CA  1 
ATOM   1329 C  C   . TYR A 1 182 ? 13.102  5.341   -7.976  1.00 22.18  ? 171 TYR A C   1 
ATOM   1330 O  O   . TYR A 1 182 ? 13.506  4.459   -7.185  1.00 21.04  ? 171 TYR A O   1 
ATOM   1331 C  CB  . TYR A 1 182 ? 10.983  5.209   -9.369  1.00 21.07  ? 171 TYR A CB  1 
ATOM   1332 C  CG  . TYR A 1 182 ? 11.264  3.744   -9.519  1.00 18.72  ? 171 TYR A CG  1 
ATOM   1333 C  CD1 . TYR A 1 182 ? 10.684  2.810   -8.634  1.00 18.93  ? 171 TYR A CD1 1 
ATOM   1334 C  CD2 . TYR A 1 182 ? 12.096  3.265   -10.525 1.00 15.81  ? 171 TYR A CD2 1 
ATOM   1335 C  CE1 . TYR A 1 182 ? 10.931  1.457   -8.774  1.00 19.93  ? 171 TYR A CE1 1 
ATOM   1336 C  CE2 . TYR A 1 182 ? 12.331  1.908   -10.711 1.00 15.84  ? 171 TYR A CE2 1 
ATOM   1337 C  CZ  . TYR A 1 182 ? 11.774  0.999   -9.790  1.00 19.18  ? 171 TYR A CZ  1 
ATOM   1338 O  OH  . TYR A 1 182 ? 12.032  -0.319  -9.928  1.00 19.01  ? 171 TYR A OH  1 
ATOM   1339 N  N   . GLU A 1 183 ? 13.939  6.034   -8.742  1.00 24.44  ? 172 GLU A N   1 
ATOM   1340 C  CA  . GLU A 1 183 ? 15.386  5.812   -8.707  1.00 27.97  ? 172 GLU A CA  1 
ATOM   1341 C  C   . GLU A 1 183 ? 15.996  6.074   -7.319  1.00 28.66  ? 172 GLU A C   1 
ATOM   1342 O  O   . GLU A 1 183 ? 16.808  5.286   -6.826  1.00 28.82  ? 172 GLU A O   1 
ATOM   1343 C  CB  . GLU A 1 183 ? 16.023  6.690   -9.784  1.00 29.63  ? 172 GLU A CB  1 
ATOM   1344 C  CG  . GLU A 1 183 ? 15.652  6.194   -11.197 1.00 36.77  ? 172 GLU A CG  1 
ATOM   1345 C  CD  . GLU A 1 183 ? 16.150  7.121   -12.341 1.00 47.78  ? 172 GLU A CD  1 
ATOM   1346 O  OE1 . GLU A 1 183 ? 16.109  8.374   -12.181 1.00 54.06  ? 172 GLU A OE1 1 
ATOM   1347 O  OE2 . GLU A 1 183 ? 16.554  6.611   -13.419 1.00 50.17  ? 172 GLU A OE2 1 
ATOM   1348 N  N   . GLU A 1 184 ? 15.559  7.139   -6.663  1.00 29.32  ? 173 GLU A N   1 
ATOM   1349 C  CA  . GLU A 1 184 ? 16.044  7.446   -5.287  1.00 29.87  ? 173 GLU A CA  1 
ATOM   1350 C  C   . GLU A 1 184 ? 15.643  6.351   -4.272  1.00 28.32  ? 173 GLU A C   1 
ATOM   1351 O  O   . GLU A 1 184 ? 16.462  5.983   -3.372  1.00 26.97  ? 173 GLU A O   1 
ATOM   1352 C  CB  . GLU A 1 184 ? 15.565  8.857   -4.896  1.00 31.26  ? 173 GLU A CB  1 
ATOM   1353 C  CG  . GLU A 1 184 ? 16.102  9.402   -3.593  1.00 41.38  ? 173 GLU A CG  1 
ATOM   1354 C  CD  . GLU A 1 184 ? 15.036  9.331   -2.476  1.00 51.91  ? 173 GLU A CD  1 
ATOM   1355 O  OE1 . GLU A 1 184 ? 13.827  9.513   -2.815  1.00 55.59  ? 173 GLU A OE1 1 
ATOM   1356 O  OE2 . GLU A 1 184 ? 15.407  9.102   -1.274  1.00 54.31  ? 173 GLU A OE2 1 
ATOM   1357 N  N   . ILE A 1 185 ? 14.411  5.825   -4.376  1.00 25.05  ? 174 ILE A N   1 
ATOM   1358 C  CA  . ILE A 1 185 ? 14.026  4.671   -3.557  1.00 25.20  ? 174 ILE A CA  1 
ATOM   1359 C  C   . ILE A 1 185 ? 14.872  3.447   -3.788  1.00 26.76  ? 174 ILE A C   1 
ATOM   1360 O  O   . ILE A 1 185 ? 15.373  2.865   -2.785  1.00 29.15  ? 174 ILE A O   1 
ATOM   1361 C  CB  . ILE A 1 185 ? 12.497  4.266   -3.730  1.00 22.41  ? 174 ILE A CB  1 
ATOM   1362 C  CG1 . ILE A 1 185 ? 11.648  5.334   -3.110  1.00 23.85  ? 174 ILE A CG1 1 
ATOM   1363 C  CG2 . ILE A 1 185 ? 12.205  2.853   -3.064  1.00 22.29  ? 174 ILE A CG2 1 
ATOM   1364 C  CD1 . ILE A 1 185 ? 10.268  5.376   -3.717  1.00 25.11  ? 174 ILE A CD1 1 
ATOM   1365 N  N   . ILE A 1 186 ? 15.039  3.019   -5.046  1.00 28.63  ? 175 ILE A N   1 
ATOM   1366 C  CA  . ILE A 1 186 ? 15.710  1.714   -5.347  1.00 29.77  ? 175 ILE A CA  1 
ATOM   1367 C  C   . ILE A 1 186 ? 17.235  1.761   -5.262  1.00 32.60  ? 175 ILE A C   1 
ATOM   1368 O  O   . ILE A 1 186 ? 17.880  0.711   -5.211  1.00 32.95  ? 175 ILE A O   1 
ATOM   1369 C  CB  . ILE A 1 186 ? 15.267  1.036   -6.649  1.00 29.72  ? 175 ILE A CB  1 
ATOM   1370 C  CG1 . ILE A 1 186 ? 15.639  1.852   -7.897  1.00 28.60  ? 175 ILE A CG1 1 
ATOM   1371 C  CG2 . ILE A 1 186 ? 13.765  0.516   -6.565  1.00 25.73  ? 175 ILE A CG2 1 
ATOM   1372 C  CD1 . ILE A 1 186 ? 15.579  1.012   -9.157  1.00 28.88  ? 175 ILE A CD1 1 
ATOM   1373 N  N   . SER A 1 187 ? 17.803  2.970   -5.234  1.00 35.24  ? 176 SER A N   1 
ATOM   1374 C  CA  . SER A 1 187 ? 19.254  3.090   -5.219  1.00 39.15  ? 176 SER A CA  1 
ATOM   1375 C  C   . SER A 1 187 ? 19.710  3.250   -3.799  1.00 41.45  ? 176 SER A C   1 
ATOM   1376 O  O   . SER A 1 187 ? 20.901  3.335   -3.546  1.00 43.50  ? 176 SER A O   1 
ATOM   1377 C  CB  . SER A 1 187 ? 19.736  4.299   -6.030  1.00 38.43  ? 176 SER A CB  1 
ATOM   1378 O  OG  . SER A 1 187 ? 19.277  5.493   -5.394  1.00 39.98  ? 176 SER A OG  1 
ATOM   1379 N  N   . SER A 1 188 ? 18.772  3.316   -2.873  1.00 43.55  ? 177 SER A N   1 
ATOM   1380 C  CA  . SER A 1 188 ? 19.136  3.369   -1.470  1.00 46.39  ? 177 SER A CA  1 
ATOM   1381 C  C   . SER A 1 188 ? 18.863  2.041   -0.715  1.00 47.90  ? 177 SER A C   1 
ATOM   1382 O  O   . SER A 1 188 ? 18.191  1.123   -1.217  1.00 47.74  ? 177 SER A O   1 
ATOM   1383 C  CB  . SER A 1 188 ? 18.443  4.532   -0.791  1.00 45.63  ? 177 SER A CB  1 
ATOM   1384 O  OG  . SER A 1 188 ? 17.115  4.623   -1.248  1.00 46.21  ? 177 SER A OG  1 
ATOM   1385 N  N   . SER A 1 189 ? 19.435  1.964   0.484   1.00 49.86  ? 178 SER A N   1 
ATOM   1386 C  CA  . SER A 1 189 ? 19.213  0.868   1.415   1.00 51.38  ? 178 SER A CA  1 
ATOM   1387 C  C   . SER A 1 189 ? 17.979  1.193   2.285   1.00 52.01  ? 178 SER A C   1 
ATOM   1388 O  O   . SER A 1 189 ? 17.247  2.156   2.013   1.00 51.74  ? 178 SER A O   1 
ATOM   1389 C  CB  . SER A 1 189 ? 20.462  0.651   2.305   1.00 51.72  ? 178 SER A CB  1 
ATOM   1390 O  OG  . SER A 1 189 ? 21.559  0.083   1.578   1.00 52.07  ? 178 SER A OG  1 
ATOM   1391 N  N   . THR A 1 190 ? 17.833  0.416   3.363   1.00 53.07  ? 179 THR A N   1 
ATOM   1392 C  CA  . THR A 1 190 ? 16.612  0.277   4.168   1.00 53.02  ? 179 THR A CA  1 
ATOM   1393 C  C   . THR A 1 190 ? 16.333  1.373   5.188   1.00 53.46  ? 179 THR A C   1 
ATOM   1394 O  O   . THR A 1 190 ? 17.235  2.012   5.759   1.00 53.59  ? 179 THR A O   1 
ATOM   1395 C  CB  . THR A 1 190 ? 16.619  -1.091  4.900   1.00 53.32  ? 179 THR A CB  1 
ATOM   1396 O  OG1 . THR A 1 190 ? 16.733  -2.139  3.934   1.00 53.58  ? 179 THR A OG1 1 
ATOM   1397 C  CG2 . THR A 1 190 ? 15.339  -1.311  5.718   1.00 52.76  ? 179 THR A CG2 1 
ATOM   1398 N  N   . GLU A 1 191 ? 15.059  1.589   5.431   1.00 53.16  ? 180 GLU A N   1 
ATOM   1399 C  CA  . GLU A 1 191 ? 14.677  2.546   6.415   1.00 53.05  ? 180 GLU A CA  1 
ATOM   1400 C  C   . GLU A 1 191 ? 14.108  1.780   7.586   1.00 54.21  ? 180 GLU A C   1 
ATOM   1401 O  O   . GLU A 1 191 ? 14.810  0.901   8.114   1.00 55.18  ? 180 GLU A O   1 
ATOM   1402 C  CB  . GLU A 1 191 ? 13.749  3.555   5.782   1.00 52.79  ? 180 GLU A CB  1 
ATOM   1403 C  CG  . GLU A 1 191 ? 14.388  4.139   4.521   1.00 49.65  ? 180 GLU A CG  1 
ATOM   1404 C  CD  . GLU A 1 191 ? 13.443  5.018   3.731   1.00 48.25  ? 180 GLU A CD  1 
ATOM   1405 O  OE1 . GLU A 1 191 ? 13.379  4.862   2.497   1.00 43.74  ? 180 GLU A OE1 1 
ATOM   1406 O  OE2 . GLU A 1 191 ? 12.756  5.853   4.349   1.00 43.81  ? 180 GLU A OE2 1 
HETATM 1407 ZN ZN  . ZN  B 2 .   ? 1.441   -0.338  3.615   1.00 16.29  ? 201 ZN  A ZN  1 
HETATM 1408 ZN ZN  . ZN  C 2 .   ? 3.418   -1.965  1.329   1.00 17.11  ? 202 ZN  A ZN  1 
HETATM 1409 C  C1  . B3P D 3 .   ? -5.280  -5.031  16.415  1.00 21.35  ? 203 B3P A C1  1 
HETATM 1410 C  C2  . B3P D 3 .   ? -4.908  -3.553  16.766  1.00 25.81  ? 203 B3P A C2  1 
HETATM 1411 C  C3  . B3P D 3 .   ? -3.949  -5.826  16.436  1.00 25.95  ? 203 B3P A C3  1 
HETATM 1412 N  N1  . B3P D 3 .   ? -4.087  -7.153  15.764  1.00 27.81  ? 203 B3P A N1  1 
HETATM 1413 C  C4  . B3P D 3 .   ? -2.849  -7.977  15.669  1.00 33.09  ? 203 B3P A C4  1 
HETATM 1414 C  C5  . B3P D 3 .   ? -1.736  -7.286  14.813  1.00 33.42  ? 203 B3P A C5  1 
HETATM 1415 C  C6  . B3P D 3 .   ? -2.277  -8.272  17.106  1.00 36.04  ? 203 B3P A C6  1 
HETATM 1416 C  C7  . B3P D 3 .   ? -3.260  -9.378  15.041  1.00 37.58  ? 203 B3P A C7  1 
HETATM 1417 N  N2  . B3P D 3 .   ? -6.142  -2.839  17.065  1.00 23.74  ? 203 B3P A N2  1 
HETATM 1418 C  C8  . B3P D 3 .   ? -5.996  -1.429  17.506  1.00 24.10  ? 203 B3P A C8  1 
HETATM 1419 C  C9  . B3P D 3 .   ? -7.412  -0.813  17.622  1.00 24.24  ? 203 B3P A C9  1 
HETATM 1420 C  C10 . B3P D 3 .   ? -5.285  -1.404  18.879  1.00 23.68  ? 203 B3P A C10 1 
HETATM 1421 C  C11 . B3P D 3 .   ? -5.083  -0.618  16.530  1.00 21.87  ? 203 B3P A C11 1 
HETATM 1422 O  O1  . B3P D 3 .   ? -7.235  0.640   17.758  1.00 29.69  ? 203 B3P A O1  1 
HETATM 1423 O  O2  . B3P D 3 .   ? -6.055  -2.256  19.792  1.00 21.85  ? 203 B3P A O2  1 
HETATM 1424 O  O3  . B3P D 3 .   ? -5.629  -0.828  15.243  1.00 25.33  ? 203 B3P A O3  1 
HETATM 1425 O  O4  . B3P D 3 .   ? -2.165  -6.979  13.455  1.00 34.89  ? 203 B3P A O4  1 
HETATM 1426 O  O5  . B3P D 3 .   ? -3.394  -8.722  17.878  1.00 37.51  ? 203 B3P A O5  1 
HETATM 1427 O  O6  . B3P D 3 .   ? -2.083  -10.210 14.842  1.00 36.52  ? 203 B3P A O6  1 
HETATM 1428 O  O   . HOH E 4 .   ? -8.665  3.081   20.153  1.00 29.45  ? 186 HOH A O   1 
HETATM 1429 O  O   . HOH E 4 .   ? -5.553  -6.437  13.371  1.00 24.54  ? 187 HOH A O   1 
HETATM 1430 O  O   . HOH E 4 .   ? -8.874  0.046   -11.422 1.00 38.07  ? 188 HOH A O   1 
HETATM 1431 O  O   . HOH E 4 .   ? 15.137  -1.748  2.094   1.00 36.52  ? 189 HOH A O   1 
HETATM 1432 O  O   . HOH E 4 .   ? 10.150  -10.202 2.173   1.00 34.32  ? 190 HOH A O   1 
HETATM 1433 O  O   . HOH E 4 .   ? -1.376  5.285   14.428  1.00 27.71  ? 191 HOH A O   1 
HETATM 1434 O  O   . HOH E 4 .   ? -5.849  -11.838 7.394   1.00 36.53  ? 192 HOH A O   1 
HETATM 1435 O  O   . HOH E 4 .   ? 15.412  3.613   -12.333 1.00 41.74  ? 193 HOH A O   1 
HETATM 1436 O  O   . HOH E 4 .   ? 17.452  4.200   -10.643 1.00 40.50  ? 194 HOH A O   1 
HETATM 1437 O  O   . HOH E 4 .   ? -6.392  23.173  18.713  1.00 46.52  ? 195 HOH A O   1 
HETATM 1438 O  O   . HOH E 4 .   ? -14.343 -10.989 -1.664  1.00 18.70  ? 196 HOH A O   1 
HETATM 1439 O  O   . HOH E 4 .   ? 8.325   11.054  -14.208 1.00 19.61  ? 197 HOH A O   1 
HETATM 1440 O  O   . HOH E 4 .   ? 0.183   -1.096  13.878  1.00 19.78  ? 198 HOH A O   1 
HETATM 1441 O  O   . HOH E 4 .   ? -7.373  5.278   19.309  1.00 25.34  ? 199 HOH A O   1 
HETATM 1442 O  O   . HOH E 4 .   ? 5.767   -17.799 -12.717 1.00 28.57  ? 200 HOH A O   1 
HETATM 1443 O  O   . HOH E 4 .   ? -5.653  12.412  5.878   1.00 22.66  ? 204 HOH A O   1 
HETATM 1444 O  O   . HOH E 4 .   ? -13.080 -2.719  3.188   1.00 20.93  ? 205 HOH A O   1 
HETATM 1445 O  O   . HOH E 4 .   ? -1.191  -1.585  -13.594 1.00 23.18  ? 206 HOH A O   1 
HETATM 1446 O  O   . HOH E 4 .   ? 9.876   -14.632 -1.618  1.00 22.93  ? 207 HOH A O   1 
HETATM 1447 O  O   . HOH E 4 .   ? 9.481   -18.197 -1.172  1.00 22.66  ? 208 HOH A O   1 
HETATM 1448 O  O   . HOH E 4 .   ? -11.787 4.194   1.682   1.00 22.94  ? 209 HOH A O   1 
HETATM 1449 O  O   . HOH E 4 .   ? -10.365 -12.773 4.341   1.00 28.06  ? 210 HOH A O   1 
HETATM 1450 O  O   . HOH E 4 .   ? 19.073  4.003   -9.098  1.00 45.88  ? 211 HOH A O   1 
HETATM 1451 O  O   . HOH E 4 .   ? -11.908 7.805   -4.090  1.00 30.57  ? 212 HOH A O   1 
HETATM 1452 O  O   . HOH E 4 .   ? -9.516  -11.732 6.786   1.00 46.83  ? 213 HOH A O   1 
HETATM 1453 O  O   . HOH E 4 .   ? -4.000  -10.363 8.142   1.00 28.31  ? 214 HOH A O   1 
HETATM 1454 O  O   . HOH E 4 .   ? 0.145   -7.706  11.563  1.00 37.49  ? 215 HOH A O   1 
HETATM 1455 O  O   . HOH E 4 .   ? 11.405  12.223  -12.636 1.00 29.04  ? 216 HOH A O   1 
HETATM 1456 O  O   . HOH E 4 .   ? 13.652  -1.352  -11.788 1.00 22.32  ? 217 HOH A O   1 
HETATM 1457 O  O   . HOH E 4 .   ? -0.982  -21.048 -13.006 1.00 41.42  ? 218 HOH A O   1 
HETATM 1458 O  O   . HOH E 4 .   ? 7.094   -2.853  -14.966 1.00 25.51  ? 219 HOH A O   1 
HETATM 1459 O  O   . HOH E 4 .   ? 13.312  -3.737  1.757   1.00 21.31  ? 220 HOH A O   1 
HETATM 1460 O  O   . HOH E 4 .   ? -5.737  7.583   -1.553  1.00 23.76  ? 221 HOH A O   1 
HETATM 1461 O  O   . HOH E 4 .   ? -11.962 19.904  5.021   1.00 37.62  ? 222 HOH A O   1 
HETATM 1462 O  O   . HOH E 4 .   ? 16.628  -3.167  -7.487  1.00 29.05  ? 223 HOH A O   1 
HETATM 1463 O  O   . HOH E 4 .   ? -8.012  -5.836  9.946   1.00 24.34  ? 224 HOH A O   1 
HETATM 1464 O  O   . HOH E 4 .   ? 15.294  -2.810  -4.920  1.00 26.10  ? 225 HOH A O   1 
HETATM 1465 O  O   . HOH E 4 .   ? 6.494   -0.406  8.076   1.00 26.98  ? 226 HOH A O   1 
HETATM 1466 O  O   . HOH E 4 .   ? -1.215  0.801   15.385  1.00 19.64  ? 227 HOH A O   1 
HETATM 1467 O  O   . HOH E 4 .   ? 4.921   10.821  -5.084  1.00 43.12  ? 228 HOH A O   1 
HETATM 1468 O  O   . HOH E 4 .   ? -11.266 -3.987  -12.049 1.00 28.38  ? 229 HOH A O   1 
HETATM 1469 O  O   . HOH E 4 .   ? 2.813   -0.120  -12.340 1.00 26.67  ? 230 HOH A O   1 
HETATM 1470 O  O   . HOH E 4 .   ? 7.582   -15.615 -13.971 1.00 25.03  ? 231 HOH A O   1 
HETATM 1471 O  O   . HOH E 4 .   ? -5.856  5.761   -5.275  1.00 33.45  ? 232 HOH A O   1 
HETATM 1472 O  O   . HOH E 4 .   ? 8.037   -4.322  5.810   1.00 34.57  ? 233 HOH A O   1 
HETATM 1473 O  O   . HOH E 4 .   ? 13.343  -9.166  -1.902  1.00 22.07  ? 234 HOH A O   1 
HETATM 1474 O  O   . HOH E 4 .   ? -15.967 -4.928  -2.707  1.00 36.81  ? 235 HOH A O   1 
HETATM 1475 O  O   . HOH E 4 .   ? -12.918 6.440   0.598   1.00 26.44  ? 236 HOH A O   1 
HETATM 1476 O  O   . HOH E 4 .   ? -12.304 10.001  -0.803  1.00 34.53  ? 237 HOH A O   1 
HETATM 1477 O  O   . HOH E 4 .   ? -2.829  -0.403  -11.469 1.00 26.86  ? 238 HOH A O   1 
HETATM 1478 O  O   . HOH E 4 .   ? -13.326 -3.615  10.487  1.00 37.68  ? 239 HOH A O   1 
HETATM 1479 O  O   . HOH E 4 .   ? -15.110 -8.183  9.406   1.00 19.41  ? 240 HOH A O   1 
HETATM 1480 O  O   . HOH E 4 .   ? -9.086  8.812   -6.301  1.00 30.02  ? 241 HOH A O   1 
HETATM 1481 O  O   . HOH E 4 .   ? -1.929  10.596  -5.741  1.00 46.89  ? 242 HOH A O   1 
HETATM 1482 O  O   . HOH E 4 .   ? -3.243  -21.832 0.256   1.00 31.50  ? 243 HOH A O   1 
HETATM 1483 O  O   . HOH E 4 .   ? -1.471  17.080  -1.937  1.00 31.41  ? 244 HOH A O   1 
HETATM 1484 O  O   . HOH E 4 .   ? -8.159  20.169  5.565   1.00 35.95  ? 245 HOH A O   1 
HETATM 1485 O  O   . HOH E 4 .   ? -6.630  7.189   20.982  1.00 37.80  ? 246 HOH A O   1 
HETATM 1486 O  O   . HOH E 4 .   ? -5.041  10.581  -6.530  1.00 37.31  ? 247 HOH A O   1 
HETATM 1487 O  O   . HOH E 4 .   ? -6.783  15.830  3.368   1.00 35.94  ? 248 HOH A O   1 
HETATM 1488 O  O   . HOH E 4 .   ? -16.174 5.755   6.652   1.00 34.99  ? 249 HOH A O   1 
HETATM 1489 O  O   . HOH E 4 .   ? 16.477  10.097  -8.503  1.00 32.94  ? 250 HOH A O   1 
HETATM 1490 O  O   . HOH E 4 .   ? 1.629   12.158  -5.160  1.00 26.96  ? 251 HOH A O   1 
HETATM 1491 O  O   . HOH E 4 .   ? -7.022  -3.002  11.714  1.00 29.70  ? 252 HOH A O   1 
HETATM 1492 O  O   . HOH E 4 .   ? -4.569  14.718  4.775   1.00 24.34  ? 253 HOH A O   1 
HETATM 1493 O  O   . HOH E 4 .   ? 17.070  -6.858  -13.381 1.00 26.67  ? 254 HOH A O   1 
HETATM 1494 O  O   . HOH E 4 .   ? -9.573  1.908   -9.438  1.00 31.08  ? 255 HOH A O   1 
HETATM 1495 O  O   . HOH E 4 .   ? -5.626  -8.758  12.196  1.00 31.94  ? 256 HOH A O   1 
HETATM 1496 O  O   . HOH E 4 .   ? -1.305  -10.920 7.328   1.00 42.38  ? 257 HOH A O   1 
HETATM 1497 O  O   . HOH E 4 .   ? -3.853  10.357  -2.443  1.00 89.93  ? 258 HOH A O   1 
HETATM 1498 O  O   . HOH E 4 .   ? -12.447 8.930   1.700   1.00 24.00  ? 259 HOH A O   1 
HETATM 1499 O  O   . HOH E 4 .   ? -8.137  -5.797  14.058  1.00 37.29  ? 260 HOH A O   1 
HETATM 1500 O  O   . HOH E 4 .   ? -10.353 6.188   21.575  1.00 61.95  ? 261 HOH A O   1 
HETATM 1501 O  O   . HOH E 4 .   ? -2.187  -15.750 2.269   1.00 29.11  ? 262 HOH A O   1 
HETATM 1502 O  O   . HOH E 4 .   ? -10.215 -3.966  11.877  1.00 42.31  ? 263 HOH A O   1 
HETATM 1503 O  O   . HOH E 4 .   ? -15.803 -3.342  3.936   1.00 31.75  ? 264 HOH A O   1 
HETATM 1504 O  O   . HOH E 4 .   ? 14.172  6.681   0.792   1.00 51.54  ? 265 HOH A O   1 
HETATM 1505 O  O   . HOH E 4 .   ? 0.485   -13.037 5.827   1.00 41.23  ? 266 HOH A O   1 
HETATM 1506 O  O   . HOH E 4 .   ? -14.996 11.838  4.424   1.00 43.61  ? 267 HOH A O   1 
HETATM 1507 O  O   . HOH E 4 .   ? 5.626   -3.592  9.278   1.00 29.77  ? 268 HOH A O   1 
HETATM 1508 O  O   . HOH E 4 .   ? 5.492   -1.232  10.457  1.00 36.54  ? 269 HOH A O   1 
HETATM 1509 O  O   . HOH E 4 .   ? 19.534  -9.609  -8.212  1.00 32.40  ? 270 HOH A O   1 
HETATM 1510 O  O   . HOH E 4 .   ? -10.061 15.914  1.247   1.00 55.91  ? 271 HOH A O   1 
HETATM 1511 O  O   . HOH E 4 .   ? -1.257  -22.591 -9.728  1.00 32.13  ? 272 HOH A O   1 
HETATM 1512 O  O   . HOH E 4 .   ? -5.217  -13.801 -15.040 1.00 38.24  ? 273 HOH A O   1 
HETATM 1513 O  O   . HOH E 4 .   ? -0.784  -3.494  15.316  1.00 31.73  ? 274 HOH A O   1 
HETATM 1514 O  O   . HOH E 4 .   ? 0.731   -3.877  -12.364 1.00 34.63  ? 275 HOH A O   1 
HETATM 1515 O  O   . HOH E 4 .   ? 9.237   -1.865  6.811   1.00 33.13  ? 276 HOH A O   1 
HETATM 1516 O  O   . HOH E 4 .   ? 1.549   -19.659 5.560   1.00 44.97  ? 277 HOH A O   1 
HETATM 1517 O  O   . HOH E 4 .   ? 18.372  -10.281 -4.349  1.00 59.29  ? 278 HOH A O   1 
HETATM 1518 O  O   . HOH E 4 .   ? -13.396 -7.997  -4.998  1.00 34.00  ? 279 HOH A O   1 
HETATM 1519 O  O   . HOH E 4 .   ? -1.715  18.679  15.630  1.00 51.99  ? 280 HOH A O   1 
HETATM 1520 O  O   . HOH E 4 .   ? -14.838 4.721   16.410  1.00 40.91  ? 281 HOH A O   1 
HETATM 1521 O  O   . HOH E 4 .   ? -7.013  19.022  2.022   1.00 42.66  ? 282 HOH A O   1 
HETATM 1522 O  O   . HOH E 4 .   ? -5.973  9.417   -3.773  1.00 30.51  ? 283 HOH A O   1 
HETATM 1523 O  O   . HOH E 4 .   ? -5.875  -11.925 -0.322  1.00 394.28 ? 284 HOH A O   1 
HETATM 1524 O  O   . HOH E 4 .   ? 17.002  10.220  -11.023 1.00 45.16  ? 285 HOH A O   1 
HETATM 1525 O  O   . HOH E 4 .   ? 10.997  -16.586 -2.951  1.00 30.46  ? 286 HOH A O   1 
HETATM 1526 O  O   . HOH E 4 .   ? -18.968 -0.697  -2.803  1.00 44.00  ? 287 HOH A O   1 
HETATM 1527 O  O   . HOH E 4 .   ? -4.870  -19.572 -10.543 1.00 44.76  ? 288 HOH A O   1 
HETATM 1528 O  O   . HOH E 4 .   ? 13.702  12.126  -13.734 1.00 42.20  ? 289 HOH A O   1 
HETATM 1529 O  O   . HOH E 4 .   ? 2.454   0.384   13.605  1.00 23.90  ? 290 HOH A O   1 
HETATM 1530 O  O   . HOH E 4 .   ? 10.490  13.630  -8.878  1.00 41.54  ? 291 HOH A O   1 
HETATM 1531 O  O   . HOH E 4 .   ? 12.914  -6.101  -17.657 1.00 55.70  ? 292 HOH A O   1 
HETATM 1532 O  O   . HOH E 4 .   ? 15.147  -11.009 -2.801  1.00 33.02  ? 293 HOH A O   1 
HETATM 1533 O  O   . HOH E 4 .   ? 2.018   20.418  6.488   1.00 59.89  ? 294 HOH A O   1 
HETATM 1534 O  O   . HOH E 4 .   ? -17.505 0.327   10.162  1.00 48.78  ? 295 HOH A O   1 
HETATM 1535 O  O   . HOH E 4 .   ? -1.918  8.368   -7.968  1.00 39.56  ? 296 HOH A O   1 
HETATM 1536 O  O   . HOH E 4 .   ? -1.095  16.379  -4.285  1.00 47.05  ? 297 HOH A O   1 
HETATM 1537 O  O   . HOH E 4 .   ? 14.952  -7.640  -0.346  1.00 38.29  ? 298 HOH A O   1 
HETATM 1538 O  O   . HOH E 4 .   ? -2.792  -10.727 11.971  1.00 60.92  ? 299 HOH A O   1 
HETATM 1539 O  O   . HOH E 4 .   ? 4.718   -5.736  10.814  1.00 31.75  ? 300 HOH A O   1 
HETATM 1540 O  O   . HOH E 4 .   ? -10.104 -10.451 -10.563 1.00 32.74  ? 301 HOH A O   1 
HETATM 1541 O  O   . HOH E 4 .   ? -19.778 -5.024  9.482   1.00 35.08  ? 302 HOH A O   1 
HETATM 1542 O  O   . HOH E 4 .   ? 6.771   -14.046 -16.980 1.00 46.04  ? 303 HOH A O   1 
HETATM 1543 O  O   . HOH E 4 .   ? -14.056 -1.796  12.521  1.00 43.57  ? 304 HOH A O   1 
HETATM 1544 O  O   . HOH E 4 .   ? 1.562   -4.962  14.493  1.00 33.02  ? 305 HOH A O   1 
HETATM 1545 O  O   . HOH E 4 .   ? 11.933  -13.312 -0.075  1.00 44.53  ? 306 HOH A O   1 
HETATM 1546 O  O   . HOH E 4 .   ? -4.701  3.229   -11.434 1.00 29.31  ? 307 HOH A O   1 
HETATM 1547 O  O   . HOH E 4 .   ? 4.876   -20.906 -7.226  1.00 35.50  ? 308 HOH A O   1 
HETATM 1548 O  O   . HOH E 4 .   ? 4.601   -0.418  -14.516 1.00 23.81  ? 309 HOH A O   1 
HETATM 1549 O  O   . HOH E 4 .   ? 3.349   5.942   13.089  1.00 46.91  ? 310 HOH A O   1 
HETATM 1550 O  O   . HOH E 4 .   ? -5.307  -9.158  -16.669 1.00 60.17  ? 311 HOH A O   1 
HETATM 1551 O  O   . HOH E 4 .   ? -13.689 5.675   18.670  1.00 35.77  ? 312 HOH A O   1 
HETATM 1552 O  O   . HOH E 4 .   ? 14.745  0.338   -13.515 1.00 38.05  ? 313 HOH A O   1 
HETATM 1553 O  O   . HOH E 4 .   ? 10.412  14.146  7.576   1.00 55.55  ? 314 HOH A O   1 
HETATM 1554 O  O   . HOH E 4 .   ? 4.397   23.082  1.152   1.00 55.65  ? 315 HOH A O   1 
HETATM 1555 O  O   . HOH E 4 .   ? 18.086  12.205  -12.186 1.00 57.45  ? 316 HOH A O   1 
HETATM 1556 O  O   . HOH E 4 .   ? -10.082 -4.867  8.835   1.00 43.39  ? 317 HOH A O   1 
HETATM 1557 O  O   . HOH E 4 .   ? 12.503  1.496   -14.370 1.00 28.12  ? 318 HOH A O   1 
HETATM 1558 O  O   . HOH E 4 .   ? 8.719   8.447   -0.805  1.00 32.80  ? 319 HOH A O   1 
HETATM 1559 O  O   . HOH E 4 .   ? 11.416  -17.138 -5.885  1.00 37.14  ? 320 HOH A O   1 
HETATM 1560 O  O   . HOH E 4 .   ? -4.708  14.702  19.543  1.00 53.19  ? 321 HOH A O   1 
HETATM 1561 O  O   . HOH E 4 .   ? 12.535  7.716   -0.412  1.00 52.04  ? 322 HOH A O   1 
HETATM 1562 O  O   . HOH E 4 .   ? 10.685  5.130   -16.062 1.00 32.92  ? 323 HOH A O   1 
HETATM 1563 O  O   . HOH E 4 .   ? 6.677   -20.929 -4.547  1.00 30.04  ? 324 HOH A O   1 
HETATM 1564 O  O   . HOH E 4 .   ? -14.787 -5.528  10.776  1.00 42.98  ? 325 HOH A O   1 
HETATM 1565 O  O   . HOH E 4 .   ? -13.883 19.741  11.630  1.00 49.31  ? 326 HOH A O   1 
HETATM 1566 O  O   . HOH E 4 .   ? -16.671 2.305   12.563  1.00 37.31  ? 327 HOH A O   1 
HETATM 1567 O  O   . HOH E 4 .   ? 9.936   -5.159  3.852   1.00 35.12  ? 328 HOH A O   1 
HETATM 1568 O  O   . HOH E 4 .   ? -11.687 7.614   -7.235  1.00 39.55  ? 329 HOH A O   1 
HETATM 1569 O  O   . HOH E 4 .   ? -13.738 4.095   14.143  1.00 34.40  ? 330 HOH A O   1 
HETATM 1570 O  O   . HOH E 4 .   ? 10.580  11.786  5.927   1.00 48.24  ? 331 HOH A O   1 
HETATM 1571 O  O   . HOH E 4 .   ? -16.893 -1.264  -3.732  1.00 39.63  ? 332 HOH A O   1 
HETATM 1572 O  O   . HOH E 4 .   ? 5.687   13.855  -4.418  1.00 73.54  ? 333 HOH A O   1 
HETATM 1573 O  O   . HOH E 4 .   ? -6.177  -7.133  -14.945 1.00 37.87  ? 334 HOH A O   1 
HETATM 1574 O  O   . HOH E 4 .   ? -0.720  -10.517 10.299  1.00 39.64  ? 335 HOH A O   1 
HETATM 1575 O  O   . HOH E 4 .   ? 12.352  4.385   -14.214 1.00 27.42  ? 336 HOH A O   1 
HETATM 1576 O  O   . HOH E 4 .   ? 10.292  -8.160  3.221   1.00 40.38  ? 337 HOH A O   1 
HETATM 1577 O  O   . HOH E 4 .   ? -0.002  -15.152 3.931   1.00 29.26  ? 338 HOH A O   1 
HETATM 1578 O  O   . HOH E 4 .   ? 0.011   3.118   15.343  1.00 24.92  ? 339 HOH A O   1 
HETATM 1579 O  O   . HOH E 4 .   ? -14.771 9.925   2.743   1.00 30.39  ? 340 HOH A O   1 
HETATM 1580 O  O   . HOH E 4 .   ? 2.087   14.858  -4.131  1.00 37.90  ? 341 HOH A O   1 
HETATM 1581 O  O   . HOH E 4 .   ? -7.794  -3.126  14.753  1.00 25.22  ? 342 HOH A O   1 
HETATM 1582 O  O   . HOH E 4 .   ? 8.598   8.872   5.649   1.00 36.81  ? 343 HOH A O   1 
HETATM 1583 O  O   . HOH E 4 .   ? 3.073   0.600   10.794  1.00 28.68  ? 344 HOH A O   1 
HETATM 1584 O  O   . HOH E 4 .   ? -16.293 18.665  10.641  1.00 50.62  ? 345 HOH A O   1 
HETATM 1585 O  O   . HOH E 4 .   ? 11.993  1.141   -16.718 1.00 48.08  ? 346 HOH A O   1 
HETATM 1586 O  O   . HOH E 4 .   ? -8.912  -12.700 -11.569 1.00 40.62  ? 347 HOH A O   1 
HETATM 1587 O  O   . HOH E 4 .   ? -0.574  7.409   15.884  1.00 44.74  ? 348 HOH A O   1 
HETATM 1588 O  O   . HOH E 4 .   ? -18.435 -7.170  11.557  1.00 35.27  ? 349 HOH A O   1 
HETATM 1589 O  O   . HOH E 4 .   ? 8.375   14.304  -7.844  1.00 67.43  ? 350 HOH A O   1 
HETATM 1590 O  O   . HOH E 4 .   ? 2.157   2.892   14.141  1.00 26.04  ? 351 HOH A O   1 
HETATM 1591 O  O   . HOH E 4 .   ? 14.316  -15.500 -5.723  1.00 41.04  ? 352 HOH A O   1 
HETATM 1592 O  O   . HOH E 4 .   ? 1.936   1.950   3.740   1.00 16.78  ? 353 HOH A O   1 
HETATM 1593 O  O   . HOH E 4 .   ? -13.467 -11.254 -4.048  0.50 9.69   ? 354 HOH A O   1 
HETATM 1594 O  O   . HOH E 4 .   ? 2.777   -0.542  2.247   1.00 16.65  ? 355 HOH A O   1 
HETATM 1595 O  O   . HOH E 4 .   ? 4.551   -1.066  14.546  1.00 27.47  ? 356 HOH A O   1 
HETATM 1596 O  O   . HOH E 4 .   ? -16.158 -9.012  -2.753  1.00 21.92  ? 357 HOH A O   1 
HETATM 1597 O  O   . HOH E 4 .   ? 15.875  -2.724  -10.562 1.00 22.36  ? 358 HOH A O   1 
# 
loop_
_pdbx_poly_seq_scheme.asym_id 
_pdbx_poly_seq_scheme.entity_id 
_pdbx_poly_seq_scheme.seq_id 
_pdbx_poly_seq_scheme.mon_id 
_pdbx_poly_seq_scheme.ndb_seq_num 
_pdbx_poly_seq_scheme.pdb_seq_num 
_pdbx_poly_seq_scheme.auth_seq_num 
_pdbx_poly_seq_scheme.pdb_mon_id 
_pdbx_poly_seq_scheme.auth_mon_id 
_pdbx_poly_seq_scheme.pdb_strand_id 
_pdbx_poly_seq_scheme.pdb_ins_code 
_pdbx_poly_seq_scheme.hetero 
A 1 1   MET 1   -10 ?   ?   ?   A . n 
A 1 2   GLY 2   -9  ?   ?   ?   A . n 
A 1 3   SER 3   -8  ?   ?   ?   A . n 
A 1 4   SER 4   -7  ?   ?   ?   A . n 
A 1 5   HIS 5   -6  ?   ?   ?   A . n 
A 1 6   HIS 6   -5  ?   ?   ?   A . n 
A 1 7   HIS 7   -4  ?   ?   ?   A . n 
A 1 8   HIS 8   -3  ?   ?   ?   A . n 
A 1 9   HIS 9   -2  ?   ?   ?   A . n 
A 1 10  HIS 10  -1  ?   ?   ?   A . n 
A 1 11  SER 11  0   ?   ?   ?   A . n 
A 1 12  SER 12  1   ?   ?   ?   A . n 
A 1 13  GLY 13  2   ?   ?   ?   A . n 
A 1 14  LEU 14  3   ?   ?   ?   A . n 
A 1 15  VAL 15  4   ?   ?   ?   A . n 
A 1 16  PRO 16  5   ?   ?   ?   A . n 
A 1 17  ARG 17  6   ?   ?   ?   A . n 
A 1 18  GLY 18  7   ?   ?   ?   A . n 
A 1 19  SER 19  8   ?   ?   ?   A . n 
A 1 20  HIS 20  9   ?   ?   ?   A . n 
A 1 21  MET 21  10  ?   ?   ?   A . n 
A 1 22  GLN 22  11  11  GLN GLN A . n 
A 1 23  PRO 23  12  12  PRO PRO A . n 
A 1 24  ILE 24  13  13  ILE ILE A . n 
A 1 25  SER 25  14  14  SER SER A . n 
A 1 26  GLU 26  15  15  GLU GLU A . n 
A 1 27  GLU 27  16  16  GLU GLU A . n 
A 1 28  GLU 28  17  17  GLU GLU A . n 
A 1 29  LYS 29  18  18  LYS LYS A . n 
A 1 30  GLU 30  19  19  GLU GLU A . n 
A 1 31  GLY 31  20  20  GLY GLY A . n 
A 1 32  LEU 32  21  21  LEU LEU A . n 
A 1 33  ILE 33  22  22  ILE ILE A . n 
A 1 34  GLU 34  23  23  GLU GLU A . n 
A 1 35  MET 35  24  24  MET MET A . n 
A 1 36  ARG 36  25  25  ARG ARG A . n 
A 1 37  GLU 37  26  26  GLU GLU A . n 
A 1 38  GLU 38  27  27  GLU GLU A . n 
A 1 39  GLU 39  28  28  GLU GLU A . n 
A 1 40  LYS 40  29  29  LYS LYS A . n 
A 1 41  LEU 41  30  30  LEU LEU A . n 
A 1 42  ALA 42  31  31  ALA ALA A . n 
A 1 43  ARG 43  32  32  ARG ARG A . n 
A 1 44  ASP 44  33  33  ASP ASP A . n 
A 1 45  VAL 45  34  34  VAL VAL A . n 
A 1 46  TYR 46  35  35  TYR TYR A . n 
A 1 47  LEU 47  36  36  LEU LEU A . n 
A 1 48  THR 48  37  37  THR THR A . n 
A 1 49  LEU 49  38  38  LEU LEU A . n 
A 1 50  TYR 50  39  39  TYR TYR A . n 
A 1 51  ASN 51  40  40  ASN ASN A . n 
A 1 52  LYS 52  41  41  LYS LYS A . n 
A 1 53  TRP 53  42  42  TRP TRP A . n 
A 1 54  LYS 54  43  43  LYS LYS A . n 
A 1 55  LEU 55  44  44  LEU LEU A . n 
A 1 56  GLN 56  45  45  GLN GLN A . n 
A 1 57  ILE 57  46  46  ILE ILE A . n 
A 1 58  PHE 58  47  47  PHE PHE A . n 
A 1 59  LYS 59  48  48  LYS LYS A . n 
A 1 60  ASN 60  49  49  ASN ASN A . n 
A 1 61  ILE 61  50  50  ILE ILE A . n 
A 1 62  ALA 62  51  51  ALA ALA A . n 
A 1 63  GLU 63  52  52  GLU GLU A . n 
A 1 64  SER 64  53  53  SER SER A . n 
A 1 65  GLU 65  54  54  GLU GLU A . n 
A 1 66  GLN 66  55  55  GLN GLN A . n 
A 1 67  THR 67  56  56  THR THR A . n 
A 1 68  HIS 68  57  57  HIS HIS A . n 
A 1 69  MET 69  58  58  MET MET A . n 
A 1 70  ASP 70  59  59  ASP ASP A . n 
A 1 71  ALA 71  60  60  ALA ALA A . n 
A 1 72  VAL 72  61  61  VAL VAL A . n 
A 1 73  LYS 73  62  62  LYS LYS A . n 
A 1 74  TYR 74  63  63  TYR TYR A . n 
A 1 75  LEU 75  64  64  LEU LEU A . n 
A 1 76  LEU 76  65  65  LEU LEU A . n 
A 1 77  GLU 77  66  66  GLU GLU A . n 
A 1 78  LYS 78  67  67  LYS LYS A . n 
A 1 79  TYR 79  68  68  TYR TYR A . n 
A 1 80  ASN 80  69  69  ASN ASN A . n 
A 1 81  ILE 81  70  70  ILE ILE A . n 
A 1 82  PRO 82  71  71  PRO PRO A . n 
A 1 83  ASP 83  72  72  ASP ASP A . n 
A 1 84  PRO 84  73  73  PRO PRO A . n 
A 1 85  VAL 85  74  74  VAL VAL A . n 
A 1 86  LYS 86  75  75  LYS LYS A . n 
A 1 87  ASN 87  76  76  ASN ASN A . n 
A 1 88  ASP 88  77  77  ASP ASP A . n 
A 1 89  SER 89  78  78  SER SER A . n 
A 1 90  ILE 90  79  79  ILE ILE A . n 
A 1 91  GLY 91  80  80  GLY GLY A . n 
A 1 92  VAL 92  81  81  VAL VAL A . n 
A 1 93  PHE 93  82  82  PHE PHE A . n 
A 1 94  SER 94  83  83  SER SER A . n 
A 1 95  ASN 95  84  84  ASN ASN A . n 
A 1 96  PRO 96  85  85  PRO PRO A . n 
A 1 97  LYS 97  86  86  LYS LYS A . n 
A 1 98  PHE 98  87  87  PHE PHE A . n 
A 1 99  GLU 99  88  88  GLU GLU A . n 
A 1 100 GLU 100 89  89  GLU GLU A . n 
A 1 101 LEU 101 90  90  LEU LEU A . n 
A 1 102 TYR 102 91  91  TYR TYR A . n 
A 1 103 LYS 103 92  92  LYS LYS A . n 
A 1 104 LYS 104 93  93  LYS LYS A . n 
A 1 105 LEU 105 94  94  LEU LEU A . n 
A 1 106 VAL 106 95  95  VAL VAL A . n 
A 1 107 GLU 107 96  96  GLU GLU A . n 
A 1 108 LYS 108 97  97  LYS LYS A . n 
A 1 109 GLY 109 98  98  GLY GLY A . n 
A 1 110 ASP 110 99  99  ASP ASP A . n 
A 1 111 LYS 111 100 100 LYS LYS A . n 
A 1 112 SER 112 101 101 SER SER A . n 
A 1 113 GLU 113 102 102 GLU GLU A . n 
A 1 114 VAL 114 103 103 VAL VAL A . n 
A 1 115 ASP 115 104 104 ASP ASP A . n 
A 1 116 ALA 116 105 105 ALA ALA A . n 
A 1 117 LEU 117 106 106 LEU LEU A . n 
A 1 118 LYS 118 107 107 LYS LYS A . n 
A 1 119 VAL 119 108 108 VAL VAL A . n 
A 1 120 GLY 120 109 109 GLY GLY A . n 
A 1 121 ALA 121 110 110 ALA ALA A . n 
A 1 122 THR 122 111 111 THR THR A . n 
A 1 123 ILE 123 112 112 ILE ILE A . n 
A 1 124 GLU 124 113 113 GLU GLU A . n 
A 1 125 ASP 125 114 114 ASP ASP A . n 
A 1 126 LEU 126 115 115 LEU LEU A . n 
A 1 127 ASP 127 116 116 ASP ASP A . n 
A 1 128 ILE 128 117 117 ILE ILE A . n 
A 1 129 ALA 129 118 118 ALA ALA A . n 
A 1 130 ASP 130 119 119 ASP ASP A . n 
A 1 131 LEU 131 120 120 LEU LEU A . n 
A 1 132 GLU 132 121 121 GLU GLU A . n 
A 1 133 LYS 133 122 122 LYS LYS A . n 
A 1 134 TRP 134 123 123 TRP TRP A . n 
A 1 135 ILE 135 124 124 ILE ILE A . n 
A 1 136 ASN 136 125 125 ASN ASN A . n 
A 1 137 LYS 137 126 126 LYS LYS A . n 
A 1 138 THR 138 127 127 THR THR A . n 
A 1 139 ASP 139 128 128 ASP ASP A . n 
A 1 140 ASN 140 129 129 ASN ASN A . n 
A 1 141 GLU 141 130 130 GLU GLU A . n 
A 1 142 ASP 142 131 131 ASP ASP A . n 
A 1 143 ILE 143 132 132 ILE ILE A . n 
A 1 144 LYS 144 133 133 LYS LYS A . n 
A 1 145 PHE 145 134 134 PHE PHE A . n 
A 1 146 VAL 146 135 135 VAL VAL A . n 
A 1 147 TYR 147 136 136 TYR TYR A . n 
A 1 148 GLU 148 137 137 GLU GLU A . n 
A 1 149 ASN 149 138 138 ASN ASN A . n 
A 1 150 LEU 150 139 139 LEU LEU A . n 
A 1 151 MET 151 140 140 MET MET A . n 
A 1 152 LYS 152 141 141 LYS LYS A . n 
A 1 153 GLY 153 142 142 GLY GLY A . n 
A 1 154 SER 154 143 143 SER SER A . n 
A 1 155 ARG 155 144 144 ARG ARG A . n 
A 1 156 ASN 156 145 145 ASN ASN A . n 
A 1 157 HIS 157 146 146 HIS HIS A . n 
A 1 158 MET 158 147 147 MET MET A . n 
A 1 159 ARG 159 148 148 ARG ARG A . n 
A 1 160 ALA 160 149 149 ALA ALA A . n 
A 1 161 PHE 161 150 150 PHE PHE A . n 
A 1 162 VAL 162 151 151 VAL VAL A . n 
A 1 163 ARG 163 152 152 ARG ARG A . n 
A 1 164 MET 164 153 153 MET MET A . n 
A 1 165 LEU 165 154 154 LEU LEU A . n 
A 1 166 ASN 166 155 155 ASN ASN A . n 
A 1 167 ASN 167 156 156 ASN ASN A . n 
A 1 168 TYR 168 157 157 TYR TYR A . n 
A 1 169 GLY 169 158 158 GLY GLY A . n 
A 1 170 SER 170 159 159 SER SER A . n 
A 1 171 ASN 171 160 160 ASN ASN A . n 
A 1 172 TYR 172 161 161 TYR TYR A . n 
A 1 173 THR 173 162 162 THR THR A . n 
A 1 174 PRO 174 163 163 PRO PRO A . n 
A 1 175 GLN 175 164 164 GLN GLN A . n 
A 1 176 TYR 176 165 165 TYR TYR A . n 
A 1 177 ILE 177 166 166 ILE ILE A . n 
A 1 178 SER 178 167 167 SER SER A . n 
A 1 179 LYS 179 168 168 LYS LYS A . n 
A 1 180 GLU 180 169 169 GLU GLU A . n 
A 1 181 GLU 181 170 170 GLU GLU A . n 
A 1 182 TYR 182 171 171 TYR TYR A . n 
A 1 183 GLU 183 172 172 GLU GLU A . n 
A 1 184 GLU 184 173 173 GLU GLU A . n 
A 1 185 ILE 185 174 174 ILE ILE A . n 
A 1 186 ILE 186 175 175 ILE ILE A . n 
A 1 187 SER 187 176 176 SER SER A . n 
A 1 188 SER 188 177 177 SER SER A . n 
A 1 189 SER 189 178 178 SER SER A . n 
A 1 190 THR 190 179 179 THR THR A . n 
A 1 191 GLU 191 180 180 GLU GLU A . n 
A 1 192 ARG 192 181 ?   ?   ?   A . n 
A 1 193 GLY 193 182 ?   ?   ?   A . n 
A 1 194 MET 194 183 ?   ?   ?   A . n 
A 1 195 ASN 195 184 ?   ?   ?   A . n 
A 1 196 ARG 196 185 ?   ?   ?   A . n 
# 
loop_
_pdbx_nonpoly_scheme.asym_id 
_pdbx_nonpoly_scheme.entity_id 
_pdbx_nonpoly_scheme.mon_id 
_pdbx_nonpoly_scheme.ndb_seq_num 
_pdbx_nonpoly_scheme.pdb_seq_num 
_pdbx_nonpoly_scheme.auth_seq_num 
_pdbx_nonpoly_scheme.pdb_mon_id 
_pdbx_nonpoly_scheme.auth_mon_id 
_pdbx_nonpoly_scheme.pdb_strand_id 
_pdbx_nonpoly_scheme.pdb_ins_code 
B 2 ZN  1   201 201 ZN  ZN  A . 
C 2 ZN  1   202 202 ZN  ZN  A . 
D 3 B3P 1   203 203 B3P B3P A . 
E 4 HOH 1   186 186 HOH HOH A . 
E 4 HOH 2   187 187 HOH HOH A . 
E 4 HOH 3   188 188 HOH HOH A . 
E 4 HOH 4   189 189 HOH HOH A . 
E 4 HOH 5   190 190 HOH HOH A . 
E 4 HOH 6   191 191 HOH HOH A . 
E 4 HOH 7   192 192 HOH HOH A . 
E 4 HOH 8   193 193 HOH HOH A . 
E 4 HOH 9   194 194 HOH HOH A . 
E 4 HOH 10  195 195 HOH HOH A . 
E 4 HOH 11  196 1   HOH HOH A . 
E 4 HOH 12  197 2   HOH HOH A . 
E 4 HOH 13  198 4   HOH HOH A . 
E 4 HOH 14  199 5   HOH HOH A . 
E 4 HOH 15  200 6   HOH HOH A . 
E 4 HOH 16  204 7   HOH HOH A . 
E 4 HOH 17  205 8   HOH HOH A . 
E 4 HOH 18  206 9   HOH HOH A . 
E 4 HOH 19  207 10  HOH HOH A . 
E 4 HOH 20  208 11  HOH HOH A . 
E 4 HOH 21  209 12  HOH HOH A . 
E 4 HOH 22  210 13  HOH HOH A . 
E 4 HOH 23  211 14  HOH HOH A . 
E 4 HOH 24  212 15  HOH HOH A . 
E 4 HOH 25  213 16  HOH HOH A . 
E 4 HOH 26  214 18  HOH HOH A . 
E 4 HOH 27  215 19  HOH HOH A . 
E 4 HOH 28  216 21  HOH HOH A . 
E 4 HOH 29  217 22  HOH HOH A . 
E 4 HOH 30  218 23  HOH HOH A . 
E 4 HOH 31  219 24  HOH HOH A . 
E 4 HOH 32  220 25  HOH HOH A . 
E 4 HOH 33  221 26  HOH HOH A . 
E 4 HOH 34  222 27  HOH HOH A . 
E 4 HOH 35  223 28  HOH HOH A . 
E 4 HOH 36  224 29  HOH HOH A . 
E 4 HOH 37  225 30  HOH HOH A . 
E 4 HOH 38  226 31  HOH HOH A . 
E 4 HOH 39  227 32  HOH HOH A . 
E 4 HOH 40  228 33  HOH HOH A . 
E 4 HOH 41  229 34  HOH HOH A . 
E 4 HOH 42  230 35  HOH HOH A . 
E 4 HOH 43  231 36  HOH HOH A . 
E 4 HOH 44  232 37  HOH HOH A . 
E 4 HOH 45  233 38  HOH HOH A . 
E 4 HOH 46  234 40  HOH HOH A . 
E 4 HOH 47  235 41  HOH HOH A . 
E 4 HOH 48  236 42  HOH HOH A . 
E 4 HOH 49  237 43  HOH HOH A . 
E 4 HOH 50  238 44  HOH HOH A . 
E 4 HOH 51  239 45  HOH HOH A . 
E 4 HOH 52  240 46  HOH HOH A . 
E 4 HOH 53  241 47  HOH HOH A . 
E 4 HOH 54  242 48  HOH HOH A . 
E 4 HOH 55  243 49  HOH HOH A . 
E 4 HOH 56  244 51  HOH HOH A . 
E 4 HOH 57  245 52  HOH HOH A . 
E 4 HOH 58  246 53  HOH HOH A . 
E 4 HOH 59  247 54  HOH HOH A . 
E 4 HOH 60  248 56  HOH HOH A . 
E 4 HOH 61  249 57  HOH HOH A . 
E 4 HOH 62  250 58  HOH HOH A . 
E 4 HOH 63  251 59  HOH HOH A . 
E 4 HOH 64  252 60  HOH HOH A . 
E 4 HOH 65  253 61  HOH HOH A . 
E 4 HOH 66  254 62  HOH HOH A . 
E 4 HOH 67  255 63  HOH HOH A . 
E 4 HOH 68  256 64  HOH HOH A . 
E 4 HOH 69  257 65  HOH HOH A . 
E 4 HOH 70  258 66  HOH HOH A . 
E 4 HOH 71  259 67  HOH HOH A . 
E 4 HOH 72  260 68  HOH HOH A . 
E 4 HOH 73  261 69  HOH HOH A . 
E 4 HOH 74  262 70  HOH HOH A . 
E 4 HOH 75  263 71  HOH HOH A . 
E 4 HOH 76  264 72  HOH HOH A . 
E 4 HOH 77  265 73  HOH HOH A . 
E 4 HOH 78  266 74  HOH HOH A . 
E 4 HOH 79  267 75  HOH HOH A . 
E 4 HOH 80  268 76  HOH HOH A . 
E 4 HOH 81  269 79  HOH HOH A . 
E 4 HOH 82  270 80  HOH HOH A . 
E 4 HOH 83  271 81  HOH HOH A . 
E 4 HOH 84  272 82  HOH HOH A . 
E 4 HOH 85  273 83  HOH HOH A . 
E 4 HOH 86  274 84  HOH HOH A . 
E 4 HOH 87  275 85  HOH HOH A . 
E 4 HOH 88  276 86  HOH HOH A . 
E 4 HOH 89  277 87  HOH HOH A . 
E 4 HOH 90  278 89  HOH HOH A . 
E 4 HOH 91  279 90  HOH HOH A . 
E 4 HOH 92  280 91  HOH HOH A . 
E 4 HOH 93  281 92  HOH HOH A . 
E 4 HOH 94  282 93  HOH HOH A . 
E 4 HOH 95  283 94  HOH HOH A . 
E 4 HOH 96  284 95  HOH HOH A . 
E 4 HOH 97  285 96  HOH HOH A . 
E 4 HOH 98  286 97  HOH HOH A . 
E 4 HOH 99  287 98  HOH HOH A . 
E 4 HOH 100 288 99  HOH HOH A . 
E 4 HOH 101 289 100 HOH HOH A . 
E 4 HOH 102 290 103 HOH HOH A . 
E 4 HOH 103 291 104 HOH HOH A . 
E 4 HOH 104 292 105 HOH HOH A . 
E 4 HOH 105 293 106 HOH HOH A . 
E 4 HOH 106 294 108 HOH HOH A . 
E 4 HOH 107 295 109 HOH HOH A . 
E 4 HOH 108 296 110 HOH HOH A . 
E 4 HOH 109 297 111 HOH HOH A . 
E 4 HOH 110 298 112 HOH HOH A . 
E 4 HOH 111 299 113 HOH HOH A . 
E 4 HOH 112 300 114 HOH HOH A . 
E 4 HOH 113 301 115 HOH HOH A . 
E 4 HOH 114 302 116 HOH HOH A . 
E 4 HOH 115 303 117 HOH HOH A . 
E 4 HOH 116 304 118 HOH HOH A . 
E 4 HOH 117 305 119 HOH HOH A . 
E 4 HOH 118 306 120 HOH HOH A . 
E 4 HOH 119 307 121 HOH HOH A . 
E 4 HOH 120 308 124 HOH HOH A . 
E 4 HOH 121 309 125 HOH HOH A . 
E 4 HOH 122 310 126 HOH HOH A . 
E 4 HOH 123 311 127 HOH HOH A . 
E 4 HOH 124 312 129 HOH HOH A . 
E 4 HOH 125 313 130 HOH HOH A . 
E 4 HOH 126 314 131 HOH HOH A . 
E 4 HOH 127 315 132 HOH HOH A . 
E 4 HOH 128 316 133 HOH HOH A . 
E 4 HOH 129 317 136 HOH HOH A . 
E 4 HOH 130 318 138 HOH HOH A . 
E 4 HOH 131 319 140 HOH HOH A . 
E 4 HOH 132 320 141 HOH HOH A . 
E 4 HOH 133 321 142 HOH HOH A . 
E 4 HOH 134 322 143 HOH HOH A . 
E 4 HOH 135 323 144 HOH HOH A . 
E 4 HOH 136 324 145 HOH HOH A . 
E 4 HOH 137 325 146 HOH HOH A . 
E 4 HOH 138 326 147 HOH HOH A . 
E 4 HOH 139 327 148 HOH HOH A . 
E 4 HOH 140 328 149 HOH HOH A . 
E 4 HOH 141 329 151 HOH HOH A . 
E 4 HOH 142 330 152 HOH HOH A . 
E 4 HOH 143 331 153 HOH HOH A . 
E 4 HOH 144 332 155 HOH HOH A . 
E 4 HOH 145 333 156 HOH HOH A . 
E 4 HOH 146 334 157 HOH HOH A . 
E 4 HOH 147 335 158 HOH HOH A . 
E 4 HOH 148 336 160 HOH HOH A . 
E 4 HOH 149 337 161 HOH HOH A . 
E 4 HOH 150 338 162 HOH HOH A . 
E 4 HOH 151 339 163 HOH HOH A . 
E 4 HOH 152 340 164 HOH HOH A . 
E 4 HOH 153 341 165 HOH HOH A . 
E 4 HOH 154 342 167 HOH HOH A . 
E 4 HOH 155 343 168 HOH HOH A . 
E 4 HOH 156 344 169 HOH HOH A . 
E 4 HOH 157 345 170 HOH HOH A . 
E 4 HOH 158 346 171 HOH HOH A . 
E 4 HOH 159 347 172 HOH HOH A . 
E 4 HOH 160 348 173 HOH HOH A . 
E 4 HOH 161 349 174 HOH HOH A . 
E 4 HOH 162 350 175 HOH HOH A . 
E 4 HOH 163 351 176 HOH HOH A . 
E 4 HOH 164 352 178 HOH HOH A . 
E 4 HOH 165 353 180 HOH HOH A . 
E 4 HOH 166 354 181 HOH HOH A . 
E 4 HOH 167 355 182 HOH HOH A . 
E 4 HOH 168 356 183 HOH HOH A . 
E 4 HOH 169 357 184 HOH HOH A . 
E 4 HOH 170 358 185 HOH HOH A . 
# 
_pdbx_struct_assembly.id                   1 
_pdbx_struct_assembly.details              author_defined_assembly 
_pdbx_struct_assembly.method_details       ? 
_pdbx_struct_assembly.oligomeric_details   dimeric 
_pdbx_struct_assembly.oligomeric_count     2 
# 
_pdbx_struct_assembly_gen.assembly_id       1 
_pdbx_struct_assembly_gen.oper_expression   1,2 
_pdbx_struct_assembly_gen.asym_id_list      A,B,C,D,E 
# 
loop_
_pdbx_struct_oper_list.id 
_pdbx_struct_oper_list.type 
_pdbx_struct_oper_list.name 
_pdbx_struct_oper_list.symmetry_operation 
_pdbx_struct_oper_list.matrix[1][1] 
_pdbx_struct_oper_list.matrix[1][2] 
_pdbx_struct_oper_list.matrix[1][3] 
_pdbx_struct_oper_list.vector[1] 
_pdbx_struct_oper_list.matrix[2][1] 
_pdbx_struct_oper_list.matrix[2][2] 
_pdbx_struct_oper_list.matrix[2][3] 
_pdbx_struct_oper_list.vector[2] 
_pdbx_struct_oper_list.matrix[3][1] 
_pdbx_struct_oper_list.matrix[3][2] 
_pdbx_struct_oper_list.matrix[3][3] 
_pdbx_struct_oper_list.vector[3] 
1 'identity operation'         1_555 x,y,z   1.0000000000  0.0000000000  0.0000000000 0.0000000000   0.0000000000  1.0000000000  0.0000000000  0.0000000000   0.0000000000 0.0000000000  1.0000000000 0.0000000000  
2 'crystal symmetry operation' 4_555 x,-y,-z -0.6877194373 -0.3018578098 0.6602452864 -22.8917862043 -0.3018578098 -0.7082170707 -0.6382087773 -25.9355649386 0.6602452864 -0.6382087773 0.3959365080 -1.0302125065 
# 
loop_
_pdbx_struct_conn_angle.id 
_pdbx_struct_conn_angle.ptnr1_label_atom_id 
_pdbx_struct_conn_angle.ptnr1_label_alt_id 
_pdbx_struct_conn_angle.ptnr1_label_asym_id 
_pdbx_struct_conn_angle.ptnr1_label_comp_id 
_pdbx_struct_conn_angle.ptnr1_label_seq_id 
_pdbx_struct_conn_angle.ptnr1_auth_atom_id 
_pdbx_struct_conn_angle.ptnr1_auth_asym_id 
_pdbx_struct_conn_angle.ptnr1_auth_comp_id 
_pdbx_struct_conn_angle.ptnr1_auth_seq_id 
_pdbx_struct_conn_angle.ptnr1_PDB_ins_code 
_pdbx_struct_conn_angle.ptnr1_symmetry 
_pdbx_struct_conn_angle.ptnr2_label_atom_id 
_pdbx_struct_conn_angle.ptnr2_label_alt_id 
_pdbx_struct_conn_angle.ptnr2_label_asym_id 
_pdbx_struct_conn_angle.ptnr2_label_comp_id 
_pdbx_struct_conn_angle.ptnr2_label_seq_id 
_pdbx_struct_conn_angle.ptnr2_auth_atom_id 
_pdbx_struct_conn_angle.ptnr2_auth_asym_id 
_pdbx_struct_conn_angle.ptnr2_auth_comp_id 
_pdbx_struct_conn_angle.ptnr2_auth_seq_id 
_pdbx_struct_conn_angle.ptnr2_PDB_ins_code 
_pdbx_struct_conn_angle.ptnr2_symmetry 
_pdbx_struct_conn_angle.ptnr3_label_atom_id 
_pdbx_struct_conn_angle.ptnr3_label_alt_id 
_pdbx_struct_conn_angle.ptnr3_label_asym_id 
_pdbx_struct_conn_angle.ptnr3_label_comp_id 
_pdbx_struct_conn_angle.ptnr3_label_seq_id 
_pdbx_struct_conn_angle.ptnr3_auth_atom_id 
_pdbx_struct_conn_angle.ptnr3_auth_asym_id 
_pdbx_struct_conn_angle.ptnr3_auth_comp_id 
_pdbx_struct_conn_angle.ptnr3_auth_seq_id 
_pdbx_struct_conn_angle.ptnr3_PDB_ins_code 
_pdbx_struct_conn_angle.ptnr3_symmetry 
_pdbx_struct_conn_angle.value 
_pdbx_struct_conn_angle.value_esd 
1  OE1 ? A GLU 39  ? A GLU 28  ? 1_555 ZN ? B ZN . ? A ZN 201 ? 1_555 OE1 ? A GLU 65  ? A GLU 54  ? 1_555 89.5  ? 
2  OE1 ? A GLU 39  ? A GLU 28  ? 1_555 ZN ? B ZN . ? A ZN 201 ? 1_555 ND1 ? A HIS 68  ? A HIS 57  ? 1_555 105.3 ? 
3  OE1 ? A GLU 65  ? A GLU 54  ? 1_555 ZN ? B ZN . ? A ZN 201 ? 1_555 ND1 ? A HIS 68  ? A HIS 57  ? 1_555 95.4  ? 
4  OE1 ? A GLU 39  ? A GLU 28  ? 1_555 ZN ? B ZN . ? A ZN 201 ? 1_555 O   ? E HOH .   ? A HOH 353 ? 1_555 87.9  ? 
5  OE1 ? A GLU 65  ? A GLU 54  ? 1_555 ZN ? B ZN . ? A ZN 201 ? 1_555 O   ? E HOH .   ? A HOH 353 ? 1_555 175.4 ? 
6  ND1 ? A HIS 68  ? A HIS 57  ? 1_555 ZN ? B ZN . ? A ZN 201 ? 1_555 O   ? E HOH .   ? A HOH 353 ? 1_555 89.0  ? 
7  OE1 ? A GLU 39  ? A GLU 28  ? 1_555 ZN ? B ZN . ? A ZN 201 ? 1_555 O   ? E HOH .   ? A HOH 355 ? 1_555 142.7 ? 
8  OE1 ? A GLU 65  ? A GLU 54  ? 1_555 ZN ? B ZN . ? A ZN 201 ? 1_555 O   ? E HOH .   ? A HOH 355 ? 1_555 90.1  ? 
9  ND1 ? A HIS 68  ? A HIS 57  ? 1_555 ZN ? B ZN . ? A ZN 201 ? 1_555 O   ? E HOH .   ? A HOH 355 ? 1_555 111.9 ? 
10 O   ? E HOH .   ? A HOH 353 ? 1_555 ZN ? B ZN . ? A ZN 201 ? 1_555 O   ? E HOH .   ? A HOH 355 ? 1_555 89.7  ? 
11 OE2 ? A GLU 65  ? A GLU 54  ? 1_555 ZN ? C ZN . ? A ZN 202 ? 1_555 OE2 ? A GLU 124 ? A GLU 113 ? 1_555 94.6  ? 
12 OE2 ? A GLU 65  ? A GLU 54  ? 1_555 ZN ? C ZN . ? A ZN 202 ? 1_555 OE1 ? A GLU 124 ? A GLU 113 ? 1_555 147.5 ? 
13 OE2 ? A GLU 124 ? A GLU 113 ? 1_555 ZN ? C ZN . ? A ZN 202 ? 1_555 OE1 ? A GLU 124 ? A GLU 113 ? 1_555 58.4  ? 
14 OE2 ? A GLU 65  ? A GLU 54  ? 1_555 ZN ? C ZN . ? A ZN 202 ? 1_555 ND1 ? A HIS 157 ? A HIS 146 ? 1_555 100.6 ? 
15 OE2 ? A GLU 124 ? A GLU 113 ? 1_555 ZN ? C ZN . ? A ZN 202 ? 1_555 ND1 ? A HIS 157 ? A HIS 146 ? 1_555 105.6 ? 
16 OE1 ? A GLU 124 ? A GLU 113 ? 1_555 ZN ? C ZN . ? A ZN 202 ? 1_555 ND1 ? A HIS 157 ? A HIS 146 ? 1_555 103.9 ? 
17 OE2 ? A GLU 65  ? A GLU 54  ? 1_555 ZN ? C ZN . ? A ZN 202 ? 1_555 O   ? E HOH .   ? A HOH 355 ? 1_555 99.7  ? 
18 OE2 ? A GLU 124 ? A GLU 113 ? 1_555 ZN ? C ZN . ? A ZN 202 ? 1_555 O   ? E HOH .   ? A HOH 355 ? 1_555 141.8 ? 
19 OE1 ? A GLU 124 ? A GLU 113 ? 1_555 ZN ? C ZN . ? A ZN 202 ? 1_555 O   ? E HOH .   ? A HOH 355 ? 1_555 93.6  ? 
20 ND1 ? A HIS 157 ? A HIS 146 ? 1_555 ZN ? C ZN . ? A ZN 202 ? 1_555 O   ? E HOH .   ? A HOH 355 ? 1_555 106.2 ? 
# 
loop_
_pdbx_audit_revision_history.ordinal 
_pdbx_audit_revision_history.data_content_type 
_pdbx_audit_revision_history.major_revision 
_pdbx_audit_revision_history.minor_revision 
_pdbx_audit_revision_history.revision_date 
1 'Structure model' 1 0 2011-05-18 
2 'Structure model' 1 1 2011-07-13 
3 'Structure model' 1 2 2020-01-01 
4 'Structure model' 1 3 2023-11-01 
# 
_pdbx_audit_revision_details.ordinal             1 
_pdbx_audit_revision_details.revision_ordinal    1 
_pdbx_audit_revision_details.data_content_type   'Structure model' 
_pdbx_audit_revision_details.provider            repository 
_pdbx_audit_revision_details.type                'Initial release' 
_pdbx_audit_revision_details.description         ? 
_pdbx_audit_revision_details.details             ? 
# 
loop_
_pdbx_audit_revision_group.ordinal 
_pdbx_audit_revision_group.revision_ordinal 
_pdbx_audit_revision_group.data_content_type 
_pdbx_audit_revision_group.group 
1 2 'Structure model' 'Version format compliance' 
2 3 'Structure model' 'Database references'       
3 4 'Structure model' 'Data collection'           
4 4 'Structure model' 'Database references'       
5 4 'Structure model' 'Derived calculations'      
6 4 'Structure model' 'Refinement description'    
# 
loop_
_pdbx_audit_revision_category.ordinal 
_pdbx_audit_revision_category.revision_ordinal 
_pdbx_audit_revision_category.data_content_type 
_pdbx_audit_revision_category.category 
1  3 'Structure model' citation                      
2  3 'Structure model' citation_author               
3  3 'Structure model' struct_ref_seq_dif            
4  4 'Structure model' chem_comp_atom                
5  4 'Structure model' chem_comp_bond                
6  4 'Structure model' database_2                    
7  4 'Structure model' pdbx_initial_refinement_model 
8  4 'Structure model' pdbx_struct_conn_angle        
9  4 'Structure model' struct_conn                   
10 4 'Structure model' struct_site                   
# 
loop_
_pdbx_audit_revision_item.ordinal 
_pdbx_audit_revision_item.revision_ordinal 
_pdbx_audit_revision_item.data_content_type 
_pdbx_audit_revision_item.item 
1  3 'Structure model' '_citation.journal_volume'                    
2  3 'Structure model' '_citation.page_first'                        
3  3 'Structure model' '_citation.page_last'                         
4  3 'Structure model' '_citation.pdbx_database_id_PubMed'           
5  3 'Structure model' '_citation.title'                             
6  3 'Structure model' '_citation_author.name'                       
7  3 'Structure model' '_struct_ref_seq_dif.details'                 
8  4 'Structure model' '_database_2.pdbx_DOI'                        
9  4 'Structure model' '_database_2.pdbx_database_accession'         
10 4 'Structure model' '_pdbx_struct_conn_angle.ptnr1_auth_comp_id'  
11 4 'Structure model' '_pdbx_struct_conn_angle.ptnr1_auth_seq_id'   
12 4 'Structure model' '_pdbx_struct_conn_angle.ptnr1_label_asym_id' 
13 4 'Structure model' '_pdbx_struct_conn_angle.ptnr1_label_atom_id' 
14 4 'Structure model' '_pdbx_struct_conn_angle.ptnr1_label_comp_id' 
15 4 'Structure model' '_pdbx_struct_conn_angle.ptnr1_label_seq_id'  
16 4 'Structure model' '_pdbx_struct_conn_angle.ptnr2_auth_seq_id'   
17 4 'Structure model' '_pdbx_struct_conn_angle.ptnr2_label_asym_id' 
18 4 'Structure model' '_pdbx_struct_conn_angle.ptnr3_auth_comp_id'  
19 4 'Structure model' '_pdbx_struct_conn_angle.ptnr3_auth_seq_id'   
20 4 'Structure model' '_pdbx_struct_conn_angle.ptnr3_label_asym_id' 
21 4 'Structure model' '_pdbx_struct_conn_angle.ptnr3_label_atom_id' 
22 4 'Structure model' '_pdbx_struct_conn_angle.ptnr3_label_comp_id' 
23 4 'Structure model' '_pdbx_struct_conn_angle.ptnr3_label_seq_id'  
24 4 'Structure model' '_pdbx_struct_conn_angle.value'               
25 4 'Structure model' '_struct_conn.pdbx_dist_value'                
26 4 'Structure model' '_struct_conn.ptnr1_auth_comp_id'             
27 4 'Structure model' '_struct_conn.ptnr1_auth_seq_id'              
28 4 'Structure model' '_struct_conn.ptnr1_label_asym_id'            
29 4 'Structure model' '_struct_conn.ptnr1_label_atom_id'            
30 4 'Structure model' '_struct_conn.ptnr1_label_comp_id'            
31 4 'Structure model' '_struct_conn.ptnr1_label_seq_id'             
32 4 'Structure model' '_struct_conn.ptnr2_auth_comp_id'             
33 4 'Structure model' '_struct_conn.ptnr2_auth_seq_id'              
34 4 'Structure model' '_struct_conn.ptnr2_label_asym_id'            
35 4 'Structure model' '_struct_conn.ptnr2_label_atom_id'            
36 4 'Structure model' '_struct_conn.ptnr2_label_comp_id'            
37 4 'Structure model' '_struct_site.pdbx_auth_asym_id'              
38 4 'Structure model' '_struct_site.pdbx_auth_comp_id'              
39 4 'Structure model' '_struct_site.pdbx_auth_seq_id'               
# 
loop_
_software.pdbx_ordinal 
_software.name 
_software.version 
_software.date 
_software.type 
_software.contact_author 
_software.contact_author_email 
_software.classification 
_software.location 
_software.language 
_software.citation_id 
1 REFMAC      5.5.0109 ?               program 'Garib N. Murshudov' garib@ysbl.york.ac.uk    refinement        
http://www.ccp4.ac.uk/dist/html/refmac5.html Fortran_77 ? 
2 PDB_EXTRACT 3.10     'June 10, 2010' package PDB                  deposit@deposit.rcsb.org 'data extraction' 
http://sw-tools.pdb.org/apps/PDB_EXTRACT/    C++        ? 
3 HKL-2000    .        ?               ?       ?                    ?                        'data collection' ? ?          ? 
4 HKL-2000    .        ?               ?       ?                    ?                        'data reduction'  ? ?          ? 
5 HKL-2000    .        ?               ?       ?                    ?                        'data scaling'    ? ?          ? 
6 MOLREP      .        ?               ?       ?                    ?                        phasing           ? ?          ? 
# 
loop_
_pdbx_validate_rmsd_bond.id 
_pdbx_validate_rmsd_bond.PDB_model_num 
_pdbx_validate_rmsd_bond.auth_atom_id_1 
_pdbx_validate_rmsd_bond.auth_asym_id_1 
_pdbx_validate_rmsd_bond.auth_comp_id_1 
_pdbx_validate_rmsd_bond.auth_seq_id_1 
_pdbx_validate_rmsd_bond.PDB_ins_code_1 
_pdbx_validate_rmsd_bond.label_alt_id_1 
_pdbx_validate_rmsd_bond.auth_atom_id_2 
_pdbx_validate_rmsd_bond.auth_asym_id_2 
_pdbx_validate_rmsd_bond.auth_comp_id_2 
_pdbx_validate_rmsd_bond.auth_seq_id_2 
_pdbx_validate_rmsd_bond.PDB_ins_code_2 
_pdbx_validate_rmsd_bond.label_alt_id_2 
_pdbx_validate_rmsd_bond.bond_value 
_pdbx_validate_rmsd_bond.bond_target_value 
_pdbx_validate_rmsd_bond.bond_deviation 
_pdbx_validate_rmsd_bond.bond_standard_deviation 
_pdbx_validate_rmsd_bond.linker_flag 
1 1 CG A GLU 52  ? ? CD A GLU 52  ? ? 1.609 1.515 0.094 0.015 N 
2 1 CB A MET 140 ? ? CG A MET 140 ? ? 1.758 1.509 0.249 0.032 N 
# 
loop_
_pdbx_validate_rmsd_angle.id 
_pdbx_validate_rmsd_angle.PDB_model_num 
_pdbx_validate_rmsd_angle.auth_atom_id_1 
_pdbx_validate_rmsd_angle.auth_asym_id_1 
_pdbx_validate_rmsd_angle.auth_comp_id_1 
_pdbx_validate_rmsd_angle.auth_seq_id_1 
_pdbx_validate_rmsd_angle.PDB_ins_code_1 
_pdbx_validate_rmsd_angle.label_alt_id_1 
_pdbx_validate_rmsd_angle.auth_atom_id_2 
_pdbx_validate_rmsd_angle.auth_asym_id_2 
_pdbx_validate_rmsd_angle.auth_comp_id_2 
_pdbx_validate_rmsd_angle.auth_seq_id_2 
_pdbx_validate_rmsd_angle.PDB_ins_code_2 
_pdbx_validate_rmsd_angle.label_alt_id_2 
_pdbx_validate_rmsd_angle.auth_atom_id_3 
_pdbx_validate_rmsd_angle.auth_asym_id_3 
_pdbx_validate_rmsd_angle.auth_comp_id_3 
_pdbx_validate_rmsd_angle.auth_seq_id_3 
_pdbx_validate_rmsd_angle.PDB_ins_code_3 
_pdbx_validate_rmsd_angle.label_alt_id_3 
_pdbx_validate_rmsd_angle.angle_value 
_pdbx_validate_rmsd_angle.angle_target_value 
_pdbx_validate_rmsd_angle.angle_deviation 
_pdbx_validate_rmsd_angle.angle_standard_deviation 
_pdbx_validate_rmsd_angle.linker_flag 
1 1 C  A GLN 11  ? ? N  A PRO 12  ? ? CA  A PRO 12  ? ? 109.97 119.30 -9.33 1.50 Y 
2 1 NE A ARG 148 ? ? CZ A ARG 148 ? ? NH2 A ARG 148 ? ? 116.93 120.30 -3.37 0.50 N 
# 
loop_
_pdbx_unobs_or_zero_occ_residues.id 
_pdbx_unobs_or_zero_occ_residues.PDB_model_num 
_pdbx_unobs_or_zero_occ_residues.polymer_flag 
_pdbx_unobs_or_zero_occ_residues.occupancy_flag 
_pdbx_unobs_or_zero_occ_residues.auth_asym_id 
_pdbx_unobs_or_zero_occ_residues.auth_comp_id 
_pdbx_unobs_or_zero_occ_residues.auth_seq_id 
_pdbx_unobs_or_zero_occ_residues.PDB_ins_code 
_pdbx_unobs_or_zero_occ_residues.label_asym_id 
_pdbx_unobs_or_zero_occ_residues.label_comp_id 
_pdbx_unobs_or_zero_occ_residues.label_seq_id 
1  1 Y 1 A MET -10 ? A MET 1   
2  1 Y 1 A GLY -9  ? A GLY 2   
3  1 Y 1 A SER -8  ? A SER 3   
4  1 Y 1 A SER -7  ? A SER 4   
5  1 Y 1 A HIS -6  ? A HIS 5   
6  1 Y 1 A HIS -5  ? A HIS 6   
7  1 Y 1 A HIS -4  ? A HIS 7   
8  1 Y 1 A HIS -3  ? A HIS 8   
9  1 Y 1 A HIS -2  ? A HIS 9   
10 1 Y 1 A HIS -1  ? A HIS 10  
11 1 Y 1 A SER 0   ? A SER 11  
12 1 Y 1 A SER 1   ? A SER 12  
13 1 Y 1 A GLY 2   ? A GLY 13  
14 1 Y 1 A LEU 3   ? A LEU 14  
15 1 Y 1 A VAL 4   ? A VAL 15  
16 1 Y 1 A PRO 5   ? A PRO 16  
17 1 Y 1 A ARG 6   ? A ARG 17  
18 1 Y 1 A GLY 7   ? A GLY 18  
19 1 Y 1 A SER 8   ? A SER 19  
20 1 Y 1 A HIS 9   ? A HIS 20  
21 1 Y 1 A MET 10  ? A MET 21  
22 1 Y 1 A ARG 181 ? A ARG 192 
23 1 Y 1 A GLY 182 ? A GLY 193 
24 1 Y 1 A MET 183 ? A MET 194 
25 1 Y 1 A ASN 184 ? A ASN 195 
26 1 Y 1 A ARG 185 ? A ARG 196 
# 
loop_
_chem_comp_atom.comp_id 
_chem_comp_atom.atom_id 
_chem_comp_atom.type_symbol 
_chem_comp_atom.pdbx_aromatic_flag 
_chem_comp_atom.pdbx_stereo_config 
_chem_comp_atom.pdbx_ordinal 
ALA N    N  N N 1   
ALA CA   C  N S 2   
ALA C    C  N N 3   
ALA O    O  N N 4   
ALA CB   C  N N 5   
ALA OXT  O  N N 6   
ALA H    H  N N 7   
ALA H2   H  N N 8   
ALA HA   H  N N 9   
ALA HB1  H  N N 10  
ALA HB2  H  N N 11  
ALA HB3  H  N N 12  
ALA HXT  H  N N 13  
ARG N    N  N N 14  
ARG CA   C  N S 15  
ARG C    C  N N 16  
ARG O    O  N N 17  
ARG CB   C  N N 18  
ARG CG   C  N N 19  
ARG CD   C  N N 20  
ARG NE   N  N N 21  
ARG CZ   C  N N 22  
ARG NH1  N  N N 23  
ARG NH2  N  N N 24  
ARG OXT  O  N N 25  
ARG H    H  N N 26  
ARG H2   H  N N 27  
ARG HA   H  N N 28  
ARG HB2  H  N N 29  
ARG HB3  H  N N 30  
ARG HG2  H  N N 31  
ARG HG3  H  N N 32  
ARG HD2  H  N N 33  
ARG HD3  H  N N 34  
ARG HE   H  N N 35  
ARG HH11 H  N N 36  
ARG HH12 H  N N 37  
ARG HH21 H  N N 38  
ARG HH22 H  N N 39  
ARG HXT  H  N N 40  
ASN N    N  N N 41  
ASN CA   C  N S 42  
ASN C    C  N N 43  
ASN O    O  N N 44  
ASN CB   C  N N 45  
ASN CG   C  N N 46  
ASN OD1  O  N N 47  
ASN ND2  N  N N 48  
ASN OXT  O  N N 49  
ASN H    H  N N 50  
ASN H2   H  N N 51  
ASN HA   H  N N 52  
ASN HB2  H  N N 53  
ASN HB3  H  N N 54  
ASN HD21 H  N N 55  
ASN HD22 H  N N 56  
ASN HXT  H  N N 57  
ASP N    N  N N 58  
ASP CA   C  N S 59  
ASP C    C  N N 60  
ASP O    O  N N 61  
ASP CB   C  N N 62  
ASP CG   C  N N 63  
ASP OD1  O  N N 64  
ASP OD2  O  N N 65  
ASP OXT  O  N N 66  
ASP H    H  N N 67  
ASP H2   H  N N 68  
ASP HA   H  N N 69  
ASP HB2  H  N N 70  
ASP HB3  H  N N 71  
ASP HD2  H  N N 72  
ASP HXT  H  N N 73  
B3P C1   C  N N 74  
B3P C2   C  N N 75  
B3P C3   C  N N 76  
B3P N1   N  N N 77  
B3P C4   C  N N 78  
B3P C5   C  N N 79  
B3P C6   C  N N 80  
B3P C7   C  N N 81  
B3P N2   N  N N 82  
B3P C8   C  N N 83  
B3P C9   C  N N 84  
B3P C10  C  N N 85  
B3P C11  C  N N 86  
B3P O1   O  N N 87  
B3P O2   O  N N 88  
B3P O3   O  N N 89  
B3P O4   O  N N 90  
B3P O5   O  N N 91  
B3P O6   O  N N 92  
B3P H11  H  N N 93  
B3P H12  H  N N 94  
B3P H21  H  N N 95  
B3P H22  H  N N 96  
B3P H31  H  N N 97  
B3P H32  H  N N 98  
B3P HN1  H  N N 99  
B3P H51  H  N N 100 
B3P H52  H  N N 101 
B3P H61  H  N N 102 
B3P H62  H  N N 103 
B3P H71  H  N N 104 
B3P H72  H  N N 105 
B3P HN2  H  N N 106 
B3P H91  H  N N 107 
B3P H92  H  N N 108 
B3P H101 H  N N 109 
B3P H102 H  N N 110 
B3P H111 H  N N 111 
B3P H112 H  N N 112 
B3P HO1  H  N N 113 
B3P HO2  H  N N 114 
B3P HO3  H  N N 115 
B3P HO4  H  N N 116 
B3P HO5  H  N N 117 
B3P HO6  H  N N 118 
GLN N    N  N N 119 
GLN CA   C  N S 120 
GLN C    C  N N 121 
GLN O    O  N N 122 
GLN CB   C  N N 123 
GLN CG   C  N N 124 
GLN CD   C  N N 125 
GLN OE1  O  N N 126 
GLN NE2  N  N N 127 
GLN OXT  O  N N 128 
GLN H    H  N N 129 
GLN H2   H  N N 130 
GLN HA   H  N N 131 
GLN HB2  H  N N 132 
GLN HB3  H  N N 133 
GLN HG2  H  N N 134 
GLN HG3  H  N N 135 
GLN HE21 H  N N 136 
GLN HE22 H  N N 137 
GLN HXT  H  N N 138 
GLU N    N  N N 139 
GLU CA   C  N S 140 
GLU C    C  N N 141 
GLU O    O  N N 142 
GLU CB   C  N N 143 
GLU CG   C  N N 144 
GLU CD   C  N N 145 
GLU OE1  O  N N 146 
GLU OE2  O  N N 147 
GLU OXT  O  N N 148 
GLU H    H  N N 149 
GLU H2   H  N N 150 
GLU HA   H  N N 151 
GLU HB2  H  N N 152 
GLU HB3  H  N N 153 
GLU HG2  H  N N 154 
GLU HG3  H  N N 155 
GLU HE2  H  N N 156 
GLU HXT  H  N N 157 
GLY N    N  N N 158 
GLY CA   C  N N 159 
GLY C    C  N N 160 
GLY O    O  N N 161 
GLY OXT  O  N N 162 
GLY H    H  N N 163 
GLY H2   H  N N 164 
GLY HA2  H  N N 165 
GLY HA3  H  N N 166 
GLY HXT  H  N N 167 
HIS N    N  N N 168 
HIS CA   C  N S 169 
HIS C    C  N N 170 
HIS O    O  N N 171 
HIS CB   C  N N 172 
HIS CG   C  Y N 173 
HIS ND1  N  Y N 174 
HIS CD2  C  Y N 175 
HIS CE1  C  Y N 176 
HIS NE2  N  Y N 177 
HIS OXT  O  N N 178 
HIS H    H  N N 179 
HIS H2   H  N N 180 
HIS HA   H  N N 181 
HIS HB2  H  N N 182 
HIS HB3  H  N N 183 
HIS HD1  H  N N 184 
HIS HD2  H  N N 185 
HIS HE1  H  N N 186 
HIS HE2  H  N N 187 
HIS HXT  H  N N 188 
HOH O    O  N N 189 
HOH H1   H  N N 190 
HOH H2   H  N N 191 
ILE N    N  N N 192 
ILE CA   C  N S 193 
ILE C    C  N N 194 
ILE O    O  N N 195 
ILE CB   C  N S 196 
ILE CG1  C  N N 197 
ILE CG2  C  N N 198 
ILE CD1  C  N N 199 
ILE OXT  O  N N 200 
ILE H    H  N N 201 
ILE H2   H  N N 202 
ILE HA   H  N N 203 
ILE HB   H  N N 204 
ILE HG12 H  N N 205 
ILE HG13 H  N N 206 
ILE HG21 H  N N 207 
ILE HG22 H  N N 208 
ILE HG23 H  N N 209 
ILE HD11 H  N N 210 
ILE HD12 H  N N 211 
ILE HD13 H  N N 212 
ILE HXT  H  N N 213 
LEU N    N  N N 214 
LEU CA   C  N S 215 
LEU C    C  N N 216 
LEU O    O  N N 217 
LEU CB   C  N N 218 
LEU CG   C  N N 219 
LEU CD1  C  N N 220 
LEU CD2  C  N N 221 
LEU OXT  O  N N 222 
LEU H    H  N N 223 
LEU H2   H  N N 224 
LEU HA   H  N N 225 
LEU HB2  H  N N 226 
LEU HB3  H  N N 227 
LEU HG   H  N N 228 
LEU HD11 H  N N 229 
LEU HD12 H  N N 230 
LEU HD13 H  N N 231 
LEU HD21 H  N N 232 
LEU HD22 H  N N 233 
LEU HD23 H  N N 234 
LEU HXT  H  N N 235 
LYS N    N  N N 236 
LYS CA   C  N S 237 
LYS C    C  N N 238 
LYS O    O  N N 239 
LYS CB   C  N N 240 
LYS CG   C  N N 241 
LYS CD   C  N N 242 
LYS CE   C  N N 243 
LYS NZ   N  N N 244 
LYS OXT  O  N N 245 
LYS H    H  N N 246 
LYS H2   H  N N 247 
LYS HA   H  N N 248 
LYS HB2  H  N N 249 
LYS HB3  H  N N 250 
LYS HG2  H  N N 251 
LYS HG3  H  N N 252 
LYS HD2  H  N N 253 
LYS HD3  H  N N 254 
LYS HE2  H  N N 255 
LYS HE3  H  N N 256 
LYS HZ1  H  N N 257 
LYS HZ2  H  N N 258 
LYS HZ3  H  N N 259 
LYS HXT  H  N N 260 
MET N    N  N N 261 
MET CA   C  N S 262 
MET C    C  N N 263 
MET O    O  N N 264 
MET CB   C  N N 265 
MET CG   C  N N 266 
MET SD   S  N N 267 
MET CE   C  N N 268 
MET OXT  O  N N 269 
MET H    H  N N 270 
MET H2   H  N N 271 
MET HA   H  N N 272 
MET HB2  H  N N 273 
MET HB3  H  N N 274 
MET HG2  H  N N 275 
MET HG3  H  N N 276 
MET HE1  H  N N 277 
MET HE2  H  N N 278 
MET HE3  H  N N 279 
MET HXT  H  N N 280 
PHE N    N  N N 281 
PHE CA   C  N S 282 
PHE C    C  N N 283 
PHE O    O  N N 284 
PHE CB   C  N N 285 
PHE CG   C  Y N 286 
PHE CD1  C  Y N 287 
PHE CD2  C  Y N 288 
PHE CE1  C  Y N 289 
PHE CE2  C  Y N 290 
PHE CZ   C  Y N 291 
PHE OXT  O  N N 292 
PHE H    H  N N 293 
PHE H2   H  N N 294 
PHE HA   H  N N 295 
PHE HB2  H  N N 296 
PHE HB3  H  N N 297 
PHE HD1  H  N N 298 
PHE HD2  H  N N 299 
PHE HE1  H  N N 300 
PHE HE2  H  N N 301 
PHE HZ   H  N N 302 
PHE HXT  H  N N 303 
PRO N    N  N N 304 
PRO CA   C  N S 305 
PRO C    C  N N 306 
PRO O    O  N N 307 
PRO CB   C  N N 308 
PRO CG   C  N N 309 
PRO CD   C  N N 310 
PRO OXT  O  N N 311 
PRO H    H  N N 312 
PRO HA   H  N N 313 
PRO HB2  H  N N 314 
PRO HB3  H  N N 315 
PRO HG2  H  N N 316 
PRO HG3  H  N N 317 
PRO HD2  H  N N 318 
PRO HD3  H  N N 319 
PRO HXT  H  N N 320 
SER N    N  N N 321 
SER CA   C  N S 322 
SER C    C  N N 323 
SER O    O  N N 324 
SER CB   C  N N 325 
SER OG   O  N N 326 
SER OXT  O  N N 327 
SER H    H  N N 328 
SER H2   H  N N 329 
SER HA   H  N N 330 
SER HB2  H  N N 331 
SER HB3  H  N N 332 
SER HG   H  N N 333 
SER HXT  H  N N 334 
THR N    N  N N 335 
THR CA   C  N S 336 
THR C    C  N N 337 
THR O    O  N N 338 
THR CB   C  N R 339 
THR OG1  O  N N 340 
THR CG2  C  N N 341 
THR OXT  O  N N 342 
THR H    H  N N 343 
THR H2   H  N N 344 
THR HA   H  N N 345 
THR HB   H  N N 346 
THR HG1  H  N N 347 
THR HG21 H  N N 348 
THR HG22 H  N N 349 
THR HG23 H  N N 350 
THR HXT  H  N N 351 
TRP N    N  N N 352 
TRP CA   C  N S 353 
TRP C    C  N N 354 
TRP O    O  N N 355 
TRP CB   C  N N 356 
TRP CG   C  Y N 357 
TRP CD1  C  Y N 358 
TRP CD2  C  Y N 359 
TRP NE1  N  Y N 360 
TRP CE2  C  Y N 361 
TRP CE3  C  Y N 362 
TRP CZ2  C  Y N 363 
TRP CZ3  C  Y N 364 
TRP CH2  C  Y N 365 
TRP OXT  O  N N 366 
TRP H    H  N N 367 
TRP H2   H  N N 368 
TRP HA   H  N N 369 
TRP HB2  H  N N 370 
TRP HB3  H  N N 371 
TRP HD1  H  N N 372 
TRP HE1  H  N N 373 
TRP HE3  H  N N 374 
TRP HZ2  H  N N 375 
TRP HZ3  H  N N 376 
TRP HH2  H  N N 377 
TRP HXT  H  N N 378 
TYR N    N  N N 379 
TYR CA   C  N S 380 
TYR C    C  N N 381 
TYR O    O  N N 382 
TYR CB   C  N N 383 
TYR CG   C  Y N 384 
TYR CD1  C  Y N 385 
TYR CD2  C  Y N 386 
TYR CE1  C  Y N 387 
TYR CE2  C  Y N 388 
TYR CZ   C  Y N 389 
TYR OH   O  N N 390 
TYR OXT  O  N N 391 
TYR H    H  N N 392 
TYR H2   H  N N 393 
TYR HA   H  N N 394 
TYR HB2  H  N N 395 
TYR HB3  H  N N 396 
TYR HD1  H  N N 397 
TYR HD2  H  N N 398 
TYR HE1  H  N N 399 
TYR HE2  H  N N 400 
TYR HH   H  N N 401 
TYR HXT  H  N N 402 
VAL N    N  N N 403 
VAL CA   C  N S 404 
VAL C    C  N N 405 
VAL O    O  N N 406 
VAL CB   C  N N 407 
VAL CG1  C  N N 408 
VAL CG2  C  N N 409 
VAL OXT  O  N N 410 
VAL H    H  N N 411 
VAL H2   H  N N 412 
VAL HA   H  N N 413 
VAL HB   H  N N 414 
VAL HG11 H  N N 415 
VAL HG12 H  N N 416 
VAL HG13 H  N N 417 
VAL HG21 H  N N 418 
VAL HG22 H  N N 419 
VAL HG23 H  N N 420 
VAL HXT  H  N N 421 
ZN  ZN   ZN N N 422 
# 
loop_
_chem_comp_bond.comp_id 
_chem_comp_bond.atom_id_1 
_chem_comp_bond.atom_id_2 
_chem_comp_bond.value_order 
_chem_comp_bond.pdbx_aromatic_flag 
_chem_comp_bond.pdbx_stereo_config 
_chem_comp_bond.pdbx_ordinal 
ALA N   CA   sing N N 1   
ALA N   H    sing N N 2   
ALA N   H2   sing N N 3   
ALA CA  C    sing N N 4   
ALA CA  CB   sing N N 5   
ALA CA  HA   sing N N 6   
ALA C   O    doub N N 7   
ALA C   OXT  sing N N 8   
ALA CB  HB1  sing N N 9   
ALA CB  HB2  sing N N 10  
ALA CB  HB3  sing N N 11  
ALA OXT HXT  sing N N 12  
ARG N   CA   sing N N 13  
ARG N   H    sing N N 14  
ARG N   H2   sing N N 15  
ARG CA  C    sing N N 16  
ARG CA  CB   sing N N 17  
ARG CA  HA   sing N N 18  
ARG C   O    doub N N 19  
ARG C   OXT  sing N N 20  
ARG CB  CG   sing N N 21  
ARG CB  HB2  sing N N 22  
ARG CB  HB3  sing N N 23  
ARG CG  CD   sing N N 24  
ARG CG  HG2  sing N N 25  
ARG CG  HG3  sing N N 26  
ARG CD  NE   sing N N 27  
ARG CD  HD2  sing N N 28  
ARG CD  HD3  sing N N 29  
ARG NE  CZ   sing N N 30  
ARG NE  HE   sing N N 31  
ARG CZ  NH1  sing N N 32  
ARG CZ  NH2  doub N N 33  
ARG NH1 HH11 sing N N 34  
ARG NH1 HH12 sing N N 35  
ARG NH2 HH21 sing N N 36  
ARG NH2 HH22 sing N N 37  
ARG OXT HXT  sing N N 38  
ASN N   CA   sing N N 39  
ASN N   H    sing N N 40  
ASN N   H2   sing N N 41  
ASN CA  C    sing N N 42  
ASN CA  CB   sing N N 43  
ASN CA  HA   sing N N 44  
ASN C   O    doub N N 45  
ASN C   OXT  sing N N 46  
ASN CB  CG   sing N N 47  
ASN CB  HB2  sing N N 48  
ASN CB  HB3  sing N N 49  
ASN CG  OD1  doub N N 50  
ASN CG  ND2  sing N N 51  
ASN ND2 HD21 sing N N 52  
ASN ND2 HD22 sing N N 53  
ASN OXT HXT  sing N N 54  
ASP N   CA   sing N N 55  
ASP N   H    sing N N 56  
ASP N   H2   sing N N 57  
ASP CA  C    sing N N 58  
ASP CA  CB   sing N N 59  
ASP CA  HA   sing N N 60  
ASP C   O    doub N N 61  
ASP C   OXT  sing N N 62  
ASP CB  CG   sing N N 63  
ASP CB  HB2  sing N N 64  
ASP CB  HB3  sing N N 65  
ASP CG  OD1  doub N N 66  
ASP CG  OD2  sing N N 67  
ASP OD2 HD2  sing N N 68  
ASP OXT HXT  sing N N 69  
B3P C1  C2   sing N N 70  
B3P C1  C3   sing N N 71  
B3P C1  H11  sing N N 72  
B3P C1  H12  sing N N 73  
B3P C2  N2   sing N N 74  
B3P C2  H21  sing N N 75  
B3P C2  H22  sing N N 76  
B3P C3  N1   sing N N 77  
B3P C3  H31  sing N N 78  
B3P C3  H32  sing N N 79  
B3P N1  C4   sing N N 80  
B3P N1  HN1  sing N N 81  
B3P C4  C5   sing N N 82  
B3P C4  C6   sing N N 83  
B3P C4  C7   sing N N 84  
B3P C5  O4   sing N N 85  
B3P C5  H51  sing N N 86  
B3P C5  H52  sing N N 87  
B3P C6  O5   sing N N 88  
B3P C6  H61  sing N N 89  
B3P C6  H62  sing N N 90  
B3P C7  O6   sing N N 91  
B3P C7  H71  sing N N 92  
B3P C7  H72  sing N N 93  
B3P N2  C8   sing N N 94  
B3P N2  HN2  sing N N 95  
B3P C8  C9   sing N N 96  
B3P C8  C10  sing N N 97  
B3P C8  C11  sing N N 98  
B3P C9  O1   sing N N 99  
B3P C9  H91  sing N N 100 
B3P C9  H92  sing N N 101 
B3P C10 O2   sing N N 102 
B3P C10 H101 sing N N 103 
B3P C10 H102 sing N N 104 
B3P C11 O3   sing N N 105 
B3P C11 H111 sing N N 106 
B3P C11 H112 sing N N 107 
B3P O1  HO1  sing N N 108 
B3P O2  HO2  sing N N 109 
B3P O3  HO3  sing N N 110 
B3P O4  HO4  sing N N 111 
B3P O5  HO5  sing N N 112 
B3P O6  HO6  sing N N 113 
GLN N   CA   sing N N 114 
GLN N   H    sing N N 115 
GLN N   H2   sing N N 116 
GLN CA  C    sing N N 117 
GLN CA  CB   sing N N 118 
GLN CA  HA   sing N N 119 
GLN C   O    doub N N 120 
GLN C   OXT  sing N N 121 
GLN CB  CG   sing N N 122 
GLN CB  HB2  sing N N 123 
GLN CB  HB3  sing N N 124 
GLN CG  CD   sing N N 125 
GLN CG  HG2  sing N N 126 
GLN CG  HG3  sing N N 127 
GLN CD  OE1  doub N N 128 
GLN CD  NE2  sing N N 129 
GLN NE2 HE21 sing N N 130 
GLN NE2 HE22 sing N N 131 
GLN OXT HXT  sing N N 132 
GLU N   CA   sing N N 133 
GLU N   H    sing N N 134 
GLU N   H2   sing N N 135 
GLU CA  C    sing N N 136 
GLU CA  CB   sing N N 137 
GLU CA  HA   sing N N 138 
GLU C   O    doub N N 139 
GLU C   OXT  sing N N 140 
GLU CB  CG   sing N N 141 
GLU CB  HB2  sing N N 142 
GLU CB  HB3  sing N N 143 
GLU CG  CD   sing N N 144 
GLU CG  HG2  sing N N 145 
GLU CG  HG3  sing N N 146 
GLU CD  OE1  doub N N 147 
GLU CD  OE2  sing N N 148 
GLU OE2 HE2  sing N N 149 
GLU OXT HXT  sing N N 150 
GLY N   CA   sing N N 151 
GLY N   H    sing N N 152 
GLY N   H2   sing N N 153 
GLY CA  C    sing N N 154 
GLY CA  HA2  sing N N 155 
GLY CA  HA3  sing N N 156 
GLY C   O    doub N N 157 
GLY C   OXT  sing N N 158 
GLY OXT HXT  sing N N 159 
HIS N   CA   sing N N 160 
HIS N   H    sing N N 161 
HIS N   H2   sing N N 162 
HIS CA  C    sing N N 163 
HIS CA  CB   sing N N 164 
HIS CA  HA   sing N N 165 
HIS C   O    doub N N 166 
HIS C   OXT  sing N N 167 
HIS CB  CG   sing N N 168 
HIS CB  HB2  sing N N 169 
HIS CB  HB3  sing N N 170 
HIS CG  ND1  sing Y N 171 
HIS CG  CD2  doub Y N 172 
HIS ND1 CE1  doub Y N 173 
HIS ND1 HD1  sing N N 174 
HIS CD2 NE2  sing Y N 175 
HIS CD2 HD2  sing N N 176 
HIS CE1 NE2  sing Y N 177 
HIS CE1 HE1  sing N N 178 
HIS NE2 HE2  sing N N 179 
HIS OXT HXT  sing N N 180 
HOH O   H1   sing N N 181 
HOH O   H2   sing N N 182 
ILE N   CA   sing N N 183 
ILE N   H    sing N N 184 
ILE N   H2   sing N N 185 
ILE CA  C    sing N N 186 
ILE CA  CB   sing N N 187 
ILE CA  HA   sing N N 188 
ILE C   O    doub N N 189 
ILE C   OXT  sing N N 190 
ILE CB  CG1  sing N N 191 
ILE CB  CG2  sing N N 192 
ILE CB  HB   sing N N 193 
ILE CG1 CD1  sing N N 194 
ILE CG1 HG12 sing N N 195 
ILE CG1 HG13 sing N N 196 
ILE CG2 HG21 sing N N 197 
ILE CG2 HG22 sing N N 198 
ILE CG2 HG23 sing N N 199 
ILE CD1 HD11 sing N N 200 
ILE CD1 HD12 sing N N 201 
ILE CD1 HD13 sing N N 202 
ILE OXT HXT  sing N N 203 
LEU N   CA   sing N N 204 
LEU N   H    sing N N 205 
LEU N   H2   sing N N 206 
LEU CA  C    sing N N 207 
LEU CA  CB   sing N N 208 
LEU CA  HA   sing N N 209 
LEU C   O    doub N N 210 
LEU C   OXT  sing N N 211 
LEU CB  CG   sing N N 212 
LEU CB  HB2  sing N N 213 
LEU CB  HB3  sing N N 214 
LEU CG  CD1  sing N N 215 
LEU CG  CD2  sing N N 216 
LEU CG  HG   sing N N 217 
LEU CD1 HD11 sing N N 218 
LEU CD1 HD12 sing N N 219 
LEU CD1 HD13 sing N N 220 
LEU CD2 HD21 sing N N 221 
LEU CD2 HD22 sing N N 222 
LEU CD2 HD23 sing N N 223 
LEU OXT HXT  sing N N 224 
LYS N   CA   sing N N 225 
LYS N   H    sing N N 226 
LYS N   H2   sing N N 227 
LYS CA  C    sing N N 228 
LYS CA  CB   sing N N 229 
LYS CA  HA   sing N N 230 
LYS C   O    doub N N 231 
LYS C   OXT  sing N N 232 
LYS CB  CG   sing N N 233 
LYS CB  HB2  sing N N 234 
LYS CB  HB3  sing N N 235 
LYS CG  CD   sing N N 236 
LYS CG  HG2  sing N N 237 
LYS CG  HG3  sing N N 238 
LYS CD  CE   sing N N 239 
LYS CD  HD2  sing N N 240 
LYS CD  HD3  sing N N 241 
LYS CE  NZ   sing N N 242 
LYS CE  HE2  sing N N 243 
LYS CE  HE3  sing N N 244 
LYS NZ  HZ1  sing N N 245 
LYS NZ  HZ2  sing N N 246 
LYS NZ  HZ3  sing N N 247 
LYS OXT HXT  sing N N 248 
MET N   CA   sing N N 249 
MET N   H    sing N N 250 
MET N   H2   sing N N 251 
MET CA  C    sing N N 252 
MET CA  CB   sing N N 253 
MET CA  HA   sing N N 254 
MET C   O    doub N N 255 
MET C   OXT  sing N N 256 
MET CB  CG   sing N N 257 
MET CB  HB2  sing N N 258 
MET CB  HB3  sing N N 259 
MET CG  SD   sing N N 260 
MET CG  HG2  sing N N 261 
MET CG  HG3  sing N N 262 
MET SD  CE   sing N N 263 
MET CE  HE1  sing N N 264 
MET CE  HE2  sing N N 265 
MET CE  HE3  sing N N 266 
MET OXT HXT  sing N N 267 
PHE N   CA   sing N N 268 
PHE N   H    sing N N 269 
PHE N   H2   sing N N 270 
PHE CA  C    sing N N 271 
PHE CA  CB   sing N N 272 
PHE CA  HA   sing N N 273 
PHE C   O    doub N N 274 
PHE C   OXT  sing N N 275 
PHE CB  CG   sing N N 276 
PHE CB  HB2  sing N N 277 
PHE CB  HB3  sing N N 278 
PHE CG  CD1  doub Y N 279 
PHE CG  CD2  sing Y N 280 
PHE CD1 CE1  sing Y N 281 
PHE CD1 HD1  sing N N 282 
PHE CD2 CE2  doub Y N 283 
PHE CD2 HD2  sing N N 284 
PHE CE1 CZ   doub Y N 285 
PHE CE1 HE1  sing N N 286 
PHE CE2 CZ   sing Y N 287 
PHE CE2 HE2  sing N N 288 
PHE CZ  HZ   sing N N 289 
PHE OXT HXT  sing N N 290 
PRO N   CA   sing N N 291 
PRO N   CD   sing N N 292 
PRO N   H    sing N N 293 
PRO CA  C    sing N N 294 
PRO CA  CB   sing N N 295 
PRO CA  HA   sing N N 296 
PRO C   O    doub N N 297 
PRO C   OXT  sing N N 298 
PRO CB  CG   sing N N 299 
PRO CB  HB2  sing N N 300 
PRO CB  HB3  sing N N 301 
PRO CG  CD   sing N N 302 
PRO CG  HG2  sing N N 303 
PRO CG  HG3  sing N N 304 
PRO CD  HD2  sing N N 305 
PRO CD  HD3  sing N N 306 
PRO OXT HXT  sing N N 307 
SER N   CA   sing N N 308 
SER N   H    sing N N 309 
SER N   H2   sing N N 310 
SER CA  C    sing N N 311 
SER CA  CB   sing N N 312 
SER CA  HA   sing N N 313 
SER C   O    doub N N 314 
SER C   OXT  sing N N 315 
SER CB  OG   sing N N 316 
SER CB  HB2  sing N N 317 
SER CB  HB3  sing N N 318 
SER OG  HG   sing N N 319 
SER OXT HXT  sing N N 320 
THR N   CA   sing N N 321 
THR N   H    sing N N 322 
THR N   H2   sing N N 323 
THR CA  C    sing N N 324 
THR CA  CB   sing N N 325 
THR CA  HA   sing N N 326 
THR C   O    doub N N 327 
THR C   OXT  sing N N 328 
THR CB  OG1  sing N N 329 
THR CB  CG2  sing N N 330 
THR CB  HB   sing N N 331 
THR OG1 HG1  sing N N 332 
THR CG2 HG21 sing N N 333 
THR CG2 HG22 sing N N 334 
THR CG2 HG23 sing N N 335 
THR OXT HXT  sing N N 336 
TRP N   CA   sing N N 337 
TRP N   H    sing N N 338 
TRP N   H2   sing N N 339 
TRP CA  C    sing N N 340 
TRP CA  CB   sing N N 341 
TRP CA  HA   sing N N 342 
TRP C   O    doub N N 343 
TRP C   OXT  sing N N 344 
TRP CB  CG   sing N N 345 
TRP CB  HB2  sing N N 346 
TRP CB  HB3  sing N N 347 
TRP CG  CD1  doub Y N 348 
TRP CG  CD2  sing Y N 349 
TRP CD1 NE1  sing Y N 350 
TRP CD1 HD1  sing N N 351 
TRP CD2 CE2  doub Y N 352 
TRP CD2 CE3  sing Y N 353 
TRP NE1 CE2  sing Y N 354 
TRP NE1 HE1  sing N N 355 
TRP CE2 CZ2  sing Y N 356 
TRP CE3 CZ3  doub Y N 357 
TRP CE3 HE3  sing N N 358 
TRP CZ2 CH2  doub Y N 359 
TRP CZ2 HZ2  sing N N 360 
TRP CZ3 CH2  sing Y N 361 
TRP CZ3 HZ3  sing N N 362 
TRP CH2 HH2  sing N N 363 
TRP OXT HXT  sing N N 364 
TYR N   CA   sing N N 365 
TYR N   H    sing N N 366 
TYR N   H2   sing N N 367 
TYR CA  C    sing N N 368 
TYR CA  CB   sing N N 369 
TYR CA  HA   sing N N 370 
TYR C   O    doub N N 371 
TYR C   OXT  sing N N 372 
TYR CB  CG   sing N N 373 
TYR CB  HB2  sing N N 374 
TYR CB  HB3  sing N N 375 
TYR CG  CD1  doub Y N 376 
TYR CG  CD2  sing Y N 377 
TYR CD1 CE1  sing Y N 378 
TYR CD1 HD1  sing N N 379 
TYR CD2 CE2  doub Y N 380 
TYR CD2 HD2  sing N N 381 
TYR CE1 CZ   doub Y N 382 
TYR CE1 HE1  sing N N 383 
TYR CE2 CZ   sing Y N 384 
TYR CE2 HE2  sing N N 385 
TYR CZ  OH   sing N N 386 
TYR OH  HH   sing N N 387 
TYR OXT HXT  sing N N 388 
VAL N   CA   sing N N 389 
VAL N   H    sing N N 390 
VAL N   H2   sing N N 391 
VAL CA  C    sing N N 392 
VAL CA  CB   sing N N 393 
VAL CA  HA   sing N N 394 
VAL C   O    doub N N 395 
VAL C   OXT  sing N N 396 
VAL CB  CG1  sing N N 397 
VAL CB  CG2  sing N N 398 
VAL CB  HB   sing N N 399 
VAL CG1 HG11 sing N N 400 
VAL CG1 HG12 sing N N 401 
VAL CG1 HG13 sing N N 402 
VAL CG2 HG21 sing N N 403 
VAL CG2 HG22 sing N N 404 
VAL CG2 HG23 sing N N 405 
VAL OXT HXT  sing N N 406 
# 
loop_
_pdbx_entity_nonpoly.entity_id 
_pdbx_entity_nonpoly.name 
_pdbx_entity_nonpoly.comp_id 
2 'ZINC ION'                                                                                      ZN  
3 '2-[3-(2-HYDROXY-1,1-DIHYDROXYMETHYL-ETHYLAMINO)-PROPYLAMINO]-2-HYDROXYMETHYL-PROPANE-1,3-DIOL' B3P 
4 water                                                                                           HOH 
# 
_pdbx_initial_refinement_model.id               1 
_pdbx_initial_refinement_model.entity_id_list   ? 
_pdbx_initial_refinement_model.type             'experimental model' 
_pdbx_initial_refinement_model.source_name      PDB 
_pdbx_initial_refinement_model.accession_code   3Q4N 
_pdbx_initial_refinement_model.details          ? 
# 
